data_9CDS
#
_entry.id   9CDS
#
_cell.length_a   68.555
_cell.length_b   68.555
_cell.length_c   619.736
_cell.angle_alpha   90.000
_cell.angle_beta   90.000
_cell.angle_gamma   120.000
#
_symmetry.space_group_name_H-M   'P 61'
#
loop_
_entity.id
_entity.type
_entity.pdbx_description
1 polymer 'Hybridoma Antibody LA2 (Light Chain)'
2 polymer 'Hybridoma Antibody LA2 (Heavy Chain)'
3 polymer 'Outer surface protein A'
4 water water
#
loop_
_entity_poly.entity_id
_entity_poly.type
_entity_poly.pdbx_seq_one_letter_code
_entity_poly.pdbx_strand_id
1 'polypeptide(L)'
;DIQMTQSPSSLSATLGGKVTITCKASQDINKYIAWYQHKPGKGPRLLIHYTSTLQPGNPSRFSGSGSGRDYSFSISNLEA
EDIAIYYCLQYDNLQRTFGGGTKVEIKRADAAPTVSIFPPSSEQLTSGGASVVCFLNNFYPKDINVKWKIDGSERQNGVL
NSWTDQDSKDSTYSMSSTLTLTKDEYERHNSYTCEATHKTSTSPIVKSFNRNE
;
A,D
2 'polypeptide(L)'
;QIQLVQSGPELKKPGETVKISCKASGYTFTDYSMYWVKQAPGKGLKRMGWINTETGEPTYADDFKGRFALSLDTSASTAY
LHISNLKNEDTATYFCARGLDSWGQGTSVTVSSAKTTPPSVYPLAPGCGDTTGSSVTLGCLVKGYFPESVTVTWNSGSLS
SSVHTFPALLQSGLYTMSSSVTVPSSTWPSQTVTCSVAHPASSTTVDKKLEPS
;
B,E
3 'polypeptide(L)'
;MKAILVVLLYTFTTANAEKNSVSVDLPGEMKVLVSKEKNKDGKYDLIATVDKLELKGTSDKNNGAGVLEGVKADKSKVKL
TISDDLGQTTLEVFKEDGKTLVSKKVTSKDKSSTEEKFNEKGEVSEKIITRADGTRLEYTGIKSDGSGKAKEVLKGFILE
GRFTAEKTTLVVKEGTVTLSKDISKSGEVSVELQDTDSSAATKKTAAWNSGTSTLTITVNSKKTKDLVFTKENTITVQQY
DSNGVKLEGSAVEITKLDEIKNALKLVPRGSGHHHHHHHHSAWSHPQFEK
;
C,F
#
# COMPACT_ATOMS: atom_id res chain seq x y z
N ASP A 1 15.19 12.80 -0.08
CA ASP A 1 14.12 12.98 -1.09
C ASP A 1 12.80 13.26 -0.38
N ILE A 2 11.99 14.10 -1.02
CA ILE A 2 10.68 14.46 -0.52
C ILE A 2 9.81 13.20 -0.44
N GLN A 3 9.16 13.01 0.70
CA GLN A 3 8.17 11.96 0.85
C GLN A 3 6.81 12.48 0.39
N MET A 4 6.10 11.65 -0.38
CA MET A 4 4.78 11.97 -0.86
C MET A 4 3.84 10.90 -0.29
N THR A 5 2.95 11.31 0.64
CA THR A 5 2.08 10.35 1.29
C THR A 5 0.71 10.42 0.62
N GLN A 6 0.37 9.37 -0.13
CA GLN A 6 -0.87 9.33 -0.91
C GLN A 6 -1.93 8.50 -0.20
N SER A 7 -3.16 9.04 -0.13
CA SER A 7 -4.26 8.41 0.58
CA SER A 7 -4.26 8.42 0.58
C SER A 7 -5.57 8.55 -0.19
N PRO A 8 -6.45 7.52 -0.19
CA PRO A 8 -6.17 6.22 0.44
C PRO A 8 -5.38 5.33 -0.52
N SER A 9 -4.99 4.12 -0.06
CA SER A 9 -4.19 3.22 -0.89
C SER A 9 -5.08 2.50 -1.91
N SER A 10 -6.38 2.44 -1.61
CA SER A 10 -7.35 1.71 -2.40
C SER A 10 -8.72 2.37 -2.22
N LEU A 11 -9.49 2.41 -3.32
CA LEU A 11 -10.80 3.06 -3.38
C LEU A 11 -11.77 2.12 -4.10
N SER A 12 -13.01 2.04 -3.62
CA SER A 12 -14.09 1.29 -4.24
C SER A 12 -15.30 2.21 -4.35
N ALA A 13 -15.83 2.42 -5.56
CA ALA A 13 -16.93 3.35 -5.69
C ALA A 13 -17.87 2.95 -6.81
N THR A 14 -19.12 3.41 -6.68
CA THR A 14 -20.19 3.07 -7.60
C THR A 14 -20.06 3.97 -8.82
N LEU A 15 -20.54 3.46 -9.96
CA LEU A 15 -20.60 4.24 -11.18
C LEU A 15 -21.42 5.51 -10.99
N GLY A 16 -20.84 6.63 -11.46
CA GLY A 16 -21.48 7.92 -11.47
C GLY A 16 -21.07 8.79 -10.28
N GLY A 17 -20.11 8.32 -9.49
CA GLY A 17 -19.73 8.95 -8.23
C GLY A 17 -18.45 9.76 -8.37
N LYS A 18 -18.12 10.57 -7.34
CA LYS A 18 -16.88 11.31 -7.29
C LYS A 18 -15.99 10.72 -6.19
N VAL A 19 -14.82 10.24 -6.62
CA VAL A 19 -13.78 9.75 -5.75
C VAL A 19 -12.69 10.81 -5.64
N THR A 20 -12.09 10.97 -4.44
CA THR A 20 -11.00 11.91 -4.25
C THR A 20 -9.80 11.25 -3.59
N ILE A 21 -8.60 11.53 -4.13
CA ILE A 21 -7.33 11.02 -3.63
C ILE A 21 -6.49 12.22 -3.20
N THR A 22 -5.79 12.08 -2.08
CA THR A 22 -4.96 13.13 -1.54
C THR A 22 -3.49 12.73 -1.63
N CYS A 23 -2.62 13.73 -1.59
CA CYS A 23 -1.18 13.52 -1.58
C CYS A 23 -0.55 14.62 -0.74
N LYS A 24 0.11 14.21 0.35
CA LYS A 24 0.71 15.12 1.29
C LYS A 24 2.24 15.01 1.19
N ALA A 25 2.87 16.16 0.93
CA ALA A 25 4.30 16.22 0.73
C ALA A 25 4.99 16.52 2.06
N SER A 26 6.29 16.20 2.15
CA SER A 26 7.07 16.40 3.37
C SER A 26 7.60 17.84 3.45
N GLN A 27 7.38 18.61 2.38
CA GLN A 27 7.61 20.05 2.37
C GLN A 27 6.77 20.72 1.30
N ASP A 28 6.79 22.05 1.29
CA ASP A 28 6.11 22.77 0.20
C ASP A 28 6.74 22.36 -1.13
N ILE A 29 5.88 22.01 -2.09
CA ILE A 29 6.34 21.65 -3.43
C ILE A 29 5.76 22.60 -4.49
N ASN A 30 5.14 23.72 -4.10
CA ASN A 30 4.99 24.88 -4.98
C ASN A 30 4.07 24.58 -6.18
N LYS A 31 3.04 23.75 -5.91
CA LYS A 31 2.06 23.31 -6.89
C LYS A 31 2.67 22.40 -7.97
N TYR A 32 3.91 21.93 -7.80
CA TYR A 32 4.50 21.04 -8.77
C TYR A 32 4.15 19.58 -8.43
N ILE A 33 2.87 19.25 -8.59
CA ILE A 33 2.39 17.87 -8.54
C ILE A 33 1.69 17.54 -9.86
N ALA A 34 1.91 16.31 -10.33
CA ALA A 34 1.14 15.76 -11.43
C ALA A 34 0.56 14.42 -10.99
N TRP A 35 -0.51 14.02 -11.69
CA TRP A 35 -1.20 12.79 -11.41
C TRP A 35 -1.27 11.96 -12.68
N TYR A 36 -0.97 10.66 -12.52
CA TYR A 36 -0.88 9.71 -13.62
C TYR A 36 -1.88 8.60 -13.41
N GLN A 37 -2.43 8.10 -14.52
CA GLN A 37 -3.21 6.87 -14.49
C GLN A 37 -2.32 5.76 -15.04
N HIS A 38 -2.27 4.61 -14.35
CA HIS A 38 -1.48 3.48 -14.81
C HIS A 38 -2.36 2.25 -14.99
N LYS A 39 -2.50 1.81 -16.25
CA LYS A 39 -3.27 0.63 -16.62
C LYS A 39 -2.34 -0.52 -17.03
N PRO A 40 -2.77 -1.81 -16.90
CA PRO A 40 -1.89 -2.94 -17.11
C PRO A 40 -1.22 -2.96 -18.49
N GLY A 41 0.12 -3.06 -18.50
CA GLY A 41 0.87 -3.28 -19.73
C GLY A 41 1.05 -2.01 -20.55
N LYS A 42 1.17 -0.86 -19.87
CA LYS A 42 1.34 0.41 -20.54
C LYS A 42 2.22 1.33 -19.69
N GLY A 43 2.82 2.34 -20.36
CA GLY A 43 3.36 3.50 -19.66
C GLY A 43 2.26 4.24 -18.92
N PRO A 44 2.52 4.79 -17.71
CA PRO A 44 1.57 5.69 -17.06
C PRO A 44 1.18 6.86 -17.97
N ARG A 45 -0.03 7.38 -17.77
CA ARG A 45 -0.59 8.44 -18.57
C ARG A 45 -0.84 9.66 -17.70
N LEU A 46 -0.33 10.80 -18.15
CA LEU A 46 -0.50 12.06 -17.44
C LEU A 46 -1.94 12.50 -17.54
N LEU A 47 -2.55 12.80 -16.39
CA LEU A 47 -3.89 13.37 -16.36
C LEU A 47 -3.85 14.84 -15.96
N ILE A 48 -3.13 15.15 -14.87
CA ILE A 48 -3.14 16.48 -14.27
C ILE A 48 -1.68 16.89 -14.06
N HIS A 49 -1.39 18.17 -14.32
CA HIS A 49 -0.08 18.72 -14.02
C HIS A 49 -0.25 20.12 -13.47
N TYR A 50 0.78 20.56 -12.73
CA TYR A 50 0.75 21.83 -12.05
C TYR A 50 -0.54 21.92 -11.22
N THR A 51 -0.81 20.86 -10.45
CA THR A 51 -1.91 20.76 -9.48
C THR A 51 -3.27 20.57 -10.14
N SER A 52 -3.61 21.41 -11.14
CA SER A 52 -4.98 21.53 -11.60
C SER A 52 -5.10 21.64 -13.12
N THR A 53 -4.01 21.58 -13.89
CA THR A 53 -4.14 21.64 -15.35
C THR A 53 -4.47 20.25 -15.88
N LEU A 54 -5.53 20.18 -16.69
CA LEU A 54 -5.91 18.95 -17.36
C LEU A 54 -5.11 18.84 -18.67
N GLN A 55 -4.34 17.75 -18.77
CA GLN A 55 -3.54 17.44 -19.94
C GLN A 55 -4.47 17.11 -21.11
N PRO A 56 -4.26 17.71 -22.32
CA PRO A 56 -5.03 17.36 -23.52
C PRO A 56 -5.09 15.85 -23.71
N GLY A 57 -6.24 15.36 -24.20
CA GLY A 57 -6.46 13.96 -24.46
C GLY A 57 -7.25 13.28 -23.36
N ASN A 58 -7.70 14.05 -22.34
CA ASN A 58 -8.33 13.47 -21.17
C ASN A 58 -9.62 14.25 -20.84
N PRO A 59 -10.65 13.59 -20.26
CA PRO A 59 -11.92 14.26 -19.93
C PRO A 59 -11.80 15.19 -18.73
N SER A 60 -12.65 16.22 -18.67
CA SER A 60 -12.66 17.18 -17.57
C SER A 60 -13.40 16.62 -16.34
N ARG A 61 -13.67 15.31 -16.35
CA ARG A 61 -14.08 14.60 -15.15
C ARG A 61 -12.91 14.44 -14.19
N PHE A 62 -11.67 14.51 -14.71
CA PHE A 62 -10.47 14.49 -13.89
C PHE A 62 -10.13 15.91 -13.46
N SER A 63 -9.84 16.10 -12.16
CA SER A 63 -9.51 17.40 -11.60
C SER A 63 -8.44 17.29 -10.51
N GLY A 64 -7.94 18.46 -10.12
CA GLY A 64 -6.99 18.53 -9.02
C GLY A 64 -6.97 19.92 -8.40
N SER A 65 -6.59 19.93 -7.12
CA SER A 65 -6.54 21.14 -6.33
C SER A 65 -5.41 21.00 -5.31
N GLY A 66 -5.02 22.13 -4.72
CA GLY A 66 -4.08 22.12 -3.61
C GLY A 66 -3.00 23.19 -3.79
N SER A 67 -2.21 23.35 -2.73
CA SER A 67 -1.09 24.25 -2.69
C SER A 67 -0.16 23.79 -1.56
N GLY A 68 1.05 24.33 -1.52
CA GLY A 68 1.95 24.09 -0.40
C GLY A 68 2.36 22.61 -0.35
N ARG A 69 1.90 21.92 0.70
CA ARG A 69 2.19 20.49 0.86
C ARG A 69 0.99 19.60 0.55
N ASP A 70 -0.22 20.18 0.46
CA ASP A 70 -1.43 19.38 0.49
C ASP A 70 -2.18 19.46 -0.84
N TYR A 71 -2.48 18.30 -1.44
CA TYR A 71 -3.05 18.22 -2.77
C TYR A 71 -4.10 17.14 -2.83
N SER A 72 -5.06 17.30 -3.75
CA SER A 72 -6.11 16.33 -3.99
C SER A 72 -6.36 16.20 -5.49
N PHE A 73 -6.92 15.06 -5.89
CA PHE A 73 -7.26 14.74 -7.26
C PHE A 73 -8.60 14.03 -7.21
N SER A 74 -9.51 14.35 -8.13
CA SER A 74 -10.82 13.71 -8.12
C SER A 74 -11.15 13.16 -9.50
N ILE A 75 -11.87 12.03 -9.49
CA ILE A 75 -12.58 11.55 -10.66
C ILE A 75 -14.07 11.70 -10.39
N SER A 76 -14.76 12.55 -11.18
CA SER A 76 -16.20 12.72 -11.07
CA SER A 76 -16.20 12.72 -11.07
C SER A 76 -16.90 11.81 -12.08
N ASN A 77 -18.16 11.49 -11.82
CA ASN A 77 -18.95 10.69 -12.75
C ASN A 77 -18.17 9.43 -13.11
N LEU A 78 -17.72 8.68 -12.08
CA LEU A 78 -16.83 7.54 -12.23
C LEU A 78 -17.37 6.55 -13.25
N GLU A 79 -16.52 6.13 -14.19
CA GLU A 79 -16.89 5.17 -15.22
C GLU A 79 -16.11 3.87 -14.99
N ALA A 80 -16.58 2.79 -15.62
CA ALA A 80 -15.99 1.47 -15.45
C ALA A 80 -14.57 1.44 -16.00
N GLU A 81 -14.29 2.27 -17.00
CA GLU A 81 -12.99 2.29 -17.64
C GLU A 81 -11.99 3.18 -16.87
N ASP A 82 -12.38 3.67 -15.68
CA ASP A 82 -11.47 4.44 -14.84
C ASP A 82 -10.66 3.58 -13.88
N ILE A 83 -10.95 2.26 -13.87
CA ILE A 83 -10.16 1.28 -13.14
C ILE A 83 -8.70 1.40 -13.57
N ALA A 84 -7.85 1.57 -12.57
CA ALA A 84 -6.44 1.87 -12.76
C ALA A 84 -5.82 2.09 -11.38
N ILE A 85 -4.50 2.03 -11.32
CA ILE A 85 -3.70 2.58 -10.24
C ILE A 85 -3.39 4.04 -10.58
N TYR A 86 -3.65 4.97 -9.66
CA TYR A 86 -3.32 6.38 -9.88
C TYR A 86 -2.16 6.75 -8.97
N TYR A 87 -1.28 7.65 -9.43
CA TYR A 87 -0.10 8.04 -8.68
C TYR A 87 0.01 9.56 -8.68
N CYS A 88 0.40 10.14 -7.54
CA CYS A 88 0.89 11.52 -7.55
C CYS A 88 2.40 11.49 -7.76
N LEU A 89 2.91 12.55 -8.38
CA LEU A 89 4.32 12.75 -8.60
C LEU A 89 4.65 14.19 -8.20
N GLN A 90 5.64 14.41 -7.33
CA GLN A 90 6.18 15.74 -7.13
C GLN A 90 7.41 15.94 -8.02
N TYR A 91 7.52 17.14 -8.64
CA TYR A 91 8.64 17.47 -9.51
C TYR A 91 9.15 18.86 -9.14
N ASP A 92 8.97 19.25 -7.87
CA ASP A 92 9.58 20.48 -7.38
C ASP A 92 11.10 20.33 -7.38
N ASN A 93 11.57 19.13 -7.07
CA ASN A 93 12.97 18.79 -6.98
C ASN A 93 13.31 17.92 -8.19
N LEU A 94 14.59 18.01 -8.61
CA LEU A 94 15.16 17.11 -9.60
C LEU A 94 15.00 15.66 -9.19
N GLN A 95 15.08 15.38 -7.88
CA GLN A 95 14.86 14.05 -7.36
C GLN A 95 13.36 13.80 -7.19
N ARG A 96 12.67 13.59 -8.31
CA ARG A 96 11.22 13.45 -8.32
C ARG A 96 10.82 12.19 -7.57
N THR A 97 9.72 12.27 -6.81
CA THR A 97 9.25 11.14 -6.02
C THR A 97 7.75 10.96 -6.16
N PHE A 98 7.30 9.71 -6.01
CA PHE A 98 5.91 9.35 -6.24
C PHE A 98 5.21 9.02 -4.93
N GLY A 99 3.91 9.33 -4.90
CA GLY A 99 3.01 8.69 -3.96
C GLY A 99 2.93 7.18 -4.20
N GLY A 100 2.39 6.49 -3.19
CA GLY A 100 2.38 5.04 -3.15
C GLY A 100 1.32 4.42 -4.06
N GLY A 101 0.42 5.25 -4.62
CA GLY A 101 -0.59 4.79 -5.57
C GLY A 101 -1.94 4.58 -4.88
N THR A 102 -3.00 4.69 -5.69
CA THR A 102 -4.36 4.40 -5.25
C THR A 102 -4.98 3.47 -6.29
N LYS A 103 -5.34 2.27 -5.86
CA LYS A 103 -6.04 1.35 -6.72
C LYS A 103 -7.54 1.69 -6.67
N VAL A 104 -8.10 2.03 -7.82
CA VAL A 104 -9.51 2.41 -7.92
C VAL A 104 -10.29 1.27 -8.55
N GLU A 105 -11.21 0.71 -7.73
CA GLU A 105 -12.05 -0.41 -8.08
C GLU A 105 -13.49 0.09 -8.18
N ILE A 106 -14.32 -0.64 -8.94
CA ILE A 106 -15.73 -0.29 -9.08
C ILE A 106 -16.53 -1.16 -8.11
N LYS A 107 -17.42 -0.50 -7.35
CA LYS A 107 -18.40 -1.18 -6.54
C LYS A 107 -19.65 -1.36 -7.39
N ARG A 108 -20.09 -2.60 -7.57
CA ARG A 108 -21.34 -2.90 -8.25
C ARG A 108 -22.20 -3.84 -7.41
N ALA A 109 -23.40 -4.14 -7.89
CA ALA A 109 -24.33 -5.02 -7.22
C ALA A 109 -23.75 -6.44 -7.17
N ASP A 110 -24.12 -7.20 -6.13
CA ASP A 110 -23.57 -8.54 -5.95
C ASP A 110 -24.04 -9.46 -7.08
N ALA A 111 -23.17 -10.37 -7.51
CA ALA A 111 -23.48 -11.32 -8.56
C ALA A 111 -22.89 -12.68 -8.19
N ALA A 112 -23.69 -13.73 -8.40
CA ALA A 112 -23.22 -15.07 -8.12
C ALA A 112 -22.35 -15.55 -9.28
N PRO A 113 -21.38 -16.44 -9.03
CA PRO A 113 -20.54 -17.00 -10.09
C PRO A 113 -21.27 -18.02 -10.95
N THR A 114 -20.92 -18.06 -12.24
CA THR A 114 -21.27 -19.17 -13.12
C THR A 114 -20.13 -20.18 -13.05
N VAL A 115 -20.42 -21.40 -12.59
CA VAL A 115 -19.38 -22.38 -12.33
C VAL A 115 -19.46 -23.51 -13.36
N SER A 116 -18.28 -23.94 -13.82
CA SER A 116 -18.14 -25.00 -14.80
C SER A 116 -16.98 -25.91 -14.39
N ILE A 117 -17.18 -27.23 -14.46
CA ILE A 117 -16.12 -28.18 -14.11
C ILE A 117 -15.70 -28.93 -15.37
N PHE A 118 -14.40 -29.26 -15.48
CA PHE A 118 -13.82 -29.86 -16.67
C PHE A 118 -12.91 -31.01 -16.24
N PRO A 119 -13.18 -32.25 -16.71
CA PRO A 119 -12.27 -33.35 -16.43
C PRO A 119 -10.99 -33.20 -17.25
N PRO A 120 -9.89 -33.90 -16.89
CA PRO A 120 -8.66 -33.85 -17.70
C PRO A 120 -8.95 -34.35 -19.10
N SER A 121 -8.28 -33.75 -20.09
CA SER A 121 -8.43 -34.11 -21.49
C SER A 121 -7.77 -35.45 -21.74
N SER A 122 -8.12 -36.08 -22.88
CA SER A 122 -7.47 -37.31 -23.29
C SER A 122 -5.97 -37.06 -23.47
N GLU A 123 -5.63 -35.94 -24.11
CA GLU A 123 -4.25 -35.66 -24.47
C GLU A 123 -3.40 -35.42 -23.23
N GLN A 124 -3.96 -34.73 -22.22
CA GLN A 124 -3.21 -34.54 -20.99
C GLN A 124 -2.99 -35.88 -20.31
N LEU A 125 -4.04 -36.70 -20.27
CA LEU A 125 -3.98 -38.01 -19.62
C LEU A 125 -2.93 -38.90 -20.29
N THR A 126 -2.77 -38.78 -21.61
CA THR A 126 -1.80 -39.56 -22.36
C THR A 126 -0.37 -39.31 -21.86
N SER A 127 -0.14 -38.15 -21.25
CA SER A 127 1.18 -37.62 -21.02
C SER A 127 1.55 -37.62 -19.54
N GLY A 128 0.75 -38.32 -18.70
CA GLY A 128 1.09 -38.55 -17.31
C GLY A 128 0.41 -37.57 -16.35
N GLY A 129 -0.12 -36.46 -16.87
CA GLY A 129 -0.73 -35.43 -16.05
C GLY A 129 -2.25 -35.57 -16.03
N ALA A 130 -2.87 -34.98 -15.00
CA ALA A 130 -4.31 -34.89 -14.89
C ALA A 130 -4.66 -33.62 -14.13
N SER A 131 -5.16 -32.63 -14.87
CA SER A 131 -5.63 -31.38 -14.29
C SER A 131 -7.14 -31.34 -14.36
N VAL A 132 -7.77 -31.10 -13.21
CA VAL A 132 -9.19 -30.87 -13.13
C VAL A 132 -9.38 -29.37 -12.96
N VAL A 133 -10.35 -28.80 -13.67
CA VAL A 133 -10.46 -27.35 -13.75
C VAL A 133 -11.90 -26.93 -13.47
N CYS A 134 -12.05 -25.90 -12.63
CA CYS A 134 -13.34 -25.22 -12.46
C CYS A 134 -13.19 -23.74 -12.82
N PHE A 135 -14.09 -23.24 -13.65
CA PHE A 135 -14.17 -21.82 -13.98
C PHE A 135 -15.31 -21.19 -13.18
N LEU A 136 -15.00 -20.15 -12.42
CA LEU A 136 -15.99 -19.33 -11.73
C LEU A 136 -16.05 -17.96 -12.41
N ASN A 137 -17.13 -17.67 -13.15
CA ASN A 137 -17.14 -16.51 -14.03
C ASN A 137 -18.15 -15.44 -13.59
N ASN A 138 -17.75 -14.16 -13.79
CA ASN A 138 -18.60 -12.98 -13.69
C ASN A 138 -19.34 -12.89 -12.36
N PHE A 139 -18.58 -12.75 -11.27
CA PHE A 139 -19.14 -12.65 -9.94
C PHE A 139 -18.68 -11.35 -9.28
N TYR A 140 -19.39 -10.98 -8.19
CA TYR A 140 -19.03 -9.84 -7.37
C TYR A 140 -19.70 -9.99 -6.00
N PRO A 141 -19.01 -9.75 -4.86
CA PRO A 141 -17.63 -9.25 -4.83
C PRO A 141 -16.53 -10.25 -5.14
N LYS A 142 -15.27 -9.79 -5.11
CA LYS A 142 -14.12 -10.59 -5.50
C LYS A 142 -13.95 -11.81 -4.60
N ASP A 143 -14.33 -11.68 -3.32
CA ASP A 143 -14.07 -12.73 -2.34
CA ASP A 143 -14.07 -12.73 -2.34
C ASP A 143 -14.88 -13.98 -2.70
N ILE A 144 -14.18 -15.12 -2.76
CA ILE A 144 -14.81 -16.40 -3.04
C ILE A 144 -13.91 -17.49 -2.45
N ASN A 145 -14.50 -18.65 -2.15
CA ASN A 145 -13.71 -19.80 -1.70
C ASN A 145 -14.07 -21.01 -2.55
N VAL A 146 -13.03 -21.71 -3.03
CA VAL A 146 -13.21 -22.99 -3.70
C VAL A 146 -12.58 -24.08 -2.84
N LYS A 147 -13.33 -25.15 -2.61
CA LYS A 147 -12.80 -26.33 -1.93
C LYS A 147 -12.94 -27.52 -2.87
N TRP A 148 -11.83 -28.23 -3.11
CA TRP A 148 -11.83 -29.44 -3.92
C TRP A 148 -12.05 -30.67 -3.05
N LYS A 149 -12.94 -31.57 -3.50
CA LYS A 149 -13.11 -32.85 -2.83
C LYS A 149 -12.85 -33.97 -3.81
N ILE A 150 -12.03 -34.94 -3.39
CA ILE A 150 -11.74 -36.15 -4.14
C ILE A 150 -12.33 -37.34 -3.37
N ASP A 151 -13.28 -38.07 -3.98
CA ASP A 151 -13.99 -39.13 -3.29
C ASP A 151 -14.55 -38.59 -1.96
N GLY A 152 -14.93 -37.31 -1.95
CA GLY A 152 -15.60 -36.70 -0.82
C GLY A 152 -14.65 -36.08 0.19
N SER A 153 -13.33 -36.35 0.08
CA SER A 153 -12.37 -35.82 1.03
C SER A 153 -11.71 -34.55 0.49
N GLU A 154 -11.66 -33.52 1.34
CA GLU A 154 -10.97 -32.27 1.05
C GLU A 154 -9.55 -32.55 0.60
N ARG A 155 -9.15 -31.86 -0.48
CA ARG A 155 -7.76 -31.79 -0.92
C ARG A 155 -7.32 -30.32 -0.90
N GLN A 156 -6.45 -29.97 0.05
CA GLN A 156 -6.13 -28.58 0.23
C GLN A 156 -4.87 -28.17 -0.53
N ASN A 157 -3.91 -29.07 -0.73
CA ASN A 157 -2.71 -28.67 -1.44
C ASN A 157 -2.86 -28.94 -2.93
N GLY A 158 -2.04 -28.24 -3.72
CA GLY A 158 -1.92 -28.47 -5.16
C GLY A 158 -3.03 -27.78 -5.97
N VAL A 159 -3.60 -26.70 -5.43
CA VAL A 159 -4.68 -25.98 -6.08
C VAL A 159 -4.15 -24.64 -6.56
N LEU A 160 -4.38 -24.36 -7.85
CA LEU A 160 -4.00 -23.10 -8.46
C LEU A 160 -5.26 -22.27 -8.67
N ASN A 161 -5.43 -21.25 -7.82
CA ASN A 161 -6.55 -20.33 -7.90
C ASN A 161 -6.06 -18.97 -8.40
N SER A 162 -6.50 -18.58 -9.62
CA SER A 162 -6.10 -17.34 -10.25
C SER A 162 -7.33 -16.51 -10.61
N TRP A 163 -7.37 -15.29 -10.05
CA TRP A 163 -8.42 -14.32 -10.32
C TRP A 163 -8.01 -13.40 -11.47
N THR A 164 -8.98 -13.10 -12.34
CA THR A 164 -8.87 -12.01 -13.30
C THR A 164 -8.77 -10.69 -12.54
N ASP A 165 -8.24 -9.68 -13.24
CA ASP A 165 -8.43 -8.28 -12.87
C ASP A 165 -9.91 -7.94 -12.99
N GLN A 166 -10.30 -6.83 -12.37
CA GLN A 166 -11.68 -6.43 -12.44
C GLN A 166 -12.01 -6.11 -13.89
N ASP A 167 -13.20 -6.51 -14.33
CA ASP A 167 -13.57 -6.36 -15.71
C ASP A 167 -13.85 -4.89 -15.99
N SER A 168 -13.18 -4.37 -17.03
CA SER A 168 -13.25 -2.99 -17.49
C SER A 168 -14.64 -2.60 -18.01
N LYS A 169 -15.54 -3.58 -18.20
CA LYS A 169 -16.89 -3.31 -18.67
C LYS A 169 -17.89 -3.45 -17.52
N ASP A 170 -18.05 -4.69 -17.05
CA ASP A 170 -19.17 -5.07 -16.20
C ASP A 170 -18.72 -5.12 -14.73
N SER A 171 -17.42 -4.90 -14.49
CA SER A 171 -16.88 -4.69 -13.16
C SER A 171 -17.01 -5.95 -12.30
N THR A 172 -17.09 -7.12 -12.96
CA THR A 172 -17.07 -8.40 -12.27
C THR A 172 -15.65 -8.95 -12.26
N TYR A 173 -15.51 -10.04 -11.50
CA TYR A 173 -14.29 -10.81 -11.45
C TYR A 173 -14.61 -12.22 -11.93
N SER A 174 -13.58 -12.87 -12.47
CA SER A 174 -13.71 -14.27 -12.80
C SER A 174 -12.48 -14.98 -12.23
N MET A 175 -12.59 -16.28 -11.97
CA MET A 175 -11.53 -17.02 -11.31
C MET A 175 -11.47 -18.44 -11.89
N SER A 176 -10.26 -18.96 -12.05
CA SER A 176 -10.02 -20.34 -12.45
C SER A 176 -9.41 -21.12 -11.29
N SER A 177 -9.94 -22.32 -11.02
CA SER A 177 -9.37 -23.21 -10.04
C SER A 177 -8.89 -24.49 -10.73
N THR A 178 -7.59 -24.77 -10.60
CA THR A 178 -7.00 -25.93 -11.22
C THR A 178 -6.39 -26.83 -10.14
N LEU A 179 -6.85 -28.08 -10.12
CA LEU A 179 -6.22 -29.12 -9.32
C LEU A 179 -5.40 -30.00 -10.26
N THR A 180 -4.08 -30.05 -10.11
CA THR A 180 -3.31 -30.87 -11.03
C THR A 180 -2.80 -32.08 -10.26
N LEU A 181 -3.10 -33.25 -10.81
CA LEU A 181 -2.64 -34.51 -10.24
C LEU A 181 -1.74 -35.20 -11.26
N THR A 182 -1.17 -36.34 -10.84
CA THR A 182 -0.64 -37.29 -11.79
C THR A 182 -1.83 -38.08 -12.33
N LYS A 183 -1.65 -38.66 -13.52
CA LYS A 183 -2.60 -39.63 -14.05
C LYS A 183 -2.89 -40.69 -12.99
N ASP A 184 -1.86 -41.15 -12.28
CA ASP A 184 -2.02 -42.30 -11.41
C ASP A 184 -2.88 -41.93 -10.20
N GLU A 185 -2.67 -40.74 -9.63
CA GLU A 185 -3.51 -40.26 -8.55
C GLU A 185 -4.95 -40.10 -9.02
N TYR A 186 -5.12 -39.52 -10.21
CA TYR A 186 -6.45 -39.29 -10.77
C TYR A 186 -7.21 -40.61 -10.86
N GLU A 187 -6.48 -41.67 -11.19
CA GLU A 187 -7.08 -42.99 -11.41
C GLU A 187 -7.21 -43.76 -10.09
N ARG A 188 -6.89 -43.13 -8.95
CA ARG A 188 -7.11 -43.79 -7.67
C ARG A 188 -8.52 -43.48 -7.15
N HIS A 189 -9.18 -42.50 -7.76
CA HIS A 189 -10.44 -42.00 -7.24
C HIS A 189 -11.48 -41.94 -8.36
N ASN A 190 -12.75 -41.71 -8.01
CA ASN A 190 -13.85 -41.66 -8.98
C ASN A 190 -14.51 -40.28 -8.96
N SER A 191 -14.79 -39.73 -7.77
CA SER A 191 -15.57 -38.50 -7.65
C SER A 191 -14.65 -37.29 -7.50
N TYR A 192 -14.95 -36.23 -8.26
CA TYR A 192 -14.20 -35.00 -8.18
C TYR A 192 -15.17 -33.81 -8.16
N THR A 193 -15.07 -32.97 -7.11
CA THR A 193 -16.02 -31.90 -6.89
C THR A 193 -15.27 -30.61 -6.57
N CYS A 194 -15.77 -29.49 -7.13
CA CYS A 194 -15.35 -28.16 -6.68
C CYS A 194 -16.56 -27.43 -6.11
N GLU A 195 -16.42 -26.96 -4.86
CA GLU A 195 -17.50 -26.30 -4.13
C GLU A 195 -17.14 -24.81 -4.00
N ALA A 196 -18.04 -23.93 -4.48
CA ALA A 196 -17.80 -22.49 -4.49
C ALA A 196 -18.70 -21.77 -3.47
N THR A 197 -18.06 -21.20 -2.44
CA THR A 197 -18.75 -20.45 -1.39
C THR A 197 -18.52 -18.97 -1.63
N HIS A 198 -19.63 -18.22 -1.80
CA HIS A 198 -19.60 -16.79 -2.12
C HIS A 198 -20.65 -16.08 -1.26
N LYS A 199 -20.52 -14.75 -1.13
CA LYS A 199 -21.41 -13.95 -0.29
C LYS A 199 -22.84 -13.96 -0.81
N THR A 200 -23.04 -14.40 -2.06
CA THR A 200 -24.36 -14.51 -2.67
C THR A 200 -25.15 -15.72 -2.16
N SER A 201 -24.63 -16.52 -1.22
CA SER A 201 -25.40 -17.61 -0.64
C SER A 201 -24.70 -18.21 0.57
N THR A 202 -25.51 -18.76 1.49
CA THR A 202 -24.99 -19.40 2.68
C THR A 202 -24.64 -20.84 2.35
N SER A 203 -25.20 -21.35 1.25
CA SER A 203 -24.88 -22.67 0.71
C SER A 203 -23.92 -22.54 -0.48
N PRO A 204 -22.91 -23.42 -0.61
CA PRO A 204 -22.02 -23.41 -1.77
C PRO A 204 -22.68 -23.91 -3.05
N ILE A 205 -22.34 -23.28 -4.19
CA ILE A 205 -22.61 -23.86 -5.49
C ILE A 205 -21.57 -24.97 -5.73
N VAL A 206 -22.06 -26.17 -6.07
CA VAL A 206 -21.23 -27.35 -6.16
C VAL A 206 -21.30 -27.92 -7.57
N LYS A 207 -20.14 -28.18 -8.20
CA LYS A 207 -20.05 -28.86 -9.48
C LYS A 207 -19.13 -30.08 -9.35
N SER A 208 -19.52 -31.19 -10.01
CA SER A 208 -18.97 -32.51 -9.69
C SER A 208 -19.03 -33.41 -10.92
N PHE A 209 -18.09 -34.37 -11.01
CA PHE A 209 -18.17 -35.42 -12.02
C PHE A 209 -17.54 -36.70 -11.48
N ASN A 210 -17.86 -37.83 -12.14
CA ASN A 210 -17.29 -39.14 -11.83
C ASN A 210 -16.46 -39.63 -13.00
N ARG A 211 -15.34 -40.28 -12.69
CA ARG A 211 -14.53 -40.92 -13.72
C ARG A 211 -15.28 -42.13 -14.25
N ASN A 212 -16.20 -42.68 -13.44
CA ASN A 212 -17.11 -43.72 -13.89
C ASN A 212 -17.88 -43.26 -15.13
N GLU A 213 -17.84 -41.94 -15.42
CA GLU A 213 -18.47 -41.38 -16.61
C GLU A 213 -19.96 -41.10 -16.30
N GLN B 1 5.06 12.10 -33.75
CA GLN B 1 4.85 12.68 -32.40
C GLN B 1 6.11 12.46 -31.55
N ILE B 2 6.03 12.88 -30.28
CA ILE B 2 7.01 12.49 -29.29
C ILE B 2 6.65 11.09 -28.80
N GLN B 3 7.63 10.19 -28.89
CA GLN B 3 7.53 8.83 -28.39
C GLN B 3 8.81 8.47 -27.64
N LEU B 4 8.67 7.69 -26.55
CA LEU B 4 9.77 6.94 -25.97
C LEU B 4 9.48 5.45 -26.17
N VAL B 5 10.37 4.75 -26.87
CA VAL B 5 10.14 3.35 -27.18
C VAL B 5 11.26 2.53 -26.56
N GLN B 6 10.87 1.59 -25.70
CA GLN B 6 11.82 0.76 -24.99
C GLN B 6 11.93 -0.61 -25.63
N SER B 7 13.12 -1.19 -25.42
CA SER B 7 13.53 -2.51 -25.88
C SER B 7 12.70 -3.62 -25.22
N GLY B 8 12.69 -4.78 -25.88
CA GLY B 8 11.76 -5.85 -25.61
C GLY B 8 12.06 -6.62 -24.32
N PRO B 9 11.20 -7.61 -23.96
CA PRO B 9 11.29 -8.29 -22.66
C PRO B 9 12.57 -9.12 -22.55
N GLU B 10 13.10 -9.24 -21.33
CA GLU B 10 14.35 -9.95 -21.10
C GLU B 10 14.16 -11.03 -20.02
N LEU B 11 14.77 -12.20 -20.24
CA LEU B 11 14.99 -13.19 -19.18
C LEU B 11 16.49 -13.40 -18.99
N LYS B 12 16.95 -13.28 -17.73
CA LYS B 12 18.36 -13.47 -17.41
C LYS B 12 18.50 -14.37 -16.18
N LYS B 13 19.69 -14.96 -16.05
CA LYS B 13 20.06 -15.77 -14.89
C LYS B 13 20.76 -14.88 -13.86
N PRO B 14 20.78 -15.28 -12.57
CA PRO B 14 21.46 -14.49 -11.54
C PRO B 14 22.92 -14.25 -11.91
N GLY B 15 23.41 -13.02 -11.68
CA GLY B 15 24.81 -12.69 -11.86
C GLY B 15 25.11 -12.18 -13.28
N GLU B 16 24.11 -12.25 -14.17
CA GLU B 16 24.23 -11.76 -15.54
C GLU B 16 23.99 -10.26 -15.58
N THR B 17 24.13 -9.68 -16.78
CA THR B 17 23.89 -8.25 -17.00
C THR B 17 22.77 -8.08 -18.02
N VAL B 18 22.00 -6.99 -17.89
CA VAL B 18 20.99 -6.64 -18.87
C VAL B 18 21.14 -5.17 -19.25
N LYS B 19 20.83 -4.84 -20.50
CA LYS B 19 20.92 -3.46 -20.96
C LYS B 19 19.64 -3.08 -21.70
N ILE B 20 18.86 -2.18 -21.08
CA ILE B 20 17.57 -1.80 -21.58
C ILE B 20 17.70 -0.45 -22.29
N SER B 21 17.10 -0.36 -23.46
CA SER B 21 17.21 0.83 -24.29
C SER B 21 15.92 1.62 -24.23
N CYS B 22 16.04 2.94 -24.39
CA CYS B 22 14.91 3.83 -24.49
C CYS B 22 15.20 4.81 -25.63
N LYS B 23 14.45 4.68 -26.74
CA LYS B 23 14.67 5.49 -27.91
C LYS B 23 13.63 6.60 -27.96
N ALA B 24 14.13 7.84 -27.91
CA ALA B 24 13.33 9.05 -27.94
C ALA B 24 13.27 9.65 -29.35
N SER B 25 12.06 10.09 -29.74
CA SER B 25 11.87 10.74 -31.02
C SER B 25 10.86 11.88 -30.88
N GLY B 26 10.99 12.87 -31.77
CA GLY B 26 10.02 13.95 -31.90
C GLY B 26 10.45 15.22 -31.16
N TYR B 27 11.67 15.22 -30.59
CA TYR B 27 12.15 16.37 -29.83
C TYR B 27 13.68 16.32 -29.72
N THR B 28 14.26 17.47 -29.38
CA THR B 28 15.70 17.58 -29.24
C THR B 28 16.13 16.88 -27.96
N PHE B 29 16.83 15.75 -28.10
CA PHE B 29 17.11 14.84 -27.01
C PHE B 29 17.75 15.55 -25.82
N THR B 30 18.66 16.50 -26.11
CA THR B 30 19.43 17.16 -25.06
C THR B 30 18.60 18.19 -24.28
N ASP B 31 17.31 18.37 -24.59
CA ASP B 31 16.51 19.39 -23.92
C ASP B 31 15.90 18.88 -22.61
N TYR B 32 16.02 17.59 -22.33
CA TYR B 32 15.34 16.98 -21.18
C TYR B 32 16.16 15.84 -20.62
N SER B 33 16.29 15.84 -19.29
CA SER B 33 16.85 14.72 -18.54
CA SER B 33 16.85 14.72 -18.54
C SER B 33 16.01 13.48 -18.78
N MET B 34 16.65 12.32 -18.73
CA MET B 34 15.90 11.08 -18.81
C MET B 34 15.84 10.45 -17.42
N TYR B 35 14.61 10.07 -17.03
CA TYR B 35 14.36 9.41 -15.76
C TYR B 35 14.12 7.92 -16.00
N TRP B 36 14.65 7.09 -15.09
CA TRP B 36 14.35 5.67 -15.05
C TRP B 36 13.61 5.32 -13.76
N VAL B 37 12.53 4.53 -13.90
CA VAL B 37 11.63 4.22 -12.79
C VAL B 37 11.39 2.71 -12.75
N LYS B 38 11.47 2.15 -11.55
CA LYS B 38 11.28 0.72 -11.32
C LYS B 38 9.88 0.47 -10.79
N GLN B 39 9.22 -0.55 -11.37
CA GLN B 39 7.89 -0.96 -10.92
C GLN B 39 7.89 -2.46 -10.62
N ALA B 40 7.96 -2.84 -9.34
CA ALA B 40 7.79 -4.25 -8.98
C ALA B 40 6.42 -4.47 -8.34
N PRO B 41 5.75 -5.62 -8.59
CA PRO B 41 4.55 -5.98 -7.83
C PRO B 41 4.85 -5.89 -6.33
N GLY B 42 4.03 -5.13 -5.60
CA GLY B 42 4.25 -4.93 -4.17
C GLY B 42 4.90 -3.58 -3.87
N LYS B 43 5.59 -3.02 -4.88
CA LYS B 43 5.91 -1.61 -4.86
C LYS B 43 5.09 -0.91 -5.95
N GLY B 44 4.97 0.41 -5.82
CA GLY B 44 4.48 1.27 -6.87
C GLY B 44 5.61 1.64 -7.81
N LEU B 45 5.79 2.95 -8.01
CA LEU B 45 6.83 3.49 -8.85
C LEU B 45 7.89 4.12 -7.96
N LYS B 46 9.15 3.74 -8.16
CA LYS B 46 10.26 4.28 -7.39
C LYS B 46 11.34 4.77 -8.37
N ARG B 47 11.76 6.03 -8.20
CA ARG B 47 12.76 6.61 -9.08
C ARG B 47 14.09 5.93 -8.81
N MET B 48 14.67 5.30 -9.84
CA MET B 48 15.97 4.67 -9.74
C MET B 48 17.07 5.70 -9.97
N GLY B 49 16.82 6.67 -10.85
CA GLY B 49 17.85 7.64 -11.18
C GLY B 49 17.38 8.57 -12.29
N TRP B 50 18.26 9.50 -12.65
CA TRP B 50 18.10 10.27 -13.88
C TRP B 50 19.48 10.61 -14.43
N ILE B 51 19.51 11.01 -15.72
CA ILE B 51 20.74 11.35 -16.41
C ILE B 51 20.55 12.66 -17.19
N ASN B 52 21.55 13.52 -17.11
CA ASN B 52 21.60 14.79 -17.82
C ASN B 52 21.95 14.47 -19.28
N THR B 53 21.02 14.71 -20.20
CA THR B 53 21.21 14.28 -21.59
C THR B 53 22.28 15.10 -22.29
N GLU B 54 22.61 16.30 -21.78
CA GLU B 54 23.63 17.14 -22.40
C GLU B 54 25.03 16.80 -21.91
N THR B 55 25.17 16.53 -20.60
CA THR B 55 26.48 16.34 -19.99
C THR B 55 26.79 14.86 -19.82
N GLY B 56 25.76 14.01 -19.75
CA GLY B 56 25.94 12.58 -19.54
C GLY B 56 26.05 12.21 -18.06
N GLU B 57 25.92 13.20 -17.17
CA GLU B 57 26.12 12.97 -15.76
C GLU B 57 24.88 12.30 -15.18
N PRO B 58 25.00 11.10 -14.58
CA PRO B 58 23.88 10.45 -13.90
C PRO B 58 23.80 10.78 -12.41
N THR B 59 22.57 10.84 -11.89
CA THR B 59 22.33 10.95 -10.45
C THR B 59 21.45 9.77 -10.01
N TYR B 60 21.96 8.97 -9.06
CA TYR B 60 21.29 7.76 -8.64
C TYR B 60 20.58 7.92 -7.30
N ALA B 61 19.37 7.36 -7.25
CA ALA B 61 18.67 7.20 -5.99
C ALA B 61 19.48 6.30 -5.07
N ASP B 62 19.21 6.46 -3.78
CA ASP B 62 19.97 5.86 -2.71
C ASP B 62 20.02 4.33 -2.87
N ASP B 63 18.89 3.73 -3.30
CA ASP B 63 18.79 2.28 -3.34
C ASP B 63 19.45 1.70 -4.60
N PHE B 64 19.96 2.56 -5.52
CA PHE B 64 20.41 2.07 -6.82
C PHE B 64 21.86 2.45 -7.11
N LYS B 65 22.71 2.51 -6.08
CA LYS B 65 24.13 2.61 -6.30
C LYS B 65 24.68 1.20 -6.57
N GLY B 66 25.94 1.10 -7.00
CA GLY B 66 26.61 -0.17 -7.14
C GLY B 66 26.35 -0.84 -8.48
N ARG B 67 25.14 -1.39 -8.69
CA ARG B 67 24.94 -2.36 -9.75
C ARG B 67 24.30 -1.74 -11.00
N PHE B 68 23.90 -0.47 -10.93
CA PHE B 68 23.11 0.13 -11.99
C PHE B 68 23.88 1.29 -12.62
N ALA B 69 23.78 1.40 -13.96
CA ALA B 69 24.42 2.49 -14.69
C ALA B 69 23.51 3.04 -15.79
N LEU B 70 23.48 4.37 -15.91
CA LEU B 70 22.75 5.08 -16.94
C LEU B 70 23.76 5.58 -17.98
N SER B 71 23.47 5.41 -19.28
CA SER B 71 24.35 5.94 -20.31
C SER B 71 23.53 6.43 -21.51
N LEU B 72 24.22 7.00 -22.51
CA LEU B 72 23.57 7.71 -23.60
C LEU B 72 24.26 7.44 -24.94
N ASP B 73 23.45 7.36 -26.01
CA ASP B 73 23.87 7.63 -27.38
C ASP B 73 23.09 8.85 -27.89
N THR B 74 23.67 10.05 -27.70
CA THR B 74 22.91 11.29 -27.84
C THR B 74 22.50 11.50 -29.30
N SER B 75 23.40 11.15 -30.21
CA SER B 75 23.17 11.29 -31.63
C SER B 75 22.03 10.37 -32.09
N ALA B 76 21.86 9.22 -31.42
CA ALA B 76 20.78 8.29 -31.72
C ALA B 76 19.57 8.50 -30.81
N SER B 77 19.60 9.57 -30.00
CA SER B 77 18.51 9.90 -29.09
C SER B 77 18.07 8.67 -28.29
N THR B 78 19.05 7.90 -27.81
CA THR B 78 18.79 6.65 -27.11
C THR B 78 19.49 6.72 -25.75
N ALA B 79 18.74 6.39 -24.69
CA ALA B 79 19.25 6.31 -23.34
C ALA B 79 19.22 4.84 -22.92
N TYR B 80 20.23 4.43 -22.12
CA TYR B 80 20.38 3.03 -21.77
C TYR B 80 20.40 2.87 -20.25
N LEU B 81 19.76 1.79 -19.76
CA LEU B 81 19.89 1.35 -18.39
C LEU B 81 20.62 0.01 -18.36
N HIS B 82 21.68 -0.06 -17.56
CA HIS B 82 22.46 -1.27 -17.37
C HIS B 82 22.34 -1.74 -15.92
N ILE B 83 22.19 -3.07 -15.73
CA ILE B 83 22.18 -3.71 -14.41
C ILE B 83 23.11 -4.92 -14.43
N SER B 84 24.15 -4.90 -13.59
CA SER B 84 25.04 -6.05 -13.47
C SER B 84 24.71 -6.86 -12.21
N ASN B 85 25.27 -8.08 -12.14
CA ASN B 85 25.04 -8.98 -11.02
C ASN B 85 23.54 -9.14 -10.75
N LEU B 86 22.78 -9.59 -11.76
CA LEU B 86 21.33 -9.57 -11.64
C LEU B 86 20.88 -10.45 -10.48
N LYS B 87 19.88 -9.99 -9.72
CA LYS B 87 19.29 -10.73 -8.62
C LYS B 87 17.78 -10.81 -8.79
N ASN B 88 17.14 -11.69 -8.01
CA ASN B 88 15.72 -11.95 -8.13
C ASN B 88 14.90 -10.68 -7.91
N GLU B 89 15.46 -9.77 -7.11
CA GLU B 89 14.82 -8.51 -6.72
C GLU B 89 14.74 -7.58 -7.93
N ASP B 90 15.54 -7.86 -8.96
CA ASP B 90 15.57 -7.06 -10.17
C ASP B 90 14.45 -7.48 -11.12
N THR B 91 13.72 -8.56 -10.82
CA THR B 91 12.53 -8.88 -11.59
C THR B 91 11.51 -7.77 -11.38
N ALA B 92 11.20 -7.03 -12.46
CA ALA B 92 10.39 -5.82 -12.42
C ALA B 92 10.06 -5.37 -13.85
N THR B 93 9.17 -4.37 -13.97
CA THR B 93 9.06 -3.58 -15.17
C THR B 93 9.82 -2.27 -14.96
N TYR B 94 10.62 -1.89 -15.96
CA TYR B 94 11.42 -0.68 -15.90
C TYR B 94 10.92 0.28 -16.96
N PHE B 95 10.81 1.56 -16.60
CA PHE B 95 10.29 2.58 -17.50
C PHE B 95 11.29 3.73 -17.59
N CYS B 96 11.41 4.30 -18.80
CA CYS B 96 12.07 5.57 -19.01
C CYS B 96 10.99 6.65 -19.11
N ALA B 97 11.33 7.88 -18.71
CA ALA B 97 10.42 9.01 -18.77
C ALA B 97 11.20 10.31 -18.93
N ARG B 98 10.62 11.25 -19.71
CA ARG B 98 11.17 12.59 -19.90
C ARG B 98 10.04 13.58 -19.67
N GLY B 99 10.36 14.74 -19.06
CA GLY B 99 9.36 15.72 -18.73
C GLY B 99 8.27 15.12 -17.84
N LEU B 100 7.03 15.61 -18.00
CA LEU B 100 5.89 15.09 -17.24
C LEU B 100 4.98 14.25 -18.12
N ASP B 101 5.21 14.26 -19.43
CA ASP B 101 4.19 13.86 -20.40
C ASP B 101 4.63 12.69 -21.28
N SER B 102 5.84 12.18 -21.09
CA SER B 102 6.40 11.16 -21.97
C SER B 102 6.85 9.98 -21.11
N TRP B 103 6.34 8.79 -21.41
CA TRP B 103 6.77 7.55 -20.77
C TRP B 103 7.03 6.50 -21.83
N GLY B 104 8.05 5.66 -21.63
CA GLY B 104 8.17 4.43 -22.37
C GLY B 104 7.06 3.44 -21.98
N GLN B 105 6.99 2.33 -22.71
CA GLN B 105 5.92 1.37 -22.50
C GLN B 105 6.30 0.34 -21.44
N GLY B 106 7.54 0.41 -20.93
CA GLY B 106 8.00 -0.51 -19.90
C GLY B 106 8.86 -1.61 -20.53
N THR B 107 9.87 -2.06 -19.78
CA THR B 107 10.62 -3.25 -20.16
C THR B 107 10.57 -4.25 -19.01
N SER B 108 9.93 -5.39 -19.30
CA SER B 108 9.83 -6.49 -18.37
C SER B 108 11.15 -7.26 -18.32
N VAL B 109 11.68 -7.39 -17.10
CA VAL B 109 12.86 -8.19 -16.82
C VAL B 109 12.47 -9.27 -15.81
N THR B 110 12.81 -10.52 -16.17
CA THR B 110 12.66 -11.68 -15.32
C THR B 110 14.03 -12.27 -15.03
N VAL B 111 14.44 -12.33 -13.78
CA VAL B 111 15.70 -13.01 -13.49
C VAL B 111 15.36 -14.31 -12.75
N SER B 112 15.88 -15.40 -13.30
CA SER B 112 15.50 -16.75 -12.87
C SER B 112 16.54 -17.74 -13.40
N SER B 113 16.63 -18.91 -12.74
CA SER B 113 17.50 -20.00 -13.17
C SER B 113 16.76 -20.93 -14.11
N ALA B 114 15.42 -20.89 -14.09
CA ALA B 114 14.60 -21.74 -14.93
C ALA B 114 14.85 -21.42 -16.41
N LYS B 115 14.68 -22.42 -17.28
CA LYS B 115 14.99 -22.27 -18.69
C LYS B 115 13.71 -22.06 -19.50
N THR B 116 13.87 -21.48 -20.69
CA THR B 116 12.72 -21.24 -21.54
C THR B 116 12.10 -22.59 -21.86
N THR B 117 10.76 -22.65 -21.79
CA THR B 117 10.02 -23.88 -21.90
C THR B 117 8.67 -23.58 -22.57
N PRO B 118 8.40 -24.22 -23.73
CA PRO B 118 7.11 -24.09 -24.39
C PRO B 118 5.96 -24.71 -23.60
N PRO B 119 4.76 -24.09 -23.61
CA PRO B 119 3.58 -24.66 -22.97
C PRO B 119 3.08 -25.94 -23.64
N SER B 120 2.59 -26.87 -22.83
CA SER B 120 1.60 -27.82 -23.30
C SER B 120 0.23 -27.17 -23.20
N VAL B 121 -0.60 -27.37 -24.23
CA VAL B 121 -1.90 -26.75 -24.35
C VAL B 121 -2.96 -27.86 -24.39
N TYR B 122 -3.85 -27.87 -23.39
CA TYR B 122 -4.88 -28.88 -23.27
C TYR B 122 -6.26 -28.25 -23.44
N PRO B 123 -7.22 -28.99 -24.03
CA PRO B 123 -8.56 -28.47 -24.27
C PRO B 123 -9.43 -28.65 -23.02
N LEU B 124 -10.29 -27.67 -22.75
CA LEU B 124 -11.28 -27.75 -21.70
C LEU B 124 -12.67 -27.77 -22.34
N ALA B 125 -13.17 -29.00 -22.52
CA ALA B 125 -14.46 -29.24 -23.13
C ALA B 125 -15.39 -29.86 -22.10
N PRO B 126 -16.72 -29.59 -22.17
CA PRO B 126 -17.70 -30.27 -21.32
C PRO B 126 -17.70 -31.79 -21.47
N GLY B 127 -17.69 -32.49 -20.32
CA GLY B 127 -18.12 -33.88 -20.27
C GLY B 127 -19.58 -34.03 -20.68
N CYS B 128 -20.01 -35.27 -20.93
CA CYS B 128 -21.29 -35.54 -21.55
C CYS B 128 -22.40 -35.66 -20.49
N THR B 132 -26.23 -28.06 -20.84
CA THR B 132 -26.59 -27.32 -22.07
C THR B 132 -27.84 -26.47 -21.81
N GLY B 133 -27.61 -25.15 -21.64
CA GLY B 133 -28.67 -24.19 -21.42
C GLY B 133 -28.70 -23.19 -22.57
N SER B 134 -28.37 -21.92 -22.29
CA SER B 134 -28.32 -20.89 -23.32
C SER B 134 -26.89 -20.76 -23.86
N SER B 135 -25.91 -20.71 -22.94
CA SER B 135 -24.53 -20.49 -23.30
C SER B 135 -23.64 -21.65 -22.82
N VAL B 136 -22.53 -21.86 -23.53
CA VAL B 136 -21.60 -22.94 -23.22
C VAL B 136 -20.19 -22.39 -23.07
N THR B 137 -19.55 -22.66 -21.92
CA THR B 137 -18.25 -22.13 -21.61
C THR B 137 -17.19 -23.18 -21.91
N LEU B 138 -16.15 -22.78 -22.68
CA LEU B 138 -15.05 -23.67 -23.02
C LEU B 138 -13.75 -23.02 -22.57
N GLY B 139 -12.63 -23.75 -22.66
CA GLY B 139 -11.36 -23.17 -22.28
C GLY B 139 -10.14 -23.93 -22.81
N CYS B 140 -8.97 -23.31 -22.61
CA CYS B 140 -7.68 -23.94 -22.86
C CYS B 140 -6.84 -23.83 -21.58
N LEU B 141 -6.28 -24.97 -21.14
CA LEU B 141 -5.34 -25.02 -20.03
C LEU B 141 -3.94 -24.98 -20.62
N VAL B 142 -3.10 -24.05 -20.14
CA VAL B 142 -1.81 -23.77 -20.74
C VAL B 142 -0.75 -23.97 -19.64
N LYS B 143 -0.05 -25.11 -19.70
CA LYS B 143 0.67 -25.65 -18.56
C LYS B 143 2.15 -25.87 -18.87
N GLY B 144 2.98 -25.60 -17.86
CA GLY B 144 4.35 -26.09 -17.79
C GLY B 144 5.31 -25.26 -18.63
N TYR B 145 5.11 -23.95 -18.70
CA TYR B 145 5.89 -23.09 -19.58
C TYR B 145 6.70 -22.08 -18.77
N PHE B 146 7.69 -21.47 -19.43
CA PHE B 146 8.52 -20.42 -18.85
C PHE B 146 9.28 -19.78 -20.01
N PRO B 147 9.50 -18.44 -20.11
CA PRO B 147 9.03 -17.45 -19.12
C PRO B 147 7.56 -17.12 -19.28
N GLU B 148 7.11 -16.00 -18.68
CA GLU B 148 5.72 -15.76 -18.36
C GLU B 148 4.80 -15.50 -19.56
N SER B 149 5.08 -14.53 -20.44
CA SER B 149 4.02 -14.02 -21.30
C SER B 149 3.59 -15.00 -22.40
N VAL B 150 2.28 -15.25 -22.43
CA VAL B 150 1.60 -16.04 -23.45
C VAL B 150 0.31 -15.29 -23.79
N THR B 151 -0.11 -15.36 -25.07
CA THR B 151 -1.35 -14.74 -25.50
C THR B 151 -2.24 -15.81 -26.11
N VAL B 152 -3.39 -16.05 -25.46
CA VAL B 152 -4.38 -16.96 -25.99
C VAL B 152 -5.30 -16.16 -26.89
N THR B 153 -5.31 -16.51 -28.18
CA THR B 153 -6.20 -15.86 -29.14
C THR B 153 -7.29 -16.85 -29.53
N TRP B 154 -8.55 -16.45 -29.36
CA TRP B 154 -9.69 -17.30 -29.69
C TRP B 154 -10.28 -16.91 -31.05
N ASN B 155 -10.39 -17.89 -31.96
CA ASN B 155 -10.93 -17.67 -33.30
C ASN B 155 -10.35 -16.40 -33.90
N SER B 156 -9.02 -16.26 -33.81
CA SER B 156 -8.28 -15.15 -34.42
C SER B 156 -8.79 -13.79 -33.95
N GLY B 157 -9.29 -13.72 -32.70
CA GLY B 157 -9.78 -12.47 -32.13
C GLY B 157 -11.25 -12.22 -32.44
N SER B 158 -11.89 -13.10 -33.22
CA SER B 158 -13.31 -12.99 -33.52
C SER B 158 -14.09 -12.99 -32.21
N LEU B 159 -13.71 -13.91 -31.31
CA LEU B 159 -14.27 -13.98 -29.97
C LEU B 159 -13.26 -13.36 -29.00
N SER B 160 -13.64 -12.22 -28.42
CA SER B 160 -12.85 -11.52 -27.41
C SER B 160 -13.78 -10.95 -26.34
N SER B 161 -15.01 -10.62 -26.74
CA SER B 161 -16.02 -10.09 -25.85
C SER B 161 -16.22 -10.97 -24.61
N SER B 162 -16.17 -12.30 -24.82
CA SER B 162 -16.53 -13.26 -23.78
C SER B 162 -15.31 -14.03 -23.28
N VAL B 163 -14.12 -13.44 -23.38
CA VAL B 163 -12.89 -14.16 -23.07
C VAL B 163 -12.39 -13.72 -21.70
N HIS B 164 -11.95 -14.69 -20.89
CA HIS B 164 -11.25 -14.39 -19.65
C HIS B 164 -9.84 -14.97 -19.73
N THR B 165 -8.84 -14.10 -19.53
CA THR B 165 -7.45 -14.51 -19.38
C THR B 165 -7.13 -14.58 -17.89
N PHE B 166 -6.86 -15.80 -17.41
CA PHE B 166 -6.51 -16.03 -16.02
C PHE B 166 -5.00 -15.93 -15.86
N PRO B 167 -4.50 -14.98 -15.05
CA PRO B 167 -3.07 -14.81 -14.85
C PRO B 167 -2.35 -16.09 -14.44
N ALA B 168 -1.10 -16.20 -14.88
CA ALA B 168 -0.28 -17.37 -14.63
C ALA B 168 0.11 -17.47 -13.16
N LEU B 169 0.38 -18.69 -12.72
CA LEU B 169 0.81 -18.99 -11.37
C LEU B 169 1.95 -20.01 -11.48
N LEU B 170 3.01 -19.81 -10.68
CA LEU B 170 4.16 -20.70 -10.73
C LEU B 170 3.91 -21.90 -9.83
N GLN B 171 4.24 -23.07 -10.36
CA GLN B 171 4.08 -24.34 -9.68
C GLN B 171 5.23 -25.24 -10.12
N SER B 172 6.11 -25.56 -9.16
CA SER B 172 7.29 -26.37 -9.39
C SER B 172 8.19 -25.72 -10.45
N GLY B 173 8.28 -24.38 -10.40
CA GLY B 173 9.22 -23.66 -11.24
C GLY B 173 8.67 -23.33 -12.62
N LEU B 174 7.50 -23.88 -13.01
CA LEU B 174 6.94 -23.55 -14.31
C LEU B 174 5.54 -22.96 -14.16
N TYR B 175 5.14 -22.13 -15.14
CA TYR B 175 3.87 -21.43 -15.10
C TYR B 175 2.74 -22.29 -15.67
N THR B 176 1.55 -22.14 -15.09
CA THR B 176 0.29 -22.61 -15.63
C THR B 176 -0.71 -21.46 -15.67
N MET B 177 -1.37 -21.28 -16.81
CA MET B 177 -2.42 -20.29 -16.98
C MET B 177 -3.58 -20.96 -17.69
N SER B 178 -4.75 -20.29 -17.70
CA SER B 178 -5.95 -20.80 -18.34
C SER B 178 -6.72 -19.67 -19.01
N SER B 179 -7.64 -20.04 -19.91
CA SER B 179 -8.46 -19.08 -20.63
C SER B 179 -9.87 -19.63 -20.82
N SER B 180 -10.84 -18.74 -20.65
CA SER B 180 -12.25 -19.06 -20.77
C SER B 180 -12.80 -18.36 -22.00
N VAL B 181 -13.80 -19.00 -22.61
CA VAL B 181 -14.66 -18.34 -23.58
C VAL B 181 -16.04 -18.97 -23.47
N THR B 182 -17.06 -18.12 -23.62
CA THR B 182 -18.44 -18.55 -23.61
C THR B 182 -19.05 -18.19 -24.96
N VAL B 183 -19.73 -19.17 -25.56
CA VAL B 183 -20.43 -18.97 -26.82
C VAL B 183 -21.86 -19.46 -26.64
N PRO B 184 -22.81 -19.12 -27.54
CA PRO B 184 -24.15 -19.70 -27.48
C PRO B 184 -24.02 -21.20 -27.71
N SER B 185 -24.84 -21.98 -26.98
CA SER B 185 -24.73 -23.43 -27.02
C SER B 185 -24.94 -23.94 -28.45
N SER B 186 -25.60 -23.13 -29.29
CA SER B 186 -25.92 -23.53 -30.65
C SER B 186 -24.69 -23.47 -31.57
N THR B 187 -23.70 -22.65 -31.23
CA THR B 187 -22.61 -22.37 -32.15
C THR B 187 -21.48 -23.38 -31.98
N TRP B 188 -21.50 -24.15 -30.89
CA TRP B 188 -20.51 -25.19 -30.65
C TRP B 188 -21.22 -26.40 -30.06
N PRO B 189 -20.90 -27.65 -30.47
CA PRO B 189 -19.84 -27.93 -31.45
C PRO B 189 -20.19 -27.72 -32.92
N SER B 190 -21.34 -27.08 -33.20
CA SER B 190 -21.81 -26.88 -34.55
C SER B 190 -20.71 -26.24 -35.39
N GLN B 191 -20.24 -25.07 -34.95
CA GLN B 191 -19.14 -24.36 -35.58
C GLN B 191 -17.88 -24.63 -34.76
N THR B 192 -16.72 -24.31 -35.34
CA THR B 192 -15.43 -24.67 -34.75
C THR B 192 -14.91 -23.50 -33.92
N VAL B 193 -14.40 -23.81 -32.71
CA VAL B 193 -13.68 -22.82 -31.93
C VAL B 193 -12.31 -23.40 -31.59
N THR B 194 -11.29 -22.55 -31.70
CA THR B 194 -9.90 -22.94 -31.54
C THR B 194 -9.22 -21.90 -30.66
N CYS B 195 -8.27 -22.32 -29.82
CA CYS B 195 -7.42 -21.40 -29.09
C CYS B 195 -6.03 -21.43 -29.75
N SER B 196 -5.47 -20.25 -30.03
CA SER B 196 -4.14 -20.15 -30.58
C SER B 196 -3.23 -19.55 -29.51
N VAL B 197 -2.38 -20.40 -28.94
CA VAL B 197 -1.55 -19.98 -27.83
C VAL B 197 -0.17 -19.61 -28.33
N ALA B 198 0.20 -18.34 -28.12
CA ALA B 198 1.50 -17.85 -28.56
C ALA B 198 2.39 -17.64 -27.33
N HIS B 199 3.57 -18.28 -27.36
CA HIS B 199 4.61 -18.08 -26.37
C HIS B 199 5.87 -17.57 -27.07
N PRO B 200 5.98 -16.25 -27.32
CA PRO B 200 7.12 -15.69 -28.07
C PRO B 200 8.53 -16.15 -27.69
N ALA B 201 8.77 -16.35 -26.40
CA ALA B 201 10.11 -16.65 -25.91
C ALA B 201 10.57 -18.01 -26.42
N SER B 202 9.61 -18.92 -26.69
CA SER B 202 9.93 -20.25 -27.19
C SER B 202 9.62 -20.37 -28.69
N SER B 203 9.26 -19.25 -29.34
CA SER B 203 8.99 -19.26 -30.77
C SER B 203 7.88 -20.24 -31.13
N THR B 204 6.95 -20.50 -30.20
CA THR B 204 5.92 -21.50 -30.43
C THR B 204 4.56 -20.82 -30.51
N THR B 205 3.75 -21.29 -31.45
CA THR B 205 2.33 -21.01 -31.50
C THR B 205 1.64 -22.35 -31.67
N VAL B 206 0.82 -22.74 -30.69
CA VAL B 206 0.11 -24.00 -30.75
C VAL B 206 -1.38 -23.70 -30.84
N ASP B 207 -2.01 -24.21 -31.89
CA ASP B 207 -3.44 -24.10 -32.05
C ASP B 207 -4.06 -25.39 -31.54
N LYS B 208 -5.14 -25.25 -30.76
CA LYS B 208 -5.87 -26.37 -30.20
C LYS B 208 -7.36 -26.18 -30.46
N LYS B 209 -7.96 -27.14 -31.18
CA LYS B 209 -9.36 -27.09 -31.56
C LYS B 209 -10.18 -27.86 -30.53
N LEU B 210 -11.30 -27.26 -30.10
CA LEU B 210 -12.04 -27.78 -28.96
C LEU B 210 -13.12 -28.75 -29.45
N GLU B 211 -12.85 -30.05 -29.30
CA GLU B 211 -13.73 -31.08 -29.83
C GLU B 211 -14.73 -31.47 -28.73
N PRO B 212 -16.00 -31.77 -29.08
CA PRO B 212 -16.97 -32.27 -28.10
C PRO B 212 -16.64 -33.68 -27.61
N SER B 213 -17.32 -34.13 -26.56
CA SER B 213 -17.08 -35.46 -26.01
C SER B 213 -18.39 -36.08 -25.48
N GLU C 18 22.25 88.98 0.17
CA GLU C 18 22.88 89.75 1.29
C GLU C 18 23.42 88.82 2.35
N LYS C 19 24.31 89.37 3.19
CA LYS C 19 24.91 88.66 4.31
C LYS C 19 24.17 88.98 5.61
N ASN C 20 23.05 89.73 5.54
CA ASN C 20 22.15 89.87 6.66
C ASN C 20 21.46 88.53 6.92
N SER C 21 21.36 87.69 5.88
CA SER C 21 20.76 86.37 6.00
C SER C 21 21.82 85.29 5.77
N VAL C 22 21.73 84.20 6.55
CA VAL C 22 22.54 83.01 6.34
C VAL C 22 21.69 82.00 5.60
N SER C 23 22.13 81.60 4.39
CA SER C 23 21.33 80.75 3.51
C SER C 23 21.75 79.30 3.62
N VAL C 24 20.81 78.38 3.33
CA VAL C 24 20.93 76.95 3.56
C VAL C 24 20.16 76.21 2.47
N ASP C 25 20.81 75.24 1.80
CA ASP C 25 20.19 74.43 0.75
C ASP C 25 19.14 73.49 1.33
N LEU C 26 18.13 73.14 0.52
CA LEU C 26 16.99 72.37 1.02
C LEU C 26 16.74 71.13 0.14
N PRO C 27 16.05 70.10 0.70
CA PRO C 27 15.46 69.02 -0.10
C PRO C 27 14.75 69.61 -1.32
N GLY C 28 14.87 68.89 -2.44
CA GLY C 28 14.82 69.48 -3.76
C GLY C 28 16.20 70.03 -4.10
N GLU C 29 16.22 71.11 -4.87
CA GLU C 29 17.43 71.87 -5.15
C GLU C 29 17.08 73.35 -5.01
N MET C 30 17.29 73.89 -3.80
CA MET C 30 16.88 75.25 -3.49
C MET C 30 17.47 75.63 -2.13
N LYS C 31 17.79 76.92 -1.98
CA LYS C 31 18.44 77.42 -0.79
C LYS C 31 17.54 78.46 -0.11
N VAL C 32 17.28 78.24 1.17
CA VAL C 32 16.51 79.18 1.99
C VAL C 32 17.48 80.00 2.83
N LEU C 33 17.29 81.32 2.78
CA LEU C 33 18.09 82.28 3.53
C LEU C 33 17.38 82.56 4.84
N VAL C 34 18.13 82.42 5.95
CA VAL C 34 17.63 82.65 7.30
C VAL C 34 18.29 83.92 7.81
N SER C 35 17.46 84.91 8.18
CA SER C 35 17.93 86.16 8.75
C SER C 35 18.90 85.82 9.88
N LYS C 36 20.13 86.34 9.77
CA LYS C 36 21.20 86.00 10.70
C LYS C 36 20.82 86.46 12.10
N GLU C 37 20.10 87.59 12.18
CA GLU C 37 19.57 88.10 13.43
C GLU C 37 18.05 88.07 13.44
N LYS C 38 17.49 88.22 14.65
CA LYS C 38 16.05 88.37 14.85
C LYS C 38 15.58 89.66 14.18
N ASN C 39 14.43 89.58 13.49
CA ASN C 39 13.87 90.71 12.79
C ASN C 39 13.40 91.75 13.80
N LYS C 40 12.80 92.84 13.30
CA LYS C 40 12.34 93.94 14.13
C LYS C 40 11.22 93.53 15.08
N ASP C 41 10.61 92.35 14.85
CA ASP C 41 9.45 91.90 15.59
C ASP C 41 9.79 90.64 16.41
N GLY C 42 11.08 90.26 16.45
CA GLY C 42 11.57 89.29 17.42
C GLY C 42 11.77 87.90 16.83
N LYS C 43 11.40 87.70 15.56
CA LYS C 43 11.43 86.38 14.94
C LYS C 43 12.48 86.34 13.83
N TYR C 44 12.68 85.14 13.27
CA TYR C 44 13.61 84.92 12.16
C TYR C 44 12.84 84.97 10.84
N ASP C 45 13.30 85.82 9.92
CA ASP C 45 12.66 85.99 8.62
C ASP C 45 13.32 85.05 7.62
N LEU C 46 12.49 84.39 6.80
CA LEU C 46 12.95 83.36 5.87
C LEU C 46 12.50 83.72 4.46
N ILE C 47 13.39 83.53 3.47
CA ILE C 47 13.09 83.76 2.07
C ILE C 47 13.59 82.56 1.25
N ALA C 48 12.75 82.06 0.33
CA ALA C 48 13.13 80.99 -0.57
C ALA C 48 12.66 81.28 -2.01
N THR C 49 13.30 80.61 -2.98
CA THR C 49 13.05 80.82 -4.40
C THR C 49 12.59 79.50 -5.04
N VAL C 50 11.32 79.45 -5.47
CA VAL C 50 10.77 78.25 -6.10
C VAL C 50 9.85 78.65 -7.26
N ASP C 51 10.06 78.02 -8.43
CA ASP C 51 9.30 78.30 -9.64
C ASP C 51 9.40 79.78 -9.96
N LYS C 52 10.62 80.33 -9.80
CA LYS C 52 10.93 81.73 -10.04
C LYS C 52 10.06 82.65 -9.17
N LEU C 53 9.49 82.09 -8.10
CA LEU C 53 8.71 82.89 -7.14
C LEU C 53 9.60 83.21 -5.93
N GLU C 54 9.24 84.29 -5.22
CA GLU C 54 9.87 84.63 -3.96
C GLU C 54 8.87 84.32 -2.83
N LEU C 55 9.29 83.42 -1.92
CA LEU C 55 8.45 83.04 -0.79
C LEU C 55 9.06 83.63 0.49
N LYS C 56 8.22 84.08 1.42
CA LYS C 56 8.70 84.70 2.64
C LYS C 56 7.86 84.23 3.83
N GLY C 57 8.49 84.12 5.00
CA GLY C 57 7.81 83.77 6.24
C GLY C 57 8.68 84.10 7.44
N THR C 58 8.17 83.87 8.65
CA THR C 58 8.94 84.04 9.86
C THR C 58 8.74 82.81 10.75
N SER C 59 9.77 82.47 11.55
CA SER C 59 9.73 81.29 12.40
C SER C 59 10.46 81.55 13.71
N ASP C 60 10.20 80.69 14.71
CA ASP C 60 10.91 80.74 15.98
C ASP C 60 12.24 80.01 15.84
N LYS C 61 12.44 79.29 14.72
CA LYS C 61 13.63 78.49 14.51
C LYS C 61 14.61 79.25 13.60
N ASN C 62 15.89 78.88 13.70
CA ASN C 62 16.97 79.63 13.05
C ASN C 62 17.90 78.71 12.29
N ASN C 63 17.34 77.59 11.78
CA ASN C 63 18.08 76.62 11.00
C ASN C 63 17.56 76.57 9.55
N GLY C 64 16.40 77.20 9.29
CA GLY C 64 15.72 77.08 8.02
C GLY C 64 14.36 76.38 8.15
N ALA C 65 13.97 76.03 9.38
CA ALA C 65 12.69 75.39 9.63
C ALA C 65 11.63 76.46 9.93
N GLY C 66 10.70 76.62 8.98
CA GLY C 66 9.61 77.57 9.12
C GLY C 66 8.74 77.57 7.87
N VAL C 67 7.52 78.10 7.99
CA VAL C 67 6.60 78.19 6.87
C VAL C 67 6.88 79.49 6.12
N LEU C 68 6.98 79.37 4.78
CA LEU C 68 7.04 80.53 3.90
C LEU C 68 5.81 80.50 3.01
N GLU C 69 5.44 81.67 2.48
CA GLU C 69 4.34 81.79 1.55
C GLU C 69 4.80 82.64 0.36
N GLY C 70 4.09 82.47 -0.76
CA GLY C 70 4.10 83.42 -1.86
C GLY C 70 2.77 83.37 -2.59
N VAL C 71 2.55 84.32 -3.52
CA VAL C 71 1.40 84.26 -4.40
C VAL C 71 1.94 84.23 -5.84
N LYS C 72 1.24 83.52 -6.72
CA LYS C 72 1.67 83.39 -8.10
C LYS C 72 1.00 84.51 -8.92
N ALA C 73 1.33 84.56 -10.21
CA ALA C 73 0.76 85.55 -11.12
C ALA C 73 -0.72 85.24 -11.39
N ASP C 74 -1.12 83.98 -11.18
CA ASP C 74 -2.48 83.53 -11.42
C ASP C 74 -3.27 83.46 -10.11
N LYS C 75 -2.70 84.01 -9.03
CA LYS C 75 -3.31 84.11 -7.70
C LYS C 75 -3.48 82.73 -7.07
N SER C 76 -2.62 81.79 -7.46
CA SER C 76 -2.32 80.63 -6.64
C SER C 76 -1.56 81.08 -5.38
N LYS C 77 -1.93 80.51 -4.23
CA LYS C 77 -1.12 80.62 -3.01
C LYS C 77 -0.13 79.45 -2.98
N VAL C 78 1.15 79.76 -2.78
CA VAL C 78 2.18 78.75 -2.58
C VAL C 78 2.61 78.78 -1.11
N LYS C 79 2.85 77.59 -0.54
CA LYS C 79 3.21 77.44 0.86
C LYS C 79 4.30 76.37 1.01
N LEU C 80 5.43 76.74 1.63
CA LEU C 80 6.54 75.82 1.79
C LEU C 80 6.79 75.53 3.26
N THR C 81 6.19 74.45 3.79
CA THR C 81 6.45 74.02 5.15
C THR C 81 7.77 73.25 5.15
N ILE C 82 8.75 73.71 5.95
CA ILE C 82 10.04 73.04 6.09
C ILE C 82 10.11 72.36 7.45
N SER C 83 10.46 71.06 7.44
CA SER C 83 10.50 70.27 8.64
C SER C 83 11.60 70.79 9.57
N ASP C 84 11.40 70.53 10.87
CA ASP C 84 12.36 70.92 11.89
C ASP C 84 13.76 70.39 11.57
N ASP C 85 13.85 69.20 10.95
CA ASP C 85 15.12 68.51 10.78
C ASP C 85 15.85 68.96 9.52
N LEU C 86 15.21 69.80 8.69
CA LEU C 86 15.77 70.20 7.40
C LEU C 86 15.96 68.98 6.49
N GLY C 87 15.04 68.02 6.59
CA GLY C 87 15.14 66.79 5.82
C GLY C 87 13.94 66.62 4.86
N GLN C 88 12.95 67.50 4.99
CA GLN C 88 11.71 67.36 4.25
C GLN C 88 11.08 68.74 4.00
N THR C 89 10.72 68.96 2.73
CA THR C 89 9.98 70.13 2.31
C THR C 89 8.57 69.66 1.94
N THR C 90 7.55 70.42 2.37
CA THR C 90 6.18 70.18 1.94
C THR C 90 5.69 71.42 1.19
N LEU C 91 5.46 71.27 -0.11
CA LEU C 91 5.13 72.39 -0.97
C LEU C 91 3.69 72.21 -1.45
N GLU C 92 2.85 73.20 -1.11
CA GLU C 92 1.42 73.14 -1.36
C GLU C 92 1.01 74.26 -2.31
N VAL C 93 0.08 73.93 -3.23
CA VAL C 93 -0.51 74.93 -4.11
C VAL C 93 -1.99 75.03 -3.78
N PHE C 94 -2.42 76.22 -3.34
CA PHE C 94 -3.83 76.51 -3.10
C PHE C 94 -4.32 77.50 -4.14
N LYS C 95 -5.62 77.43 -4.44
CA LYS C 95 -6.23 78.40 -5.34
C LYS C 95 -6.52 79.67 -4.52
N GLU C 96 -7.10 80.66 -5.23
CA GLU C 96 -7.22 82.05 -4.82
C GLU C 96 -7.71 82.17 -3.38
N ASP C 97 -8.64 81.30 -2.96
CA ASP C 97 -9.24 81.39 -1.64
C ASP C 97 -8.15 81.29 -0.56
N GLY C 98 -7.15 80.43 -0.81
CA GLY C 98 -6.09 80.19 0.15
C GLY C 98 -6.36 78.96 1.01
N LYS C 99 -7.53 78.33 0.81
CA LYS C 99 -7.91 77.14 1.57
C LYS C 99 -7.96 75.90 0.68
N THR C 100 -8.58 76.01 -0.51
CA THR C 100 -8.78 74.84 -1.36
C THR C 100 -7.44 74.44 -1.98
N LEU C 101 -7.01 73.23 -1.63
CA LEU C 101 -5.71 72.71 -1.99
C LEU C 101 -5.79 72.11 -3.39
N VAL C 102 -4.77 72.38 -4.19
CA VAL C 102 -4.67 71.90 -5.56
C VAL C 102 -3.68 70.75 -5.62
N SER C 103 -2.48 70.97 -5.06
CA SER C 103 -1.43 69.95 -5.09
C SER C 103 -0.55 70.07 -3.85
N LYS C 104 0.14 68.97 -3.55
CA LYS C 104 1.04 68.88 -2.40
C LYS C 104 2.20 67.96 -2.79
N LYS C 105 3.44 68.44 -2.63
CA LYS C 105 4.62 67.61 -2.81
C LYS C 105 5.43 67.60 -1.51
N VAL C 106 5.71 66.39 -1.00
CA VAL C 106 6.64 66.18 0.10
C VAL C 106 7.92 65.60 -0.48
N THR C 107 9.05 66.30 -0.30
CA THR C 107 10.33 65.87 -0.84
C THR C 107 11.32 65.71 0.32
N SER C 108 11.88 64.50 0.45
CA SER C 108 12.87 64.26 1.50
C SER C 108 14.27 64.47 0.94
N LYS C 109 15.25 64.64 1.84
CA LYS C 109 16.63 64.88 1.45
C LYS C 109 17.23 63.63 0.79
N ASP C 110 16.65 62.45 1.05
CA ASP C 110 17.15 61.20 0.51
C ASP C 110 16.69 61.01 -0.93
N LYS C 111 16.18 62.07 -1.55
CA LYS C 111 15.84 62.10 -2.98
C LYS C 111 14.47 61.43 -3.22
N SER C 112 13.72 61.16 -2.14
CA SER C 112 12.41 60.52 -2.22
C SER C 112 11.32 61.59 -2.34
N SER C 113 10.08 61.18 -2.60
CA SER C 113 9.01 62.14 -2.85
C SER C 113 7.62 61.49 -2.93
N THR C 114 6.61 62.33 -2.69
CA THR C 114 5.21 62.02 -2.96
C THR C 114 4.54 63.31 -3.45
N GLU C 115 4.00 63.26 -4.67
CA GLU C 115 3.24 64.37 -5.24
C GLU C 115 1.79 63.92 -5.38
N GLU C 116 0.86 64.77 -4.92
CA GLU C 116 -0.57 64.51 -5.00
C GLU C 116 -1.26 65.72 -5.65
N LYS C 117 -2.20 65.42 -6.55
CA LYS C 117 -3.11 66.42 -7.08
C LYS C 117 -4.46 66.19 -6.41
N PHE C 118 -5.03 67.26 -5.86
CA PHE C 118 -6.21 67.17 -5.03
C PHE C 118 -7.43 67.68 -5.80
N ASN C 119 -8.58 67.11 -5.44
CA ASN C 119 -9.85 67.46 -6.06
C ASN C 119 -10.71 68.19 -5.03
N GLU C 120 -11.88 68.67 -5.47
CA GLU C 120 -12.84 69.26 -4.55
C GLU C 120 -13.24 68.20 -3.53
N LYS C 121 -13.58 68.65 -2.32
CA LYS C 121 -13.83 67.78 -1.19
C LYS C 121 -12.50 67.27 -0.61
N GLY C 122 -11.39 67.89 -1.03
CA GLY C 122 -10.07 67.59 -0.49
C GLY C 122 -9.60 66.20 -0.88
N GLU C 123 -10.18 65.66 -1.96
CA GLU C 123 -9.93 64.28 -2.33
C GLU C 123 -8.72 64.24 -3.25
N VAL C 124 -7.86 63.23 -3.06
CA VAL C 124 -6.73 63.01 -3.94
C VAL C 124 -7.28 62.42 -5.24
N SER C 125 -6.87 63.00 -6.38
CA SER C 125 -7.28 62.53 -7.69
C SER C 125 -6.16 61.74 -8.36
N GLU C 126 -4.92 62.02 -7.96
CA GLU C 126 -3.73 61.40 -8.54
C GLU C 126 -2.59 61.49 -7.55
N LYS C 127 -1.63 60.55 -7.64
CA LYS C 127 -0.52 60.47 -6.70
C LYS C 127 0.70 59.84 -7.37
N ILE C 128 1.86 60.47 -7.18
CA ILE C 128 3.13 59.99 -7.72
C ILE C 128 4.08 59.77 -6.55
N ILE C 129 4.51 58.52 -6.35
CA ILE C 129 5.61 58.24 -5.44
C ILE C 129 6.88 58.12 -6.26
N THR C 130 7.82 59.05 -6.02
CA THR C 130 9.15 58.92 -6.59
C THR C 130 10.05 58.31 -5.53
N ARG C 131 10.67 57.19 -5.88
CA ARG C 131 11.58 56.52 -4.96
C ARG C 131 12.89 57.31 -4.99
N ALA C 132 13.78 57.02 -4.04
CA ALA C 132 15.09 57.66 -3.99
C ALA C 132 15.82 57.50 -5.32
N ASP C 133 15.66 56.33 -5.97
CA ASP C 133 16.47 55.98 -7.13
C ASP C 133 15.90 56.57 -8.42
N GLY C 134 14.79 57.31 -8.36
CA GLY C 134 14.21 57.90 -9.55
C GLY C 134 13.04 57.12 -10.13
N THR C 135 12.93 55.82 -9.79
CA THR C 135 11.81 55.00 -10.24
C THR C 135 10.54 55.52 -9.56
N ARG C 136 9.37 55.37 -10.23
CA ARG C 136 8.15 56.01 -9.76
C ARG C 136 6.95 55.07 -9.79
N LEU C 137 5.96 55.39 -8.96
CA LEU C 137 4.69 54.69 -8.91
C LEU C 137 3.57 55.71 -9.08
N GLU C 138 2.85 55.62 -10.20
CA GLU C 138 1.86 56.62 -10.56
C GLU C 138 0.45 56.03 -10.42
N TYR C 139 -0.36 56.63 -9.55
CA TYR C 139 -1.71 56.17 -9.26
C TYR C 139 -2.69 57.18 -9.85
N THR C 140 -3.63 56.69 -10.65
CA THR C 140 -4.54 57.54 -11.41
C THR C 140 -5.95 56.96 -11.37
N GLY C 141 -6.93 57.80 -11.72
CA GLY C 141 -8.32 57.41 -11.80
C GLY C 141 -8.78 56.75 -10.50
N ILE C 142 -8.47 57.42 -9.38
CA ILE C 142 -8.65 56.86 -8.04
C ILE C 142 -10.13 56.97 -7.66
N LYS C 143 -10.64 55.95 -6.95
CA LYS C 143 -12.07 55.85 -6.68
C LYS C 143 -12.30 55.77 -5.17
N SER C 144 -13.58 55.73 -4.77
CA SER C 144 -13.98 55.73 -3.38
C SER C 144 -13.53 54.44 -2.69
N ASP C 145 -13.50 53.33 -3.44
CA ASP C 145 -13.19 52.03 -2.87
C ASP C 145 -11.69 51.91 -2.58
N GLY C 146 -10.95 53.00 -2.81
CA GLY C 146 -9.51 53.00 -2.63
C GLY C 146 -8.81 52.18 -3.72
N SER C 147 -9.34 52.29 -4.95
CA SER C 147 -8.86 51.49 -6.07
C SER C 147 -8.58 52.41 -7.25
N GLY C 148 -7.99 51.86 -8.32
CA GLY C 148 -7.76 52.63 -9.53
C GLY C 148 -6.58 52.10 -10.36
N LYS C 149 -6.09 52.96 -11.26
CA LYS C 149 -5.04 52.61 -12.21
C LYS C 149 -3.67 52.91 -11.61
N ALA C 150 -2.72 52.01 -11.87
CA ALA C 150 -1.34 52.15 -11.40
C ALA C 150 -0.36 51.94 -12.54
N LYS C 151 0.82 52.55 -12.42
CA LYS C 151 1.89 52.45 -13.40
C LYS C 151 3.21 52.49 -12.63
N GLU C 152 4.17 51.65 -13.01
CA GLU C 152 5.51 51.72 -12.42
C GLU C 152 6.51 52.14 -13.49
N VAL C 153 7.12 53.31 -13.30
CA VAL C 153 8.15 53.82 -14.18
C VAL C 153 9.52 53.37 -13.67
N LEU C 154 10.16 52.46 -14.40
CA LEU C 154 11.50 51.97 -14.09
C LEU C 154 12.49 52.62 -15.04
N LYS C 155 13.78 52.32 -14.81
CA LYS C 155 14.86 52.72 -15.70
C LYS C 155 14.82 51.87 -16.97
N GLY C 156 14.24 52.46 -18.04
CA GLY C 156 14.26 51.85 -19.36
C GLY C 156 12.87 51.55 -19.90
N PHE C 157 11.90 51.31 -19.00
CA PHE C 157 10.58 50.85 -19.40
C PHE C 157 9.54 51.14 -18.32
N ILE C 158 8.27 50.96 -18.69
CA ILE C 158 7.15 51.25 -17.82
C ILE C 158 6.32 49.99 -17.66
N LEU C 159 5.85 49.72 -16.44
CA LEU C 159 4.90 48.63 -16.19
C LEU C 159 3.54 49.24 -15.91
N GLU C 160 2.49 48.61 -16.42
CA GLU C 160 1.13 49.09 -16.25
C GLU C 160 0.31 48.02 -15.52
N GLY C 161 -0.59 48.47 -14.65
CA GLY C 161 -1.45 47.57 -13.90
C GLY C 161 -2.53 48.34 -13.14
N ARG C 162 -2.80 47.89 -11.91
CA ARG C 162 -3.91 48.40 -11.11
C ARG C 162 -3.47 48.50 -9.65
N PHE C 163 -4.35 49.04 -8.82
CA PHE C 163 -4.12 49.03 -7.39
C PHE C 163 -5.45 48.91 -6.65
N THR C 164 -5.33 48.40 -5.42
CA THR C 164 -6.41 48.40 -4.44
C THR C 164 -5.87 49.02 -3.16
N ALA C 165 -6.73 49.14 -2.15
CA ALA C 165 -6.31 49.58 -0.83
C ALA C 165 -5.22 48.68 -0.26
N GLU C 166 -5.14 47.43 -0.73
CA GLU C 166 -4.29 46.41 -0.15
C GLU C 166 -2.94 46.32 -0.86
N LYS C 167 -2.95 46.47 -2.19
CA LYS C 167 -1.76 46.18 -2.97
C LYS C 167 -1.86 46.79 -4.36
N THR C 168 -0.67 47.06 -4.92
CA THR C 168 -0.55 47.43 -6.32
C THR C 168 -0.10 46.20 -7.10
N THR C 169 -0.77 45.97 -8.24
CA THR C 169 -0.44 44.87 -9.12
C THR C 169 -0.09 45.41 -10.49
N LEU C 170 1.14 45.18 -10.94
CA LEU C 170 1.54 45.46 -12.30
C LEU C 170 1.61 44.16 -13.09
N VAL C 171 1.20 44.23 -14.36
CA VAL C 171 0.86 43.06 -15.15
C VAL C 171 1.53 43.18 -16.52
N VAL C 172 2.17 42.07 -16.93
CA VAL C 172 2.77 41.94 -18.25
C VAL C 172 2.19 40.67 -18.86
N LYS C 173 1.62 40.81 -20.06
CA LYS C 173 0.92 39.71 -20.72
C LYS C 173 1.63 39.33 -22.02
N GLU C 174 1.61 38.04 -22.31
CA GLU C 174 2.27 37.51 -23.49
C GLU C 174 1.64 36.18 -23.84
N GLY C 175 0.89 36.14 -24.94
CA GLY C 175 0.08 34.99 -25.27
C GLY C 175 -0.91 34.70 -24.15
N THR C 176 -0.96 33.43 -23.71
CA THR C 176 -1.87 32.98 -22.68
C THR C 176 -1.29 33.19 -21.28
N VAL C 177 -0.10 33.82 -21.21
CA VAL C 177 0.65 34.02 -19.97
C VAL C 177 0.35 35.41 -19.40
N THR C 178 0.12 35.47 -18.07
CA THR C 178 -0.01 36.70 -17.32
C THR C 178 0.98 36.68 -16.16
N LEU C 179 1.85 37.68 -16.12
CA LEU C 179 2.82 37.87 -15.06
C LEU C 179 2.34 39.03 -14.20
N SER C 180 2.16 38.79 -12.91
CA SER C 180 1.66 39.82 -12.01
C SER C 180 2.74 40.13 -10.97
N LYS C 181 3.10 41.40 -10.86
CA LYS C 181 4.04 41.84 -9.85
C LYS C 181 3.30 42.62 -8.79
N ASP C 182 3.24 42.07 -7.58
CA ASP C 182 2.47 42.65 -6.50
C ASP C 182 3.41 43.49 -5.63
N ILE C 183 2.92 44.67 -5.24
CA ILE C 183 3.55 45.45 -4.20
C ILE C 183 2.51 45.71 -3.12
N SER C 184 2.72 45.11 -1.94
CA SER C 184 1.81 45.23 -0.82
C SER C 184 1.79 46.68 -0.35
N LYS C 185 0.82 47.04 0.49
CA LYS C 185 0.76 48.39 1.05
C LYS C 185 2.01 48.66 1.91
N SER C 186 2.57 47.62 2.53
CA SER C 186 3.80 47.74 3.31
C SER C 186 5.03 47.88 2.41
N GLY C 187 4.89 47.57 1.12
CA GLY C 187 5.96 47.76 0.15
C GLY C 187 6.58 46.44 -0.29
N GLU C 188 6.05 45.31 0.22
CA GLU C 188 6.62 44.00 -0.06
C GLU C 188 6.31 43.59 -1.50
N VAL C 189 7.35 43.13 -2.22
CA VAL C 189 7.20 42.67 -3.60
C VAL C 189 7.01 41.15 -3.61
N SER C 190 6.02 40.70 -4.39
CA SER C 190 5.88 39.30 -4.74
C SER C 190 5.42 39.18 -6.20
N VAL C 191 5.71 38.02 -6.83
CA VAL C 191 5.41 37.85 -8.25
C VAL C 191 4.74 36.50 -8.46
N GLU C 192 3.76 36.49 -9.39
CA GLU C 192 3.03 35.29 -9.78
C GLU C 192 3.08 35.17 -11.31
N LEU C 193 3.07 33.92 -11.80
CA LEU C 193 2.85 33.67 -13.23
C LEU C 193 1.61 32.79 -13.37
N GLN C 194 0.79 33.13 -14.36
CA GLN C 194 -0.38 32.34 -14.71
C GLN C 194 -0.30 32.04 -16.20
N ASP C 195 -0.82 30.89 -16.60
CA ASP C 195 -0.87 30.48 -17.99
C ASP C 195 -2.10 29.57 -18.14
N THR C 196 -2.99 29.93 -19.06
CA THR C 196 -4.23 29.19 -19.30
C THR C 196 -3.96 27.95 -20.17
N ASP C 197 -2.76 27.85 -20.77
CA ASP C 197 -2.35 26.72 -21.60
C ASP C 197 -2.50 25.41 -20.83
N SER C 198 -3.17 24.42 -21.43
CA SER C 198 -3.44 23.14 -20.77
C SER C 198 -2.33 22.11 -21.01
N SER C 199 -1.44 22.33 -21.98
CA SER C 199 -0.47 21.32 -22.39
C SER C 199 0.79 21.39 -21.53
N ALA C 200 1.21 20.23 -21.02
CA ALA C 200 2.41 20.11 -20.20
C ALA C 200 3.64 20.57 -20.98
N ALA C 201 3.66 20.24 -22.27
CA ALA C 201 4.80 20.52 -23.10
C ALA C 201 5.07 22.01 -23.19
N THR C 202 4.03 22.86 -23.08
CA THR C 202 4.23 24.28 -23.36
C THR C 202 3.83 25.20 -22.20
N LYS C 203 3.10 24.70 -21.20
CA LYS C 203 2.56 25.55 -20.14
C LYS C 203 3.72 26.17 -19.36
N LYS C 204 3.66 27.51 -19.24
CA LYS C 204 4.62 28.22 -18.40
C LYS C 204 4.08 28.23 -16.97
N THR C 205 4.93 27.80 -16.03
CA THR C 205 4.61 27.84 -14.61
C THR C 205 5.84 28.35 -13.87
N ALA C 206 5.64 28.83 -12.64
CA ALA C 206 6.72 29.45 -11.91
C ALA C 206 6.42 29.42 -10.42
N ALA C 207 7.50 29.44 -9.63
CA ALA C 207 7.42 29.51 -8.19
C ALA C 207 8.22 30.73 -7.74
N TRP C 208 7.73 31.37 -6.68
CA TRP C 208 8.29 32.61 -6.17
C TRP C 208 9.04 32.29 -4.88
N ASN C 209 10.31 32.68 -4.84
CA ASN C 209 11.12 32.57 -3.64
C ASN C 209 11.16 33.95 -2.99
N SER C 210 10.41 34.13 -1.90
CA SER C 210 10.31 35.44 -1.27
C SER C 210 11.63 35.83 -0.60
N GLY C 211 12.43 34.83 -0.20
CA GLY C 211 13.73 35.11 0.40
C GLY C 211 14.73 35.73 -0.58
N THR C 212 14.69 35.30 -1.84
CA THR C 212 15.65 35.73 -2.85
C THR C 212 14.97 36.60 -3.92
N SER C 213 13.67 36.90 -3.74
CA SER C 213 12.95 37.72 -4.69
C SER C 213 13.15 37.22 -6.12
N THR C 214 13.03 35.89 -6.31
CA THR C 214 13.25 35.28 -7.61
CA THR C 214 13.25 35.28 -7.61
C THR C 214 12.02 34.47 -8.00
N LEU C 215 11.55 34.67 -9.24
CA LEU C 215 10.51 33.84 -9.83
C LEU C 215 11.20 32.86 -10.77
N THR C 216 11.12 31.56 -10.48
CA THR C 216 11.75 30.55 -11.32
C THR C 216 10.67 29.95 -12.21
N ILE C 217 10.85 30.09 -13.53
CA ILE C 217 9.91 29.55 -14.50
C ILE C 217 10.36 28.15 -14.86
N THR C 218 9.38 27.23 -14.93
CA THR C 218 9.60 25.86 -15.37
C THR C 218 8.58 25.55 -16.47
N VAL C 219 9.01 24.70 -17.39
CA VAL C 219 8.12 24.18 -18.42
C VAL C 219 8.33 22.67 -18.48
N ASN C 220 7.25 21.92 -18.30
CA ASN C 220 7.28 20.47 -18.42
C ASN C 220 8.33 19.88 -17.46
N SER C 221 8.31 20.37 -16.20
CA SER C 221 9.14 19.91 -15.10
C SER C 221 10.54 20.53 -15.12
N LYS C 222 10.87 21.29 -16.17
CA LYS C 222 12.23 21.75 -16.37
C LYS C 222 12.31 23.25 -16.11
N LYS C 223 13.27 23.65 -15.28
CA LYS C 223 13.56 25.05 -15.03
C LYS C 223 14.13 25.69 -16.29
N THR C 224 13.61 26.88 -16.62
CA THR C 224 14.01 27.51 -17.86
C THR C 224 14.76 28.81 -17.54
N LYS C 225 14.25 29.62 -16.59
CA LYS C 225 14.90 30.87 -16.25
C LYS C 225 14.57 31.37 -14.85
N ASP C 226 15.44 32.24 -14.31
CA ASP C 226 15.20 32.98 -13.08
C ASP C 226 15.01 34.45 -13.42
N LEU C 227 13.87 35.02 -13.02
CA LEU C 227 13.65 36.46 -13.05
C LEU C 227 13.86 36.98 -11.63
N VAL C 228 14.83 37.88 -11.44
CA VAL C 228 15.13 38.41 -10.12
C VAL C 228 14.64 39.85 -10.05
N PHE C 229 13.83 40.16 -9.03
CA PHE C 229 13.28 41.49 -8.85
C PHE C 229 14.08 42.16 -7.74
N THR C 230 14.99 43.07 -8.10
CA THR C 230 16.02 43.54 -7.20
C THR C 230 15.49 44.65 -6.30
N LYS C 231 16.21 44.89 -5.20
CA LYS C 231 15.88 45.96 -4.27
C LYS C 231 16.13 47.32 -4.92
N GLU C 232 16.91 47.33 -6.02
CA GLU C 232 17.13 48.56 -6.78
C GLU C 232 16.06 48.69 -7.87
N ASN C 233 14.96 47.95 -7.71
CA ASN C 233 13.80 48.08 -8.58
C ASN C 233 14.17 47.76 -10.03
N THR C 234 15.04 46.76 -10.22
CA THR C 234 15.33 46.25 -11.54
C THR C 234 14.85 44.81 -11.63
N ILE C 235 14.72 44.32 -12.86
CA ILE C 235 14.41 42.93 -13.15
C ILE C 235 15.54 42.37 -14.00
N THR C 236 16.13 41.24 -13.55
CA THR C 236 17.16 40.54 -14.31
C THR C 236 16.62 39.18 -14.75
N VAL C 237 17.21 38.64 -15.83
CA VAL C 237 16.87 37.32 -16.37
C VAL C 237 18.14 36.49 -16.48
N GLN C 238 18.05 35.21 -16.14
CA GLN C 238 19.16 34.29 -16.34
C GLN C 238 18.57 32.94 -16.71
N GLN C 239 19.13 32.33 -17.76
CA GLN C 239 18.61 31.09 -18.32
C GLN C 239 19.28 29.93 -17.58
N TYR C 240 18.60 28.78 -17.54
CA TYR C 240 19.19 27.55 -17.02
C TYR C 240 19.79 26.78 -18.19
N ASP C 241 20.64 25.80 -17.86
CA ASP C 241 21.22 24.91 -18.85
C ASP C 241 20.11 24.09 -19.53
N SER C 242 20.52 23.22 -20.46
CA SER C 242 19.63 22.45 -21.32
C SER C 242 18.68 21.58 -20.51
N ASN C 243 19.17 20.95 -19.43
CA ASN C 243 18.37 20.03 -18.62
C ASN C 243 17.79 20.75 -17.40
N GLY C 244 18.05 22.05 -17.24
CA GLY C 244 17.52 22.83 -16.15
C GLY C 244 18.07 22.41 -14.78
N VAL C 245 19.34 22.03 -14.72
CA VAL C 245 19.95 21.59 -13.46
C VAL C 245 20.66 22.76 -12.79
N LYS C 246 21.28 23.63 -13.60
CA LYS C 246 22.02 24.78 -13.11
C LYS C 246 21.79 26.00 -13.99
N LEU C 247 21.83 27.18 -13.37
CA LEU C 247 21.87 28.44 -14.07
C LEU C 247 23.13 28.51 -14.94
N GLU C 248 23.01 29.14 -16.11
CA GLU C 248 24.14 29.22 -17.03
C GLU C 248 24.47 30.70 -17.23
N GLY C 249 25.72 30.98 -17.60
CA GLY C 249 26.19 32.33 -17.87
C GLY C 249 26.00 33.25 -16.66
N SER C 250 25.61 34.51 -16.94
CA SER C 250 25.40 35.53 -15.92
C SER C 250 24.00 36.12 -16.06
N ALA C 251 23.46 36.65 -14.97
CA ALA C 251 22.20 37.40 -15.01
C ALA C 251 22.35 38.58 -15.96
N VAL C 252 21.25 38.97 -16.59
CA VAL C 252 21.22 40.08 -17.54
C VAL C 252 20.08 41.01 -17.16
N GLU C 253 20.31 42.33 -17.18
CA GLU C 253 19.27 43.28 -16.83
C GLU C 253 18.27 43.40 -17.98
N ILE C 254 16.98 43.47 -17.63
CA ILE C 254 15.98 43.80 -18.62
C ILE C 254 15.96 45.31 -18.81
N THR C 255 16.21 45.75 -20.05
CA THR C 255 16.24 47.18 -20.35
C THR C 255 14.88 47.63 -20.86
N LYS C 256 14.10 46.70 -21.44
CA LYS C 256 12.89 47.07 -22.16
C LYS C 256 11.77 46.06 -21.90
N LEU C 257 10.54 46.54 -22.05
CA LEU C 257 9.35 45.75 -21.83
C LEU C 257 9.36 44.49 -22.69
N ASP C 258 9.68 44.64 -23.99
CA ASP C 258 9.71 43.56 -24.96
C ASP C 258 10.48 42.35 -24.41
N GLU C 259 11.50 42.63 -23.60
CA GLU C 259 12.35 41.60 -23.01
C GLU C 259 11.59 40.75 -22.01
N ILE C 260 10.66 41.37 -21.26
CA ILE C 260 9.87 40.67 -20.27
C ILE C 260 8.94 39.73 -21.00
N LYS C 261 8.29 40.24 -22.05
CA LYS C 261 7.37 39.49 -22.87
C LYS C 261 8.11 38.31 -23.49
N ASN C 262 9.31 38.55 -24.03
CA ASN C 262 10.05 37.48 -24.67
CA ASN C 262 10.08 37.49 -24.67
C ASN C 262 10.42 36.40 -23.66
N ALA C 263 10.50 36.76 -22.36
CA ALA C 263 10.79 35.77 -21.33
C ALA C 263 9.59 34.88 -21.03
N LEU C 264 8.39 35.29 -21.48
CA LEU C 264 7.18 34.51 -21.28
C LEU C 264 6.81 33.71 -22.53
N LYS C 265 7.74 33.55 -23.47
CA LYS C 265 7.48 32.86 -24.72
C LYS C 265 8.36 31.61 -24.80
N ASP D 1 11.64 -15.82 -0.24
CA ASP D 1 10.66 -16.05 0.86
C ASP D 1 9.26 -16.10 0.24
N ILE D 2 8.34 -16.79 0.92
CA ILE D 2 6.97 -16.88 0.48
C ILE D 2 6.35 -15.48 0.52
N GLN D 3 5.76 -15.07 -0.60
CA GLN D 3 5.15 -13.74 -0.68
C GLN D 3 3.68 -13.89 -0.32
N MET D 4 3.19 -12.91 0.44
CA MET D 4 1.80 -12.84 0.84
C MET D 4 1.17 -11.61 0.18
N THR D 5 0.17 -11.80 -0.69
CA THR D 5 -0.51 -10.68 -1.33
C THR D 5 -1.81 -10.40 -0.57
N GLN D 6 -1.87 -9.23 0.10
CA GLN D 6 -3.05 -8.84 0.86
C GLN D 6 -3.91 -7.85 0.08
N SER D 7 -5.23 -8.10 0.03
CA SER D 7 -6.16 -7.24 -0.69
C SER D 7 -7.48 -7.07 0.08
N PRO D 8 -8.12 -5.88 0.06
CA PRO D 8 -7.52 -4.65 -0.50
C PRO D 8 -6.51 -4.03 0.46
N SER D 9 -5.75 -3.03 0.00
CA SER D 9 -4.79 -2.35 0.87
C SER D 9 -5.50 -1.36 1.80
N SER D 10 -6.72 -0.98 1.42
CA SER D 10 -7.52 -0.05 2.21
C SER D 10 -9.00 -0.40 2.03
N LEU D 11 -9.84 -0.11 3.05
CA LEU D 11 -11.27 -0.26 2.89
C LEU D 11 -12.01 0.72 3.81
N SER D 12 -13.20 1.12 3.33
CA SER D 12 -14.09 2.07 4.00
C SER D 12 -15.49 1.47 4.03
N ALA D 13 -16.00 1.18 5.23
CA ALA D 13 -17.27 0.48 5.35
C ALA D 13 -18.11 1.08 6.48
N THR D 14 -19.44 1.02 6.29
CA THR D 14 -20.40 1.54 7.26
C THR D 14 -20.51 0.56 8.43
N LEU D 15 -20.83 1.09 9.60
CA LEU D 15 -20.89 0.33 10.84
C LEU D 15 -21.99 -0.72 10.76
N GLY D 16 -21.72 -1.88 11.39
CA GLY D 16 -22.68 -2.98 11.50
C GLY D 16 -22.50 -3.98 10.36
N GLY D 17 -21.90 -3.48 9.27
CA GLY D 17 -21.62 -4.27 8.09
C GLY D 17 -20.47 -5.25 8.32
N LYS D 18 -20.19 -5.98 7.25
CA LYS D 18 -19.20 -7.05 7.23
C LYS D 18 -18.15 -6.72 6.19
N VAL D 19 -16.87 -6.83 6.57
CA VAL D 19 -15.79 -6.62 5.62
C VAL D 19 -14.90 -7.85 5.57
N THR D 20 -14.32 -8.08 4.40
CA THR D 20 -13.49 -9.26 4.16
C THR D 20 -12.21 -8.85 3.45
N ILE D 21 -11.08 -9.33 4.00
CA ILE D 21 -9.75 -9.11 3.46
C ILE D 21 -9.22 -10.45 2.97
N THR D 22 -8.51 -10.44 1.85
CA THR D 22 -7.97 -11.68 1.31
C THR D 22 -6.43 -11.66 1.44
N CYS D 23 -5.89 -12.88 1.42
CA CYS D 23 -4.46 -13.04 1.42
C CYS D 23 -4.08 -14.22 0.54
N LYS D 24 -3.28 -13.96 -0.48
CA LYS D 24 -2.82 -15.00 -1.38
C LYS D 24 -1.33 -15.25 -1.20
N ALA D 25 -0.98 -16.50 -0.89
CA ALA D 25 0.41 -16.92 -0.75
C ALA D 25 0.96 -17.35 -2.12
N SER D 26 2.30 -17.33 -2.23
CA SER D 26 3.00 -17.70 -3.45
C SER D 26 3.15 -19.21 -3.57
N GLN D 27 2.88 -19.92 -2.47
CA GLN D 27 2.79 -21.38 -2.46
C GLN D 27 1.84 -21.84 -1.36
N ASP D 28 1.54 -23.14 -1.34
CA ASP D 28 0.72 -23.69 -0.27
C ASP D 28 1.41 -23.46 1.07
N ILE D 29 0.65 -23.00 2.08
CA ILE D 29 1.20 -22.74 3.40
C ILE D 29 0.51 -23.53 4.50
N ASN D 30 -0.30 -24.55 4.13
CA ASN D 30 -0.72 -25.58 5.06
C ASN D 30 -1.58 -25.01 6.20
N LYS D 31 -2.36 -23.97 5.90
CA LYS D 31 -3.22 -23.26 6.84
C LYS D 31 -2.45 -22.54 7.96
N TYR D 32 -1.13 -22.36 7.80
CA TYR D 32 -0.35 -21.61 8.78
C TYR D 32 -0.38 -20.12 8.42
N ILE D 33 -1.55 -19.51 8.59
CA ILE D 33 -1.75 -18.06 8.47
C ILE D 33 -2.39 -17.57 9.77
N ALA D 34 -1.96 -16.38 10.21
CA ALA D 34 -2.59 -15.71 11.33
C ALA D 34 -2.82 -14.24 10.95
N TRP D 35 -3.81 -13.64 11.62
CA TRP D 35 -4.20 -12.27 11.36
C TRP D 35 -4.06 -11.43 12.63
N TYR D 36 -3.48 -10.25 12.46
CA TYR D 36 -3.19 -9.33 13.55
C TYR D 36 -3.93 -8.03 13.33
N GLN D 37 -4.38 -7.43 14.44
CA GLN D 37 -4.86 -6.06 14.46
C GLN D 37 -3.75 -5.16 14.96
N HIS D 38 -3.51 -4.02 14.27
CA HIS D 38 -2.44 -3.13 14.69
C HIS D 38 -2.96 -1.71 14.76
N LYS D 39 -3.13 -1.20 15.99
CA LYS D 39 -3.42 0.21 16.18
C LYS D 39 -2.10 0.95 16.40
N PRO D 40 -2.02 2.24 16.01
CA PRO D 40 -0.79 3.02 16.16
C PRO D 40 -0.29 3.06 17.61
N GLY D 41 1.00 2.76 17.79
CA GLY D 41 1.68 2.98 19.05
C GLY D 41 1.44 1.85 20.07
N LYS D 42 0.54 0.90 19.73
CA LYS D 42 0.35 -0.35 20.43
C LYS D 42 0.97 -1.49 19.61
N GLY D 43 1.34 -2.58 20.27
CA GLY D 43 1.92 -3.75 19.62
C GLY D 43 0.87 -4.55 18.85
N PRO D 44 1.25 -5.33 17.80
CA PRO D 44 0.27 -6.12 17.03
C PRO D 44 -0.49 -7.09 17.92
N ARG D 45 -1.75 -7.33 17.57
CA ARG D 45 -2.64 -8.10 18.43
C ARG D 45 -3.17 -9.27 17.63
N LEU D 46 -2.88 -10.49 18.08
CA LEU D 46 -3.29 -11.69 17.36
C LEU D 46 -4.81 -11.83 17.46
N LEU D 47 -5.48 -11.97 16.33
CA LEU D 47 -6.91 -12.22 16.32
C LEU D 47 -7.22 -13.66 15.91
N ILE D 48 -6.68 -14.07 14.74
CA ILE D 48 -6.94 -15.40 14.19
C ILE D 48 -5.61 -16.13 13.99
N HIS D 49 -5.61 -17.44 14.27
CA HIS D 49 -4.48 -18.30 13.96
C HIS D 49 -4.98 -19.60 13.37
N TYR D 50 -4.08 -20.28 12.67
CA TYR D 50 -4.40 -21.51 11.96
C TYR D 50 -5.65 -21.29 11.11
N THR D 51 -5.67 -20.17 10.37
CA THR D 51 -6.68 -19.85 9.35
C THR D 51 -8.01 -19.40 9.95
N SER D 52 -8.54 -20.12 10.94
CA SER D 52 -9.91 -19.87 11.38
C SER D 52 -10.07 -19.84 12.91
N THR D 53 -9.00 -20.01 13.68
CA THR D 53 -9.16 -20.11 15.13
C THR D 53 -9.16 -18.72 15.75
N LEU D 54 -10.14 -18.45 16.61
CA LEU D 54 -10.22 -17.19 17.34
C LEU D 54 -9.38 -17.27 18.60
N GLN D 55 -8.40 -16.35 18.71
CA GLN D 55 -7.61 -16.22 19.92
C GLN D 55 -8.46 -15.67 21.07
N PRO D 56 -8.45 -16.30 22.27
CA PRO D 56 -9.13 -15.77 23.46
C PRO D 56 -8.76 -14.31 23.68
N GLY D 57 -9.74 -13.52 24.18
CA GLY D 57 -9.59 -12.11 24.42
C GLY D 57 -10.19 -11.26 23.30
N ASN D 58 -10.82 -11.91 22.31
CA ASN D 58 -11.26 -11.23 21.10
C ASN D 58 -12.68 -11.66 20.76
N PRO D 59 -13.51 -10.76 20.15
CA PRO D 59 -14.89 -11.08 19.81
C PRO D 59 -14.98 -12.05 18.62
N SER D 60 -16.07 -12.83 18.57
CA SER D 60 -16.29 -13.80 17.50
C SER D 60 -16.79 -13.11 16.23
N ARG D 61 -16.80 -11.77 16.22
CA ARG D 61 -16.98 -10.99 15.00
C ARG D 61 -15.79 -11.14 14.06
N PHE D 62 -14.62 -11.55 14.59
CA PHE D 62 -13.44 -11.85 13.80
C PHE D 62 -13.49 -13.31 13.37
N SER D 63 -13.25 -13.58 12.07
CA SER D 63 -13.25 -14.93 11.53
C SER D 63 -12.32 -15.05 10.32
N GLY D 64 -11.98 -16.29 9.96
CA GLY D 64 -11.10 -16.55 8.83
C GLY D 64 -11.44 -17.87 8.16
N SER D 65 -11.08 -17.95 6.86
CA SER D 65 -11.33 -19.16 6.09
C SER D 65 -10.18 -19.35 5.09
N GLY D 66 -10.07 -20.58 4.58
CA GLY D 66 -9.25 -20.85 3.42
C GLY D 66 -8.36 -22.07 3.63
N SER D 67 -7.53 -22.36 2.63
CA SER D 67 -6.57 -23.44 2.65
C SER D 67 -5.61 -23.23 1.48
N GLY D 68 -4.57 -24.07 1.40
CA GLY D 68 -3.65 -24.04 0.27
C GLY D 68 -2.91 -22.69 0.25
N ARG D 69 -3.16 -21.91 -0.80
CA ARG D 69 -2.57 -20.59 -0.95
C ARG D 69 -3.58 -19.48 -0.65
N ASP D 70 -4.87 -19.79 -0.58
CA ASP D 70 -5.90 -18.76 -0.64
C ASP D 70 -6.68 -18.65 0.67
N TYR D 71 -6.69 -17.45 1.25
CA TYR D 71 -7.25 -17.22 2.57
C TYR D 71 -8.06 -15.93 2.60
N SER D 72 -8.95 -15.82 3.59
CA SER D 72 -9.68 -14.59 3.86
C SER D 72 -9.76 -14.38 5.38
N PHE D 73 -9.92 -13.11 5.77
CA PHE D 73 -10.23 -12.75 7.14
C PHE D 73 -11.37 -11.73 7.13
N SER D 74 -12.31 -11.88 8.06
CA SER D 74 -13.55 -11.12 8.05
C SER D 74 -13.84 -10.50 9.42
N ILE D 75 -14.49 -9.34 9.39
CA ILE D 75 -15.03 -8.65 10.54
C ILE D 75 -16.53 -8.50 10.29
N SER D 76 -17.35 -9.13 11.13
CA SER D 76 -18.80 -8.94 11.12
CA SER D 76 -18.80 -8.96 11.13
C SER D 76 -19.18 -7.87 12.12
N ASN D 77 -20.33 -7.24 11.89
CA ASN D 77 -20.87 -6.28 12.86
C ASN D 77 -19.81 -5.20 13.13
N LEU D 78 -19.38 -4.50 12.07
CA LEU D 78 -18.26 -3.55 12.16
C LEU D 78 -18.49 -2.50 13.25
N GLU D 79 -17.50 -2.29 14.12
CA GLU D 79 -17.58 -1.28 15.15
C GLU D 79 -16.56 -0.18 14.89
N ALA D 80 -16.79 0.99 15.49
CA ALA D 80 -15.98 2.15 15.24
C ALA D 80 -14.57 1.96 15.83
N GLU D 81 -14.45 1.08 16.84
CA GLU D 81 -13.16 0.79 17.46
C GLU D 81 -12.34 -0.21 16.64
N ASP D 82 -12.91 -0.79 15.57
CA ASP D 82 -12.18 -1.75 14.77
C ASP D 82 -11.18 -1.08 13.82
N ILE D 83 -11.16 0.26 13.77
CA ILE D 83 -10.21 0.99 12.94
C ILE D 83 -8.79 0.63 13.40
N ALA D 84 -7.99 0.22 12.42
CA ALA D 84 -6.67 -0.36 12.62
C ALA D 84 -6.13 -0.76 11.26
N ILE D 85 -4.85 -1.11 11.20
CA ILE D 85 -4.29 -1.79 10.05
C ILE D 85 -4.17 -3.28 10.39
N TYR D 86 -4.74 -4.13 9.54
CA TYR D 86 -4.78 -5.57 9.78
C TYR D 86 -3.81 -6.24 8.83
N TYR D 87 -3.13 -7.29 9.33
CA TYR D 87 -2.08 -7.94 8.58
C TYR D 87 -2.28 -9.44 8.62
N CYS D 88 -2.08 -10.10 7.47
CA CYS D 88 -1.90 -11.54 7.46
C CYS D 88 -0.42 -11.82 7.67
N LEU D 89 -0.15 -13.02 8.20
CA LEU D 89 1.20 -13.50 8.41
C LEU D 89 1.20 -14.99 8.08
N GLN D 90 2.12 -15.44 7.20
CA GLN D 90 2.37 -16.87 7.03
C GLN D 90 3.54 -17.29 7.91
N TYR D 91 3.41 -18.46 8.56
CA TYR D 91 4.45 -19.03 9.42
C TYR D 91 4.65 -20.50 9.07
N ASP D 92 4.39 -20.86 7.81
CA ASP D 92 4.71 -22.17 7.29
C ASP D 92 6.22 -22.38 7.27
N ASN D 93 6.97 -21.31 7.00
CA ASN D 93 8.41 -21.33 6.87
C ASN D 93 8.99 -20.55 8.05
N LEU D 94 10.24 -20.87 8.42
CA LEU D 94 10.97 -20.15 9.45
C LEU D 94 11.10 -18.67 9.07
N GLN D 95 11.22 -18.42 7.76
CA GLN D 95 11.23 -17.08 7.21
C GLN D 95 9.78 -16.59 7.10
N ARG D 96 9.20 -16.18 8.23
CA ARG D 96 7.82 -15.75 8.24
C ARG D 96 7.74 -14.41 7.51
N THR D 97 6.65 -14.22 6.75
CA THR D 97 6.45 -12.99 6.00
C THR D 97 5.03 -12.48 6.20
N PHE D 98 4.88 -11.15 6.07
CA PHE D 98 3.60 -10.51 6.31
C PHE D 98 3.00 -10.07 4.98
N GLY D 99 1.66 -10.04 4.95
CA GLY D 99 0.94 -9.26 3.95
C GLY D 99 1.26 -7.77 4.10
N GLY D 100 0.90 -7.02 3.06
CA GLY D 100 1.16 -5.58 3.00
C GLY D 100 0.25 -4.76 3.92
N GLY D 101 -0.83 -5.36 4.41
CA GLY D 101 -1.70 -4.71 5.39
C GLY D 101 -2.97 -4.12 4.76
N THR D 102 -4.02 -3.96 5.58
CA THR D 102 -5.27 -3.34 5.17
C THR D 102 -5.62 -2.30 6.23
N LYS D 103 -5.67 -1.04 5.79
CA LYS D 103 -6.30 0.00 6.58
C LYS D 103 -7.83 -0.13 6.51
N VAL D 104 -8.44 -0.33 7.69
CA VAL D 104 -9.88 -0.36 7.85
C VAL D 104 -10.37 0.97 8.40
N GLU D 105 -11.29 1.61 7.65
CA GLU D 105 -11.84 2.92 7.98
C GLU D 105 -13.36 2.80 8.05
N ILE D 106 -14.00 3.72 8.80
CA ILE D 106 -15.45 3.75 8.88
C ILE D 106 -15.98 4.77 7.87
N LYS D 107 -16.93 4.33 7.05
CA LYS D 107 -17.72 5.19 6.21
C LYS D 107 -18.91 5.65 7.05
N ARG D 108 -19.15 6.95 7.08
CA ARG D 108 -20.29 7.48 7.82
C ARG D 108 -20.89 8.67 7.06
N ALA D 109 -21.97 9.23 7.62
CA ALA D 109 -22.66 10.37 7.03
C ALA D 109 -21.74 11.58 6.99
N ASP D 110 -21.94 12.45 5.99
CA ASP D 110 -21.12 13.64 5.85
C ASP D 110 -21.38 14.59 7.01
N ALA D 111 -20.31 15.26 7.46
CA ALA D 111 -20.38 16.22 8.55
C ALA D 111 -19.58 17.47 8.19
N ALA D 112 -20.15 18.64 8.46
CA ALA D 112 -19.45 19.88 8.21
C ALA D 112 -18.51 20.17 9.38
N PRO D 113 -17.36 20.84 9.13
CA PRO D 113 -16.42 21.21 10.19
C PRO D 113 -16.91 22.38 11.03
N THR D 114 -16.55 22.38 12.32
CA THR D 114 -16.57 23.60 13.12
C THR D 114 -15.20 24.27 13.01
N VAL D 115 -15.19 25.48 12.47
CA VAL D 115 -13.95 26.19 12.18
C VAL D 115 -13.79 27.33 13.17
N SER D 116 -12.60 27.43 13.79
CA SER D 116 -12.28 28.47 14.76
C SER D 116 -10.91 29.07 14.44
N ILE D 117 -10.81 30.39 14.58
CA ILE D 117 -9.58 31.09 14.24
C ILE D 117 -8.98 31.65 15.53
N PHE D 118 -7.65 31.62 15.58
CA PHE D 118 -6.91 32.04 16.77
C PHE D 118 -5.77 32.96 16.32
N PRO D 119 -5.74 34.22 16.80
CA PRO D 119 -4.60 35.10 16.51
C PRO D 119 -3.39 34.63 17.32
N PRO D 120 -2.17 35.10 17.03
CA PRO D 120 -1.01 34.75 17.86
C PRO D 120 -1.24 35.23 19.30
N SER D 121 -0.73 34.47 20.26
CA SER D 121 -0.80 34.83 21.67
C SER D 121 0.08 36.03 21.95
N SER D 122 -0.16 36.67 23.11
CA SER D 122 0.67 37.77 23.56
C SER D 122 2.10 37.28 23.73
N GLU D 123 2.25 36.09 24.33
CA GLU D 123 3.55 35.56 24.70
C GLU D 123 4.36 35.22 23.45
N GLN D 124 3.71 34.67 22.42
CA GLN D 124 4.41 34.38 21.18
C GLN D 124 4.87 35.69 20.55
N LEU D 125 4.00 36.70 20.53
CA LEU D 125 4.40 37.97 19.93
C LEU D 125 5.61 38.55 20.65
N THR D 126 5.61 38.47 21.99
CA THR D 126 6.66 39.04 22.82
C THR D 126 8.01 38.35 22.52
N SER D 127 7.96 37.10 22.05
CA SER D 127 9.17 36.39 21.66
C SER D 127 9.60 36.76 20.24
N GLY D 128 8.66 37.28 19.43
CA GLY D 128 9.01 37.84 18.14
C GLY D 128 8.47 37.02 16.97
N GLY D 129 7.76 35.91 17.24
CA GLY D 129 7.08 35.15 16.19
C GLY D 129 5.57 35.38 16.24
N ALA D 130 4.86 34.89 15.21
CA ALA D 130 3.42 35.09 15.10
C ALA D 130 2.78 33.98 14.28
N SER D 131 2.16 33.01 14.97
CA SER D 131 1.52 31.87 14.32
C SER D 131 0.00 32.06 14.38
N VAL D 132 -0.66 31.90 13.22
CA VAL D 132 -2.11 31.99 13.15
C VAL D 132 -2.65 30.58 12.97
N VAL D 133 -3.74 30.24 13.65
CA VAL D 133 -4.20 28.86 13.65
C VAL D 133 -5.70 28.83 13.40
N CYS D 134 -6.14 27.90 12.52
CA CYS D 134 -7.54 27.56 12.38
C CYS D 134 -7.76 26.08 12.71
N PHE D 135 -8.76 25.81 13.55
CA PHE D 135 -9.17 24.45 13.87
C PHE D 135 -10.41 24.12 13.05
N LEU D 136 -10.35 22.98 12.37
CA LEU D 136 -11.45 22.45 11.58
C LEU D 136 -11.83 21.12 12.23
N ASN D 137 -12.88 21.12 13.07
CA ASN D 137 -13.12 20.00 13.97
C ASN D 137 -14.36 19.21 13.56
N ASN D 138 -14.23 17.89 13.63
CA ASN D 138 -15.34 16.94 13.56
C ASN D 138 -16.06 17.01 12.22
N PHE D 139 -15.32 16.76 11.13
CA PHE D 139 -15.91 16.69 9.79
C PHE D 139 -15.74 15.31 9.17
N TYR D 140 -16.53 15.04 8.12
CA TYR D 140 -16.40 13.85 7.32
C TYR D 140 -17.01 14.13 5.94
N PRO D 141 -16.35 13.80 4.81
CA PRO D 141 -15.13 13.01 4.78
C PRO D 141 -13.84 13.76 5.10
N LYS D 142 -12.73 13.02 5.14
CA LYS D 142 -11.45 13.53 5.60
C LYS D 142 -10.94 14.64 4.70
N ASP D 143 -11.21 14.55 3.40
CA ASP D 143 -10.62 15.47 2.44
C ASP D 143 -11.23 16.85 2.67
N ILE D 144 -10.35 17.84 2.83
CA ILE D 144 -10.77 19.21 3.07
C ILE D 144 -9.65 20.12 2.56
N ASN D 145 -10.03 21.31 2.10
CA ASN D 145 -9.05 22.27 1.62
C ASN D 145 -9.03 23.50 2.53
N VAL D 146 -7.83 23.90 2.94
CA VAL D 146 -7.68 25.12 3.71
C VAL D 146 -6.89 26.10 2.86
N LYS D 147 -7.45 27.31 2.76
CA LYS D 147 -6.85 28.41 2.03
C LYS D 147 -6.67 29.58 2.99
N TRP D 148 -5.44 30.09 3.08
CA TRP D 148 -5.14 31.28 3.86
C TRP D 148 -5.09 32.50 2.95
N LYS D 149 -5.65 33.62 3.41
CA LYS D 149 -5.52 34.89 2.72
C LYS D 149 -4.98 35.94 3.70
N ILE D 150 -4.02 36.74 3.23
CA ILE D 150 -3.47 37.87 3.97
C ILE D 150 -3.81 39.16 3.21
N ASP D 151 -4.56 40.07 3.84
CA ASP D 151 -5.01 41.27 3.16
C ASP D 151 -5.72 40.88 1.84
N GLY D 152 -6.38 39.71 1.85
CA GLY D 152 -7.18 39.28 0.72
C GLY D 152 -6.41 38.43 -0.29
N SER D 153 -5.08 38.37 -0.20
CA SER D 153 -4.28 37.65 -1.19
C SER D 153 -3.89 36.28 -0.64
N GLU D 154 -3.99 35.25 -1.49
CA GLU D 154 -3.68 33.90 -1.04
C GLU D 154 -2.21 33.80 -0.63
N ARG D 155 -1.95 33.08 0.47
CA ARG D 155 -0.63 32.65 0.88
C ARG D 155 -0.60 31.12 0.91
N GLN D 156 0.15 30.51 -0.01
CA GLN D 156 0.07 29.07 -0.12
C GLN D 156 1.21 28.39 0.66
N ASN D 157 2.39 29.00 0.76
CA ASN D 157 3.52 28.29 1.35
C ASN D 157 3.59 28.63 2.84
N GLY D 158 4.25 27.74 3.60
CA GLY D 158 4.48 27.92 5.03
C GLY D 158 3.27 27.57 5.91
N VAL D 159 2.35 26.73 5.41
CA VAL D 159 1.17 26.35 6.16
C VAL D 159 1.30 24.90 6.59
N LEU D 160 1.06 24.66 7.88
CA LEU D 160 1.11 23.33 8.46
C LEU D 160 -0.31 22.80 8.69
N ASN D 161 -0.71 21.82 7.87
CA ASN D 161 -2.02 21.19 7.96
C ASN D 161 -1.86 19.77 8.50
N SER D 162 -2.40 19.51 9.70
CA SER D 162 -2.33 18.20 10.35
C SER D 162 -3.72 17.65 10.64
N TRP D 163 -4.00 16.46 10.07
CA TRP D 163 -5.22 15.71 10.29
C TRP D 163 -5.03 14.73 11.45
N THR D 164 -6.05 14.62 12.32
CA THR D 164 -6.19 13.47 13.21
C THR D 164 -6.47 12.22 12.39
N ASP D 165 -6.11 11.05 12.95
CA ASP D 165 -6.70 9.80 12.47
C ASP D 165 -8.18 9.77 12.87
N GLN D 166 -8.92 8.86 12.24
CA GLN D 166 -10.35 8.81 12.41
C GLN D 166 -10.69 8.59 13.88
N ASP D 167 -11.64 9.39 14.35
CA ASP D 167 -12.15 9.27 15.71
C ASP D 167 -12.75 7.89 15.85
N SER D 168 -12.42 7.18 16.93
CA SER D 168 -12.98 5.85 17.14
C SER D 168 -14.37 5.96 17.79
N LYS D 169 -14.84 7.19 18.03
CA LYS D 169 -16.12 7.41 18.68
C LYS D 169 -17.17 7.91 17.69
N ASP D 170 -16.93 8.99 16.93
CA ASP D 170 -17.93 9.47 15.99
C ASP D 170 -17.48 9.24 14.54
N SER D 171 -16.31 8.62 14.34
CA SER D 171 -15.81 8.29 13.00
C SER D 171 -15.54 9.55 12.17
N THR D 172 -15.35 10.70 12.84
CA THR D 172 -15.07 11.97 12.18
C THR D 172 -13.56 12.24 12.24
N TYR D 173 -13.14 13.30 11.56
CA TYR D 173 -11.74 13.71 11.52
C TYR D 173 -11.67 15.17 11.92
N SER D 174 -10.50 15.61 12.40
CA SER D 174 -10.31 17.01 12.67
C SER D 174 -8.99 17.43 12.04
N MET D 175 -8.85 18.73 11.76
CA MET D 175 -7.64 19.23 11.13
C MET D 175 -7.28 20.58 11.73
N SER D 176 -5.98 20.76 11.99
CA SER D 176 -5.40 22.02 12.46
C SER D 176 -4.59 22.66 11.34
N SER D 177 -4.82 23.96 11.09
CA SER D 177 -4.08 24.67 10.04
C SER D 177 -3.33 25.82 10.70
N THR D 178 -2.00 25.82 10.57
CA THR D 178 -1.14 26.78 11.24
C THR D 178 -0.27 27.51 10.22
N LEU D 179 -0.36 28.85 10.21
CA LEU D 179 0.47 29.70 9.37
C LEU D 179 1.49 30.40 10.25
N THR D 180 2.79 30.14 9.98
CA THR D 180 3.86 30.67 10.79
C THR D 180 4.47 31.92 10.15
N LEU D 181 4.40 33.04 10.85
CA LEU D 181 5.02 34.28 10.39
C LEU D 181 5.99 34.76 11.46
N THR D 182 6.79 35.75 11.08
CA THR D 182 7.51 36.55 12.05
C THR D 182 6.52 37.60 12.57
N LYS D 183 6.82 38.15 13.74
CA LYS D 183 6.07 39.28 14.26
C LYS D 183 6.06 40.40 13.22
N ASP D 184 7.20 40.59 12.56
CA ASP D 184 7.39 41.69 11.63
C ASP D 184 6.38 41.58 10.47
N GLU D 185 6.33 40.39 9.86
CA GLU D 185 5.43 40.11 8.77
C GLU D 185 3.98 40.29 9.24
N TYR D 186 3.66 39.73 10.41
CA TYR D 186 2.30 39.76 10.94
C TYR D 186 1.83 41.21 11.05
N GLU D 187 2.75 42.10 11.43
CA GLU D 187 2.38 43.49 11.68
C GLU D 187 2.50 44.32 10.40
N ARG D 188 2.75 43.68 9.26
CA ARG D 188 2.74 44.37 7.98
C ARG D 188 1.35 44.32 7.35
N HIS D 189 0.47 43.45 7.89
CA HIS D 189 -0.84 43.23 7.28
C HIS D 189 -1.91 43.40 8.34
N ASN D 190 -3.18 43.50 7.90
CA ASN D 190 -4.30 43.74 8.79
C ASN D 190 -5.27 42.56 8.79
N SER D 191 -5.63 42.05 7.60
CA SER D 191 -6.66 41.02 7.49
C SER D 191 -6.02 39.63 7.38
N TYR D 192 -6.55 38.69 8.16
CA TYR D 192 -6.10 37.30 8.12
C TYR D 192 -7.30 36.37 8.04
N THR D 193 -7.34 35.53 6.99
CA THR D 193 -8.52 34.70 6.73
C THR D 193 -8.09 33.26 6.47
N CYS D 194 -8.83 32.32 7.04
CA CYS D 194 -8.72 30.91 6.69
C CYS D 194 -10.03 30.45 6.07
N GLU D 195 -9.94 29.86 4.87
CA GLU D 195 -11.09 29.39 4.12
C GLU D 195 -11.09 27.87 4.12
N ALA D 196 -12.19 27.27 4.58
CA ALA D 196 -12.38 25.83 4.61
C ALA D 196 -13.35 25.39 3.51
N THR D 197 -12.84 24.64 2.53
CA THR D 197 -13.63 24.04 1.46
C THR D 197 -13.85 22.57 1.79
N HIS D 198 -15.12 22.21 1.99
CA HIS D 198 -15.54 20.84 2.25
C HIS D 198 -16.77 20.58 1.40
N LYS D 199 -16.99 19.31 1.02
CA LYS D 199 -18.08 18.96 0.11
C LYS D 199 -19.44 19.22 0.76
N THR D 200 -19.47 19.38 2.09
CA THR D 200 -20.72 19.67 2.78
C THR D 200 -21.31 20.97 2.25
N SER D 201 -20.48 21.98 1.94
CA SER D 201 -20.97 23.23 1.38
CA SER D 201 -20.93 23.26 1.41
C SER D 201 -20.20 23.61 0.12
N THR D 202 -20.87 24.33 -0.78
CA THR D 202 -20.26 24.77 -2.03
C THR D 202 -19.54 26.08 -1.74
N SER D 203 -20.04 26.81 -0.74
CA SER D 203 -19.42 28.03 -0.27
C SER D 203 -18.40 27.70 0.81
N PRO D 204 -17.21 28.33 0.83
CA PRO D 204 -16.23 28.07 1.88
C PRO D 204 -16.76 28.52 3.24
N ILE D 205 -16.35 27.82 4.30
CA ILE D 205 -16.48 28.35 5.66
C ILE D 205 -15.27 29.25 5.86
N VAL D 206 -15.55 30.53 6.16
CA VAL D 206 -14.53 31.56 6.25
C VAL D 206 -14.46 32.07 7.68
N LYS D 207 -13.22 32.15 8.19
CA LYS D 207 -12.94 32.73 9.49
C LYS D 207 -11.85 33.77 9.30
N SER D 208 -12.10 34.99 9.79
CA SER D 208 -11.21 36.10 9.51
C SER D 208 -11.17 37.05 10.70
N PHE D 209 -9.99 37.62 10.94
CA PHE D 209 -9.82 38.65 11.95
C PHE D 209 -8.89 39.74 11.42
N ASN D 210 -9.01 40.93 12.02
CA ASN D 210 -8.18 42.08 11.68
C ASN D 210 -7.33 42.38 12.90
N ARG D 211 -5.99 42.34 12.73
CA ARG D 211 -5.06 42.37 13.84
C ARG D 211 -5.69 43.08 15.06
N GLN E 1 1.55 -11.85 32.72
CA GLN E 1 1.88 -13.25 32.33
C GLN E 1 3.06 -13.23 31.35
N ILE E 2 2.85 -13.70 30.12
CA ILE E 2 3.91 -13.71 29.13
C ILE E 2 4.01 -12.32 28.53
N GLN E 3 5.21 -11.76 28.61
CA GLN E 3 5.47 -10.40 28.16
C GLN E 3 6.80 -10.36 27.41
N LEU E 4 6.81 -9.58 26.32
CA LEU E 4 8.02 -9.02 25.75
C LEU E 4 8.03 -7.53 26.01
N VAL E 5 9.04 -7.06 26.74
CA VAL E 5 9.10 -5.67 27.15
C VAL E 5 10.36 -5.06 26.57
N GLN E 6 10.18 -4.04 25.74
CA GLN E 6 11.27 -3.51 24.95
C GLN E 6 11.80 -2.26 25.63
N SER E 7 12.96 -1.82 25.13
CA SER E 7 13.61 -0.61 25.59
C SER E 7 12.90 0.60 24.99
N GLY E 8 13.22 1.77 25.56
CA GLY E 8 12.51 3.00 25.27
C GLY E 8 12.89 3.61 23.94
N PRO E 9 12.23 4.74 23.57
CA PRO E 9 12.49 5.43 22.30
C PRO E 9 13.91 5.97 22.25
N GLU E 10 14.47 6.00 21.03
CA GLU E 10 15.89 6.23 20.81
C GLU E 10 16.09 7.35 19.79
N LEU E 11 17.03 8.25 20.08
CA LEU E 11 17.45 9.30 19.16
C LEU E 11 18.95 9.15 18.88
N LYS E 12 19.30 9.06 17.60
CA LYS E 12 20.70 8.94 17.18
C LYS E 12 20.91 9.82 15.95
N LYS E 13 22.18 10.18 15.73
CA LYS E 13 22.62 10.87 14.53
C LYS E 13 23.01 9.84 13.48
N PRO E 14 22.92 10.20 12.17
CA PRO E 14 23.41 9.31 11.11
C PRO E 14 24.85 8.88 11.38
N GLY E 15 25.15 7.61 11.14
CA GLY E 15 26.49 7.07 11.37
C GLY E 15 26.58 6.29 12.67
N GLU E 16 25.70 6.60 13.64
CA GLU E 16 25.80 6.06 14.99
C GLU E 16 25.27 4.63 15.06
N THR E 17 25.37 4.00 16.23
CA THR E 17 24.86 2.66 16.46
C THR E 17 23.82 2.70 17.59
N VAL E 18 22.84 1.79 17.53
CA VAL E 18 21.74 1.74 18.49
C VAL E 18 21.55 0.28 18.95
N LYS E 19 21.05 0.10 20.17
CA LYS E 19 20.86 -1.24 20.71
C LYS E 19 19.52 -1.32 21.43
N ILE E 20 18.64 -2.15 20.88
CA ILE E 20 17.28 -2.29 21.40
C ILE E 20 17.25 -3.61 22.16
N SER E 21 16.71 -3.58 23.37
CA SER E 21 16.62 -4.78 24.19
C SER E 21 15.17 -5.25 24.23
N CYS E 22 14.99 -6.56 24.40
CA CYS E 22 13.68 -7.18 24.48
C CYS E 22 13.71 -8.22 25.59
N LYS E 23 13.02 -7.90 26.70
CA LYS E 23 13.06 -8.71 27.90
C LYS E 23 11.79 -9.55 27.98
N ALA E 24 11.97 -10.87 27.98
CA ALA E 24 10.89 -11.84 28.00
C ALA E 24 10.61 -12.30 29.44
N SER E 25 9.34 -12.68 29.70
CA SER E 25 8.93 -13.29 30.94
C SER E 25 7.80 -14.27 30.67
N GLY E 26 7.75 -15.33 31.50
CA GLY E 26 6.57 -16.17 31.66
C GLY E 26 6.63 -17.47 30.85
N TYR E 27 7.82 -17.80 30.32
CA TYR E 27 8.05 -19.07 29.64
C TYR E 27 9.55 -19.36 29.56
N THR E 28 9.91 -20.61 29.21
CA THR E 28 11.31 -20.98 29.08
C THR E 28 11.89 -20.35 27.81
N PHE E 29 12.82 -19.40 27.99
CA PHE E 29 13.27 -18.52 26.94
C PHE E 29 13.78 -19.31 25.73
N THR E 30 14.48 -20.41 25.98
CA THR E 30 15.13 -21.18 24.93
C THR E 30 14.13 -22.06 24.17
N ASP E 31 12.82 -21.98 24.45
CA ASP E 31 11.81 -22.79 23.75
C ASP E 31 11.20 -22.07 22.54
N TYR E 32 11.63 -20.84 22.26
CA TYR E 32 11.17 -20.14 21.07
C TYR E 32 12.25 -19.25 20.51
N SER E 33 12.43 -19.33 19.18
CA SER E 33 13.17 -18.33 18.42
C SER E 33 12.56 -16.96 18.64
N MET E 34 13.42 -15.94 18.61
CA MET E 34 12.95 -14.57 18.72
C MET E 34 13.01 -13.91 17.34
N TYR E 35 11.90 -13.29 16.96
CA TYR E 35 11.80 -12.59 15.68
C TYR E 35 11.85 -11.07 15.91
N TRP E 36 12.52 -10.38 15.00
CA TRP E 36 12.58 -8.92 14.98
C TRP E 36 11.92 -8.39 13.72
N VAL E 37 11.07 -7.36 13.86
CA VAL E 37 10.25 -6.83 12.79
C VAL E 37 10.41 -5.31 12.75
N LYS E 38 10.50 -4.77 11.53
CA LYS E 38 10.61 -3.33 11.33
C LYS E 38 9.27 -2.77 10.85
N GLN E 39 8.76 -1.75 11.55
CA GLN E 39 7.60 -1.00 11.11
C GLN E 39 8.06 0.34 10.56
N ALA E 40 7.91 0.54 9.25
CA ALA E 40 8.31 1.78 8.59
C ALA E 40 7.07 2.48 8.05
N PRO E 41 7.05 3.83 8.00
CA PRO E 41 5.92 4.57 7.44
C PRO E 41 5.51 4.01 6.08
N GLY E 42 4.27 3.51 5.98
CA GLY E 42 3.71 3.05 4.73
C GLY E 42 4.29 1.72 4.25
N LYS E 43 5.13 1.07 5.06
CA LYS E 43 5.85 -0.10 4.59
C LYS E 43 5.49 -1.30 5.47
N GLY E 44 4.32 -1.21 6.14
CA GLY E 44 3.75 -2.29 6.93
C GLY E 44 4.74 -2.86 7.95
N LEU E 45 4.68 -4.18 8.13
CA LEU E 45 5.58 -4.88 9.05
C LEU E 45 6.52 -5.74 8.21
N LYS E 46 7.82 -5.67 8.50
CA LYS E 46 8.83 -6.39 7.73
C LYS E 46 9.73 -7.23 8.64
N ARG E 47 9.95 -8.49 8.26
CA ARG E 47 10.85 -9.34 9.01
C ARG E 47 12.28 -8.91 8.76
N MET E 48 13.01 -8.61 9.84
CA MET E 48 14.42 -8.30 9.76
C MET E 48 15.23 -9.58 9.84
N GLY E 49 14.77 -10.51 10.67
CA GLY E 49 15.53 -11.71 10.99
C GLY E 49 15.01 -12.35 12.29
N TRP E 50 15.57 -13.50 12.62
CA TRP E 50 15.26 -14.21 13.85
C TRP E 50 16.54 -14.82 14.41
N ILE E 51 16.49 -15.21 15.69
CA ILE E 51 17.65 -15.76 16.37
C ILE E 51 17.21 -17.01 17.12
N ASN E 52 18.03 -18.05 17.03
CA ASN E 52 17.84 -19.27 17.78
C ASN E 52 18.24 -18.99 19.23
N THR E 53 17.27 -19.03 20.15
CA THR E 53 17.49 -18.64 21.54
C THR E 53 18.37 -19.65 22.27
N GLU E 54 18.48 -20.89 21.76
CA GLU E 54 19.35 -21.88 22.38
C GLU E 54 20.80 -21.78 21.89
N THR E 55 21.00 -21.56 20.59
CA THR E 55 22.31 -21.65 19.97
C THR E 55 22.93 -20.26 19.80
N GLY E 56 22.08 -19.22 19.71
CA GLY E 56 22.52 -17.86 19.48
C GLY E 56 22.72 -17.56 17.99
N GLU E 57 22.38 -18.52 17.12
CA GLU E 57 22.66 -18.38 15.70
C GLU E 57 21.55 -17.51 15.10
N PRO E 58 21.90 -16.35 14.48
CA PRO E 58 20.93 -15.47 13.84
C PRO E 58 20.76 -15.74 12.35
N THR E 59 19.54 -15.54 11.84
CA THR E 59 19.26 -15.59 10.42
C THR E 59 18.60 -14.27 10.02
N TYR E 60 19.26 -13.48 9.16
CA TYR E 60 18.78 -12.15 8.79
C TYR E 60 18.05 -12.24 7.45
N ALA E 61 17.16 -11.30 7.17
CA ALA E 61 16.59 -11.15 5.83
C ALA E 61 17.58 -10.38 4.95
N ASP E 62 17.37 -10.46 3.62
CA ASP E 62 18.27 -9.87 2.64
C ASP E 62 18.45 -8.37 2.89
N ASP E 63 17.35 -7.67 3.21
CA ASP E 63 17.39 -6.23 3.35
C ASP E 63 18.04 -5.79 4.65
N PHE E 64 18.46 -6.75 5.48
CA PHE E 64 19.02 -6.47 6.80
C PHE E 64 20.34 -7.21 6.92
N LYS E 65 21.34 -6.69 6.19
CA LYS E 65 22.68 -7.27 6.17
C LYS E 65 23.68 -6.23 6.65
N GLY E 66 24.81 -6.71 7.20
CA GLY E 66 25.94 -5.85 7.52
C GLY E 66 25.76 -5.09 8.83
N ARG E 67 24.87 -4.10 8.83
CA ARG E 67 24.70 -3.17 9.93
C ARG E 67 23.67 -3.67 10.94
N PHE E 68 23.27 -4.94 10.82
CA PHE E 68 22.27 -5.52 11.71
C PHE E 68 22.89 -6.70 12.46
N ALA E 69 22.73 -6.71 13.78
CA ALA E 69 23.19 -7.83 14.61
C ALA E 69 22.13 -8.17 15.65
N LEU E 70 21.75 -9.47 15.71
CA LEU E 70 20.87 -9.99 16.73
C LEU E 70 21.74 -10.73 17.75
N SER E 71 21.55 -10.43 19.04
CA SER E 71 22.33 -11.05 20.10
C SER E 71 21.40 -11.47 21.25
N LEU E 72 21.94 -12.20 22.23
CA LEU E 72 21.15 -12.73 23.33
C LEU E 72 21.88 -12.64 24.67
N ASP E 73 21.10 -12.49 25.76
CA ASP E 73 21.51 -12.84 27.11
C ASP E 73 20.50 -13.86 27.65
N THR E 74 20.75 -15.15 27.42
CA THR E 74 19.74 -16.18 27.68
C THR E 74 19.37 -16.26 29.16
N SER E 75 20.38 -16.11 30.02
CA SER E 75 20.21 -16.16 31.46
CA SER E 75 20.21 -16.16 31.46
C SER E 75 19.28 -15.04 31.93
N ALA E 76 19.33 -13.90 31.23
CA ALA E 76 18.50 -12.75 31.56
C ALA E 76 17.25 -12.70 30.67
N SER E 77 16.99 -13.76 29.90
CA SER E 77 15.85 -13.84 29.01
CA SER E 77 15.85 -13.84 29.00
C SER E 77 15.68 -12.56 28.18
N THR E 78 16.78 -12.07 27.64
CA THR E 78 16.79 -10.82 26.90
C THR E 78 17.41 -11.06 25.52
N ALA E 79 16.73 -10.57 24.48
CA ALA E 79 17.28 -10.51 23.12
C ALA E 79 17.61 -9.06 22.79
N TYR E 80 18.63 -8.86 21.95
CA TYR E 80 19.09 -7.52 21.58
C TYR E 80 19.08 -7.37 20.05
N LEU E 81 18.72 -6.17 19.58
CA LEU E 81 18.86 -5.77 18.19
C LEU E 81 19.84 -4.60 18.12
N HIS E 82 20.93 -4.79 17.37
CA HIS E 82 21.98 -3.79 17.24
C HIS E 82 22.07 -3.37 15.77
N ILE E 83 21.82 -2.08 15.48
CA ILE E 83 21.91 -1.54 14.13
C ILE E 83 23.06 -0.54 14.09
N SER E 84 23.95 -0.66 13.09
CA SER E 84 25.12 0.22 13.00
C SER E 84 24.97 1.15 11.81
N ASN E 85 25.88 2.14 11.71
CA ASN E 85 25.92 3.08 10.60
C ASN E 85 24.51 3.58 10.28
N LEU E 86 23.82 4.11 11.29
CA LEU E 86 22.41 4.47 11.18
C LEU E 86 22.20 5.43 10.01
N LYS E 87 21.13 5.19 9.23
CA LYS E 87 20.74 6.06 8.14
C LYS E 87 19.27 6.45 8.32
N ASN E 88 18.79 7.41 7.52
CA ASN E 88 17.44 7.92 7.65
C ASN E 88 16.41 6.80 7.44
N GLU E 89 16.77 5.82 6.62
CA GLU E 89 15.95 4.65 6.32
C GLU E 89 15.69 3.84 7.58
N ASP E 90 16.59 3.94 8.58
CA ASP E 90 16.50 3.16 9.80
C ASP E 90 15.53 3.82 10.80
N THR E 91 15.03 5.03 10.49
CA THR E 91 14.04 5.67 11.34
C THR E 91 12.75 4.86 11.24
N ALA E 92 12.33 4.26 12.35
CA ALA E 92 11.20 3.34 12.35
C ALA E 92 10.95 2.75 13.74
N THR E 93 9.86 1.98 13.87
CA THR E 93 9.53 1.31 15.10
C THR E 93 9.96 -0.15 14.97
N TYR E 94 10.65 -0.68 15.98
CA TYR E 94 11.21 -2.01 15.95
C TYR E 94 10.49 -2.87 16.98
N PHE E 95 10.18 -4.11 16.61
CA PHE E 95 9.39 -5.00 17.45
C PHE E 95 10.12 -6.33 17.56
N CYS E 96 10.08 -6.92 18.76
CA CYS E 96 10.43 -8.32 18.97
C CYS E 96 9.13 -9.12 19.05
N ALA E 97 9.19 -10.40 18.66
CA ALA E 97 8.04 -11.30 18.70
C ALA E 97 8.52 -12.74 18.85
N ARG E 98 7.72 -13.56 19.55
CA ARG E 98 7.95 -14.99 19.68
C ARG E 98 6.60 -15.69 19.55
N GLY E 99 6.57 -16.92 19.01
CA GLY E 99 5.33 -17.63 18.77
C GLY E 99 4.40 -16.83 17.87
N LEU E 100 3.08 -16.99 18.06
CA LEU E 100 2.11 -16.25 17.26
C LEU E 100 1.44 -15.16 18.09
N ASP E 101 1.61 -15.22 19.41
CA ASP E 101 0.72 -14.49 20.33
C ASP E 101 1.46 -13.49 21.20
N SER E 102 2.79 -13.37 21.04
CA SER E 102 3.59 -12.48 21.88
C SER E 102 4.31 -11.45 21.01
N TRP E 103 4.04 -10.18 21.29
CA TRP E 103 4.72 -9.08 20.62
C TRP E 103 5.23 -8.08 21.66
N GLY E 104 6.41 -7.53 21.44
CA GLY E 104 6.85 -6.36 22.17
C GLY E 104 6.01 -5.15 21.80
N GLN E 105 6.18 -4.06 22.55
CA GLN E 105 5.31 -2.91 22.40
C GLN E 105 5.85 -1.97 21.31
N GLY E 106 7.06 -2.24 20.81
CA GLY E 106 7.69 -1.40 19.81
C GLY E 106 8.73 -0.46 20.42
N THR E 107 9.83 -0.27 19.71
CA THR E 107 10.83 0.73 20.09
C THR E 107 11.06 1.68 18.92
N SER E 108 10.69 2.96 19.10
CA SER E 108 10.80 3.93 18.03
C SER E 108 12.23 4.48 17.98
N VAL E 109 12.85 4.47 16.80
CA VAL E 109 14.19 5.00 16.61
C VAL E 109 14.15 6.15 15.60
N THR E 110 14.74 7.28 16.00
CA THR E 110 14.83 8.49 15.19
C THR E 110 16.28 8.72 14.80
N VAL E 111 16.61 8.70 13.52
CA VAL E 111 17.94 9.11 13.12
C VAL E 111 17.84 10.50 12.50
N SER E 112 18.63 11.41 13.05
CA SER E 112 18.46 12.83 12.78
C SER E 112 19.66 13.57 13.33
N SER E 113 20.01 14.68 12.67
CA SER E 113 21.10 15.55 13.08
C SER E 113 20.59 16.65 14.01
N ALA E 114 19.27 16.78 14.15
CA ALA E 114 18.67 17.73 15.07
C ALA E 114 19.11 17.43 16.50
N LYS E 115 19.15 18.48 17.34
CA LYS E 115 19.45 18.30 18.76
C LYS E 115 18.15 18.38 19.55
N THR E 116 18.14 17.69 20.69
CA THR E 116 16.96 17.69 21.56
C THR E 116 16.66 19.13 21.93
N THR E 117 15.38 19.48 21.86
CA THR E 117 14.91 20.84 22.03
C THR E 117 13.54 20.82 22.68
N PRO E 118 13.36 21.49 23.84
CA PRO E 118 12.05 21.58 24.48
C PRO E 118 11.04 22.48 23.75
N PRO E 119 9.73 22.16 23.82
CA PRO E 119 8.68 22.99 23.22
C PRO E 119 8.36 24.30 23.92
N SER E 120 8.18 25.35 23.11
CA SER E 120 7.38 26.52 23.50
C SER E 120 5.90 26.18 23.36
N VAL E 121 5.11 26.61 24.34
CA VAL E 121 3.68 26.30 24.42
C VAL E 121 2.90 27.62 24.41
N TYR E 122 2.10 27.86 23.36
CA TYR E 122 1.34 29.09 23.25
C TYR E 122 -0.16 28.81 23.28
N PRO E 123 -0.95 29.64 24.00
CA PRO E 123 -2.40 29.48 24.03
C PRO E 123 -3.16 29.91 22.76
N LEU E 124 -4.19 29.13 22.46
CA LEU E 124 -5.17 29.43 21.42
C LEU E 124 -6.51 29.72 22.10
N ALA E 125 -6.76 31.02 22.35
CA ALA E 125 -8.01 31.51 22.92
C ALA E 125 -8.72 32.36 21.87
N PRO E 126 -10.07 32.37 21.83
CA PRO E 126 -10.81 33.17 20.84
C PRO E 126 -10.50 34.67 20.90
N GLY E 127 -10.15 35.23 19.74
CA GLY E 127 -9.77 36.62 19.62
C GLY E 127 -10.96 37.53 19.88
N CYS E 128 -10.69 38.81 20.17
CA CYS E 128 -11.71 39.69 20.71
C CYS E 128 -12.44 40.42 19.55
N THR E 131 -16.60 35.93 18.67
CA THR E 131 -17.77 35.95 19.59
C THR E 131 -17.96 34.56 20.20
N THR E 132 -18.41 34.53 21.46
CA THR E 132 -18.63 33.27 22.15
C THR E 132 -20.02 32.73 21.77
N GLY E 133 -20.11 31.40 21.59
CA GLY E 133 -21.36 30.70 21.41
C GLY E 133 -21.73 29.89 22.66
N SER E 134 -22.43 28.77 22.48
CA SER E 134 -22.81 27.91 23.59
C SER E 134 -21.62 27.05 24.04
N SER E 135 -20.68 26.80 23.12
CA SER E 135 -19.40 26.19 23.42
C SER E 135 -18.26 27.11 23.04
N VAL E 136 -17.07 26.85 23.60
CA VAL E 136 -15.84 27.54 23.23
C VAL E 136 -14.77 26.50 22.90
N THR E 137 -14.15 26.63 21.72
CA THR E 137 -13.03 25.79 21.35
C THR E 137 -11.73 26.53 21.70
N LEU E 138 -10.89 25.89 22.53
CA LEU E 138 -9.61 26.43 22.94
C LEU E 138 -8.51 25.47 22.46
N GLY E 139 -7.25 25.83 22.63
CA GLY E 139 -6.16 24.97 22.23
C GLY E 139 -4.79 25.49 22.67
N CYS E 140 -3.76 24.63 22.50
CA CYS E 140 -2.38 25.01 22.69
C CYS E 140 -1.58 24.64 21.44
N LEU E 141 -0.66 25.53 21.06
CA LEU E 141 0.32 25.27 20.02
C LEU E 141 1.65 24.88 20.67
N VAL E 142 2.13 23.68 20.34
CA VAL E 142 3.38 23.14 20.87
C VAL E 142 4.41 23.21 19.75
N LYS E 143 5.33 24.16 19.88
CA LYS E 143 6.14 24.63 18.77
C LYS E 143 7.63 24.53 19.10
N GLY E 144 8.40 24.04 18.13
CA GLY E 144 9.84 24.17 18.14
C GLY E 144 10.53 23.13 19.03
N TYR E 145 10.03 21.89 19.01
CA TYR E 145 10.58 20.84 19.86
C TYR E 145 11.21 19.73 19.03
N PHE E 146 12.03 18.91 19.70
CA PHE E 146 12.65 17.75 19.08
C PHE E 146 13.22 16.85 20.18
N PRO E 147 13.16 15.50 20.09
CA PRO E 147 12.42 14.75 19.06
C PRO E 147 10.90 14.83 19.26
N GLU E 148 10.16 14.12 18.40
CA GLU E 148 8.77 14.40 18.10
C GLU E 148 7.82 14.08 19.26
N SER E 149 8.21 13.18 20.18
CA SER E 149 7.26 12.69 21.17
C SER E 149 6.93 13.76 22.23
N VAL E 150 5.64 14.02 22.43
CA VAL E 150 5.12 14.92 23.46
C VAL E 150 3.76 14.39 23.92
N THR E 151 3.30 14.84 25.10
CA THR E 151 1.97 14.56 25.63
C THR E 151 1.27 15.87 25.94
N VAL E 152 0.05 16.08 25.42
CA VAL E 152 -0.73 17.26 25.77
C VAL E 152 -1.97 16.83 26.55
N THR E 153 -2.04 17.25 27.83
CA THR E 153 -3.07 16.86 28.77
C THR E 153 -3.84 18.09 29.22
N TRP E 154 -5.19 18.02 29.20
CA TRP E 154 -6.04 19.16 29.54
C TRP E 154 -6.62 19.03 30.95
N ASN E 155 -6.39 20.05 31.79
CA ASN E 155 -6.87 20.05 33.17
C ASN E 155 -6.66 18.70 33.82
N SER E 156 -5.45 18.16 33.67
CA SER E 156 -5.04 16.91 34.31
C SER E 156 -5.97 15.75 33.96
N GLY E 157 -6.53 15.77 32.74
CA GLY E 157 -7.31 14.64 32.25
C GLY E 157 -8.81 14.80 32.48
N SER E 158 -9.20 15.80 33.29
CA SER E 158 -10.59 16.20 33.43
C SER E 158 -11.22 16.43 32.07
N LEU E 159 -10.43 17.01 31.15
CA LEU E 159 -10.86 17.19 29.77
C LEU E 159 -10.10 16.21 28.88
N SER E 160 -10.82 15.21 28.36
CA SER E 160 -10.26 14.19 27.50
C SER E 160 -11.22 13.85 26.36
N SER E 161 -12.50 14.15 26.55
CA SER E 161 -13.55 13.63 25.69
C SER E 161 -13.70 14.47 24.43
N SER E 162 -13.61 15.81 24.56
CA SER E 162 -13.72 16.70 23.42
C SER E 162 -12.36 17.19 22.94
N VAL E 163 -11.33 16.36 23.09
CA VAL E 163 -9.96 16.76 22.78
C VAL E 163 -9.56 16.16 21.43
N HIS E 164 -8.84 16.96 20.63
CA HIS E 164 -8.26 16.47 19.39
C HIS E 164 -6.75 16.70 19.45
N THR E 165 -5.98 15.63 19.18
CA THR E 165 -4.52 15.71 19.15
C THR E 165 -4.05 15.70 17.71
N PHE E 166 -3.38 16.78 17.29
CA PHE E 166 -2.98 16.94 15.89
C PHE E 166 -1.55 16.45 15.72
N PRO E 167 -1.32 15.44 14.86
CA PRO E 167 0.04 14.97 14.56
C PRO E 167 1.05 16.08 14.26
N ALA E 168 2.29 15.87 14.73
CA ALA E 168 3.34 16.85 14.52
C ALA E 168 3.81 16.81 13.06
N LEU E 169 4.37 17.94 12.63
CA LEU E 169 5.03 18.11 11.34
C LEU E 169 6.40 18.73 11.58
N LEU E 170 7.35 18.53 10.66
CA LEU E 170 8.62 19.25 10.73
C LEU E 170 8.45 20.59 10.02
N GLN E 171 8.97 21.64 10.67
CA GLN E 171 9.19 22.94 10.02
C GLN E 171 10.45 23.56 10.60
N SER E 172 11.40 23.95 9.74
CA SER E 172 12.67 24.54 10.17
C SER E 172 13.43 23.58 11.08
N GLY E 173 13.35 22.28 10.75
CA GLY E 173 14.11 21.25 11.43
C GLY E 173 13.62 20.92 12.84
N LEU E 174 12.42 21.39 13.20
CA LEU E 174 11.86 21.21 14.53
C LEU E 174 10.38 20.87 14.37
N TYR E 175 9.79 20.23 15.39
CA TYR E 175 8.40 19.80 15.31
C TYR E 175 7.47 20.88 15.86
N THR E 176 6.29 20.95 15.23
CA THR E 176 5.13 21.64 15.75
C THR E 176 3.95 20.68 15.76
N MET E 177 3.27 20.62 16.92
CA MET E 177 1.97 19.99 17.00
C MET E 177 1.01 20.95 17.70
N SER E 178 -0.28 20.63 17.63
CA SER E 178 -1.31 21.41 18.33
C SER E 178 -2.35 20.48 18.94
N SER E 179 -3.15 21.00 19.87
CA SER E 179 -4.22 20.25 20.52
C SER E 179 -5.40 21.15 20.79
N SER E 180 -6.60 20.61 20.54
CA SER E 180 -7.82 21.37 20.70
C SER E 180 -8.66 20.78 21.81
N VAL E 181 -9.46 21.63 22.46
CA VAL E 181 -10.53 21.18 23.34
C VAL E 181 -11.74 22.11 23.14
N THR E 182 -12.93 21.53 23.25
CA THR E 182 -14.17 22.28 23.21
C THR E 182 -14.91 22.04 24.53
N VAL E 183 -15.39 23.12 25.13
CA VAL E 183 -16.03 23.09 26.45
C VAL E 183 -17.17 24.11 26.44
N PRO E 184 -18.21 23.95 27.28
CA PRO E 184 -19.35 24.87 27.24
C PRO E 184 -18.93 26.25 27.72
N SER E 185 -19.66 27.28 27.27
CA SER E 185 -19.41 28.65 27.67
C SER E 185 -19.44 28.81 29.20
N SER E 186 -20.12 27.88 29.88
CA SER E 186 -20.26 27.91 31.34
C SER E 186 -18.93 27.60 32.04
N THR E 187 -18.04 26.85 31.38
CA THR E 187 -16.79 26.42 32.00
C THR E 187 -15.75 27.53 31.88
N TRP E 188 -15.62 28.10 30.68
CA TRP E 188 -14.55 29.05 30.39
C TRP E 188 -15.14 30.32 29.77
N PRO E 189 -14.70 31.53 30.15
CA PRO E 189 -13.63 31.72 31.14
C PRO E 189 -14.06 31.70 32.60
N SER E 190 -15.28 31.22 32.89
CA SER E 190 -15.80 31.21 34.25
C SER E 190 -14.80 30.55 35.17
N GLN E 191 -14.43 29.31 34.83
CA GLN E 191 -13.44 28.53 35.57
CA GLN E 191 -13.44 28.52 35.56
C GLN E 191 -12.09 28.69 34.87
N THR E 192 -11.21 27.67 34.98
CA THR E 192 -9.89 27.69 34.38
C THR E 192 -9.71 26.45 33.49
N VAL E 193 -9.06 26.63 32.34
CA VAL E 193 -8.61 25.47 31.59
C VAL E 193 -7.12 25.67 31.31
N THR E 194 -6.34 24.61 31.55
CA THR E 194 -4.90 24.64 31.42
C THR E 194 -4.47 23.42 30.61
N CYS E 195 -3.53 23.62 29.68
CA CYS E 195 -2.92 22.51 28.96
C CYS E 195 -1.52 22.26 29.54
N SER E 196 -1.20 20.97 29.70
CA SER E 196 0.06 20.52 30.24
C SER E 196 0.79 19.69 29.20
N VAL E 197 2.03 20.10 28.85
CA VAL E 197 2.76 19.50 27.74
C VAL E 197 4.04 18.86 28.27
N ALA E 198 4.22 17.55 28.08
CA ALA E 198 5.46 16.90 28.46
C ALA E 198 6.29 16.53 27.24
N HIS E 199 7.62 16.59 27.42
CA HIS E 199 8.58 16.27 26.38
C HIS E 199 9.62 15.31 26.96
N PRO E 200 9.35 13.99 27.01
CA PRO E 200 10.28 13.02 27.62
C PRO E 200 11.76 13.13 27.28
N ALA E 201 12.09 13.47 26.03
CA ALA E 201 13.49 13.44 25.61
C ALA E 201 14.30 14.52 26.32
N SER E 202 13.63 15.62 26.71
CA SER E 202 14.27 16.71 27.42
C SER E 202 13.83 16.74 28.88
N SER E 203 13.11 15.70 29.34
CA SER E 203 12.71 15.58 30.73
C SER E 203 11.90 16.78 31.19
N THR E 204 11.11 17.39 30.29
CA THR E 204 10.40 18.62 30.60
C THR E 204 8.89 18.40 30.63
N THR E 205 8.24 19.14 31.54
CA THR E 205 6.80 19.36 31.52
C THR E 205 6.58 20.87 31.67
N VAL E 206 5.61 21.42 30.91
CA VAL E 206 5.36 22.86 30.86
C VAL E 206 3.86 23.10 30.77
N ASP E 207 3.35 24.10 31.50
CA ASP E 207 1.91 24.31 31.65
C ASP E 207 1.50 25.71 31.20
N LYS E 208 0.32 25.82 30.57
CA LYS E 208 -0.18 27.10 30.06
C LYS E 208 -1.67 27.25 30.36
N LYS E 209 -2.04 28.39 30.96
CA LYS E 209 -3.43 28.70 31.27
C LYS E 209 -4.03 29.53 30.14
N LEU E 210 -5.28 29.20 29.77
CA LEU E 210 -6.01 29.90 28.71
C LEU E 210 -6.68 31.17 29.23
N GLU E 211 -6.06 32.33 28.93
CA GLU E 211 -6.55 33.61 29.41
C GLU E 211 -7.58 34.18 28.44
N PRO E 212 -8.65 34.84 28.95
CA PRO E 212 -9.73 35.35 28.10
C PRO E 212 -9.30 36.52 27.23
N SER E 213 -10.12 36.80 26.20
CA SER E 213 -10.19 38.09 25.53
C SER E 213 -8.86 38.47 24.88
N GLU F 18 3.77 -91.35 -1.59
CA GLU F 18 3.52 -92.78 -1.95
C GLU F 18 4.28 -93.19 -3.21
N LYS F 19 5.17 -92.33 -3.71
CA LYS F 19 5.79 -92.50 -5.03
C LYS F 19 4.73 -92.63 -6.12
N ASN F 20 3.57 -91.99 -5.93
CA ASN F 20 2.50 -92.04 -6.91
C ASN F 20 1.71 -90.73 -6.91
N SER F 21 1.84 -89.94 -5.84
CA SER F 21 1.27 -88.60 -5.81
C SER F 21 2.31 -87.62 -5.29
N VAL F 22 2.43 -86.49 -6.00
CA VAL F 22 3.43 -85.47 -5.74
C VAL F 22 2.78 -84.34 -4.96
N SER F 23 3.34 -84.05 -3.78
CA SER F 23 2.93 -82.91 -2.97
C SER F 23 3.54 -81.62 -3.52
N VAL F 24 2.69 -80.62 -3.78
CA VAL F 24 3.17 -79.27 -4.00
C VAL F 24 2.64 -78.42 -2.84
N ASP F 25 3.53 -77.57 -2.29
CA ASP F 25 3.16 -76.61 -1.26
C ASP F 25 2.32 -75.51 -1.90
N LEU F 26 1.44 -74.90 -1.09
CA LEU F 26 0.48 -73.93 -1.58
C LEU F 26 0.52 -72.69 -0.70
N PRO F 27 0.01 -71.54 -1.20
CA PRO F 27 -0.30 -70.39 -0.33
C PRO F 27 -1.04 -70.85 0.92
N GLY F 28 -0.72 -70.23 2.06
CA GLY F 28 -1.23 -70.65 3.35
C GLY F 28 -0.54 -71.92 3.85
N GLU F 29 0.61 -72.25 3.25
CA GLU F 29 1.47 -73.34 3.68
C GLU F 29 0.75 -74.68 3.60
N MET F 30 -0.37 -74.74 2.86
CA MET F 30 -1.06 -75.99 2.60
C MET F 30 -0.29 -76.76 1.53
N LYS F 31 -0.53 -78.07 1.43
CA LYS F 31 0.19 -78.92 0.48
C LYS F 31 -0.81 -79.87 -0.18
N VAL F 32 -0.78 -79.96 -1.51
CA VAL F 32 -1.71 -80.80 -2.24
C VAL F 32 -0.91 -81.86 -2.99
N LEU F 33 -1.37 -83.13 -2.87
CA LEU F 33 -0.83 -84.24 -3.65
C LEU F 33 -1.62 -84.36 -4.95
N VAL F 34 -0.86 -84.37 -6.07
CA VAL F 34 -1.40 -84.51 -7.40
C VAL F 34 -1.01 -85.89 -7.92
N SER F 35 -1.99 -86.68 -8.35
CA SER F 35 -1.73 -88.01 -8.90
C SER F 35 -0.66 -87.94 -9.98
N LYS F 36 0.21 -88.95 -10.00
CA LYS F 36 1.19 -89.09 -11.07
C LYS F 36 0.42 -89.35 -12.38
N GLU F 37 -0.68 -90.11 -12.28
CA GLU F 37 -1.33 -90.68 -13.46
C GLU F 37 -2.78 -90.22 -13.56
N LYS F 38 -3.22 -89.95 -14.79
CA LYS F 38 -4.59 -89.57 -15.08
C LYS F 38 -5.53 -90.71 -14.73
N ASN F 39 -6.65 -90.39 -14.08
CA ASN F 39 -7.62 -91.39 -13.67
C ASN F 39 -8.32 -91.94 -14.91
N LYS F 40 -9.23 -92.89 -14.69
CA LYS F 40 -9.88 -93.61 -15.77
C LYS F 40 -10.79 -92.71 -16.62
N ASP F 41 -11.08 -91.48 -16.13
CA ASP F 41 -11.87 -90.52 -16.90
C ASP F 41 -11.02 -89.34 -17.36
N GLY F 42 -9.70 -89.40 -17.12
CA GLY F 42 -8.75 -88.50 -17.76
C GLY F 42 -8.32 -87.33 -16.86
N LYS F 43 -8.89 -87.26 -15.66
CA LYS F 43 -8.72 -86.11 -14.78
C LYS F 43 -7.90 -86.51 -13.55
N TYR F 44 -6.85 -85.74 -13.29
CA TYR F 44 -5.96 -85.97 -12.17
C TYR F 44 -6.72 -85.88 -10.85
N ASP F 45 -6.47 -86.84 -9.95
CA ASP F 45 -7.12 -86.89 -8.66
C ASP F 45 -6.21 -86.22 -7.63
N LEU F 46 -6.85 -85.45 -6.73
CA LEU F 46 -6.18 -84.51 -5.85
C LEU F 46 -6.60 -84.77 -4.40
N ILE F 47 -5.66 -84.59 -3.47
CA ILE F 47 -5.94 -84.82 -2.06
C ILE F 47 -5.20 -83.79 -1.22
N ALA F 48 -5.91 -83.18 -0.26
CA ALA F 48 -5.33 -82.28 0.72
C ALA F 48 -6.02 -82.52 2.07
N THR F 49 -5.29 -82.25 3.15
CA THR F 49 -5.82 -82.35 4.51
C THR F 49 -5.72 -80.98 5.17
N VAL F 50 -6.87 -80.27 5.26
CA VAL F 50 -6.92 -78.90 5.73
C VAL F 50 -7.59 -78.85 7.11
N ASP F 51 -6.89 -78.26 8.09
CA ASP F 51 -7.32 -78.31 9.49
C ASP F 51 -7.52 -79.77 9.91
N LYS F 52 -6.58 -80.64 9.47
CA LYS F 52 -6.62 -82.08 9.70
C LYS F 52 -7.77 -82.75 8.95
N LEU F 53 -8.62 -81.99 8.28
CA LEU F 53 -9.70 -82.55 7.49
C LEU F 53 -9.23 -82.75 6.05
N GLU F 54 -9.08 -84.02 5.65
CA GLU F 54 -8.71 -84.40 4.30
C GLU F 54 -9.84 -84.11 3.32
N LEU F 55 -9.48 -83.54 2.16
CA LEU F 55 -10.41 -83.22 1.07
C LEU F 55 -9.86 -83.82 -0.22
N LYS F 56 -10.76 -84.15 -1.16
CA LYS F 56 -10.35 -84.73 -2.42
C LYS F 56 -11.14 -84.09 -3.57
N GLY F 57 -10.55 -84.12 -4.76
CA GLY F 57 -11.17 -83.60 -5.97
C GLY F 57 -10.46 -84.13 -7.21
N THR F 58 -10.95 -83.74 -8.39
CA THR F 58 -10.28 -84.07 -9.64
C THR F 58 -10.19 -82.79 -10.48
N SER F 59 -9.11 -82.71 -11.26
CA SER F 59 -8.90 -81.64 -12.23
C SER F 59 -8.16 -82.25 -13.41
N ASP F 60 -8.34 -81.65 -14.59
CA ASP F 60 -7.66 -82.08 -15.80
C ASP F 60 -6.24 -81.50 -15.84
N LYS F 61 -5.88 -80.73 -14.80
CA LYS F 61 -4.52 -80.24 -14.60
C LYS F 61 -3.78 -81.15 -13.60
N ASN F 62 -2.45 -81.12 -13.67
CA ASN F 62 -1.62 -81.94 -12.80
C ASN F 62 -0.65 -81.08 -11.98
N ASN F 63 -0.82 -79.75 -11.99
CA ASN F 63 0.11 -78.86 -11.32
C ASN F 63 -0.30 -78.62 -9.87
N GLY F 64 -1.52 -79.06 -9.50
CA GLY F 64 -2.09 -78.80 -8.19
C GLY F 64 -3.43 -78.06 -8.30
N ALA F 65 -3.59 -77.30 -9.39
CA ALA F 65 -4.77 -76.46 -9.59
C ALA F 65 -6.03 -77.33 -9.66
N GLY F 66 -7.11 -76.87 -9.00
CA GLY F 66 -8.38 -77.58 -9.02
C GLY F 66 -9.20 -77.33 -7.77
N VAL F 67 -10.40 -77.94 -7.73
CA VAL F 67 -11.27 -77.91 -6.56
C VAL F 67 -11.06 -79.22 -5.80
N LEU F 68 -10.96 -79.15 -4.46
CA LEU F 68 -11.11 -80.30 -3.58
C LEU F 68 -12.23 -80.03 -2.59
N GLU F 69 -13.10 -81.02 -2.32
CA GLU F 69 -14.22 -80.81 -1.41
C GLU F 69 -14.24 -81.88 -0.32
N GLY F 70 -15.09 -81.64 0.70
CA GLY F 70 -15.31 -82.60 1.76
C GLY F 70 -16.18 -82.00 2.87
N VAL F 71 -16.40 -82.77 3.95
CA VAL F 71 -17.28 -82.36 5.02
C VAL F 71 -16.49 -82.36 6.33
N LYS F 72 -16.94 -81.57 7.32
CA LYS F 72 -16.29 -81.53 8.62
C LYS F 72 -17.14 -82.29 9.64
N ALA F 73 -16.76 -82.16 10.92
CA ALA F 73 -17.37 -82.89 12.02
C ALA F 73 -18.80 -82.41 12.28
N ASP F 74 -19.10 -81.16 11.86
CA ASP F 74 -20.39 -80.53 12.07
C ASP F 74 -21.24 -80.59 10.81
N LYS F 75 -20.84 -81.45 9.85
CA LYS F 75 -21.55 -81.67 8.59
C LYS F 75 -21.36 -80.47 7.66
N SER F 76 -20.29 -79.69 7.89
CA SER F 76 -20.08 -78.46 7.15
C SER F 76 -19.33 -78.79 5.87
N LYS F 77 -19.75 -78.17 4.76
CA LYS F 77 -19.17 -78.40 3.44
C LYS F 77 -18.00 -77.45 3.23
N VAL F 78 -16.81 -78.00 2.93
CA VAL F 78 -15.59 -77.24 2.76
C VAL F 78 -15.03 -77.51 1.35
N LYS F 79 -14.53 -76.45 0.71
CA LYS F 79 -14.12 -76.48 -0.69
C LYS F 79 -12.88 -75.60 -0.88
N LEU F 80 -11.80 -76.17 -1.44
CA LEU F 80 -10.51 -75.49 -1.51
C LEU F 80 -10.07 -75.29 -2.96
N THR F 81 -10.54 -74.21 -3.58
CA THR F 81 -10.23 -73.90 -4.96
C THR F 81 -8.80 -73.35 -5.03
N ILE F 82 -7.95 -73.97 -5.85
CA ILE F 82 -6.54 -73.60 -6.00
C ILE F 82 -6.36 -72.94 -7.37
N SER F 83 -5.66 -71.79 -7.39
CA SER F 83 -5.51 -71.00 -8.61
C SER F 83 -4.79 -71.81 -9.67
N ASP F 84 -5.12 -71.55 -10.95
CA ASP F 84 -4.48 -72.19 -12.08
C ASP F 84 -2.95 -72.12 -11.96
N ASP F 85 -2.46 -70.94 -11.53
CA ASP F 85 -1.04 -70.66 -11.42
C ASP F 85 -0.50 -71.01 -10.04
N LEU F 86 -1.35 -71.58 -9.18
CA LEU F 86 -0.97 -71.97 -7.82
C LEU F 86 -0.72 -70.73 -6.97
N GLY F 87 -1.20 -69.55 -7.37
CA GLY F 87 -0.82 -68.31 -6.72
C GLY F 87 -1.76 -67.96 -5.55
N GLN F 88 -2.79 -68.78 -5.32
CA GLN F 88 -3.87 -68.37 -4.45
C GLN F 88 -4.71 -69.59 -4.05
N THR F 89 -5.07 -69.68 -2.77
CA THR F 89 -6.02 -70.69 -2.32
C THR F 89 -7.30 -69.98 -1.91
N THR F 90 -8.46 -70.56 -2.25
CA THR F 90 -9.74 -70.11 -1.73
C THR F 90 -10.35 -71.25 -0.92
N LEU F 91 -10.55 -71.01 0.38
CA LEU F 91 -11.27 -71.95 1.24
C LEU F 91 -12.65 -71.38 1.53
N GLU F 92 -13.69 -72.14 1.13
CA GLU F 92 -15.07 -71.71 1.29
C GLU F 92 -15.79 -72.71 2.19
N VAL F 93 -16.60 -72.19 3.13
CA VAL F 93 -17.38 -73.05 4.00
C VAL F 93 -18.85 -72.79 3.74
N PHE F 94 -19.54 -73.80 3.24
CA PHE F 94 -20.98 -73.75 3.04
C PHE F 94 -21.65 -74.54 4.16
N LYS F 95 -22.96 -74.35 4.30
CA LYS F 95 -23.75 -75.18 5.19
C LYS F 95 -23.84 -76.59 4.60
N GLU F 96 -24.33 -77.55 5.41
CA GLU F 96 -24.57 -78.92 4.98
C GLU F 96 -25.26 -78.99 3.62
N ASP F 97 -26.12 -78.01 3.33
CA ASP F 97 -26.84 -77.93 2.06
C ASP F 97 -25.86 -77.96 0.87
N GLY F 98 -24.71 -77.30 1.02
CA GLY F 98 -23.72 -77.19 -0.04
C GLY F 98 -23.92 -75.92 -0.87
N LYS F 99 -24.88 -75.07 -0.45
CA LYS F 99 -25.32 -73.95 -1.27
C LYS F 99 -25.02 -72.63 -0.58
N THR F 100 -25.54 -72.48 0.65
CA THR F 100 -25.51 -71.23 1.38
C THR F 100 -24.11 -71.02 1.96
N LEU F 101 -23.49 -69.88 1.62
CA LEU F 101 -22.09 -69.66 1.94
C LEU F 101 -21.97 -69.07 3.35
N VAL F 102 -21.02 -69.59 4.13
CA VAL F 102 -20.83 -69.17 5.51
C VAL F 102 -19.60 -68.27 5.60
N SER F 103 -18.48 -68.74 5.01
CA SER F 103 -17.23 -68.00 5.05
C SER F 103 -16.41 -68.32 3.80
N LYS F 104 -15.46 -67.42 3.51
CA LYS F 104 -14.52 -67.57 2.41
C LYS F 104 -13.19 -66.91 2.80
N LYS F 105 -12.09 -67.67 2.72
CA LYS F 105 -10.75 -67.13 2.90
C LYS F 105 -9.92 -67.31 1.63
N VAL F 106 -9.39 -66.21 1.11
CA VAL F 106 -8.55 -66.19 -0.07
C VAL F 106 -7.14 -65.84 0.40
N THR F 107 -6.18 -66.77 0.23
CA THR F 107 -4.83 -66.56 0.73
C THR F 107 -3.85 -66.54 -0.45
N SER F 108 -3.10 -65.44 -0.54
CA SER F 108 -2.09 -65.23 -1.58
C SER F 108 -0.73 -65.77 -1.12
N LYS F 109 0.17 -65.96 -2.08
CA LYS F 109 1.48 -66.52 -1.83
C LYS F 109 2.34 -65.59 -0.98
N ASP F 110 2.02 -64.28 -0.95
CA ASP F 110 2.74 -63.35 -0.09
C ASP F 110 2.23 -63.43 1.36
N LYS F 111 1.34 -64.39 1.64
CA LYS F 111 0.76 -64.58 2.96
C LYS F 111 -0.37 -63.61 3.24
N SER F 112 -0.73 -62.73 2.29
CA SER F 112 -1.85 -61.82 2.46
C SER F 112 -3.15 -62.60 2.29
N SER F 113 -4.16 -62.28 3.12
CA SER F 113 -5.36 -63.09 3.22
C SER F 113 -6.60 -62.22 3.41
N THR F 114 -7.66 -62.47 2.63
CA THR F 114 -8.95 -61.86 2.87
C THR F 114 -9.89 -62.94 3.40
N GLU F 115 -10.51 -62.68 4.56
CA GLU F 115 -11.44 -63.61 5.17
C GLU F 115 -12.78 -62.89 5.35
N GLU F 116 -13.86 -63.52 4.88
CA GLU F 116 -15.17 -62.91 4.89
C GLU F 116 -16.20 -63.88 5.50
N LYS F 117 -17.07 -63.32 6.34
CA LYS F 117 -18.25 -64.02 6.82
C LYS F 117 -19.46 -63.38 6.15
N PHE F 118 -20.47 -64.21 5.85
CA PHE F 118 -21.65 -63.80 5.11
C PHE F 118 -22.88 -63.91 6.00
N ASN F 119 -23.99 -63.28 5.59
CA ASN F 119 -25.22 -63.31 6.35
C ASN F 119 -26.30 -64.07 5.57
N GLU F 120 -27.57 -63.69 5.81
CA GLU F 120 -28.73 -64.35 5.24
C GLU F 120 -28.67 -64.31 3.71
N LYS F 121 -28.50 -63.10 3.16
CA LYS F 121 -28.46 -62.89 1.72
C LYS F 121 -27.11 -63.32 1.15
N GLY F 122 -26.13 -63.55 2.04
CA GLY F 122 -24.76 -63.78 1.62
C GLY F 122 -24.01 -62.46 1.48
N GLU F 123 -24.61 -61.37 1.98
CA GLU F 123 -23.93 -60.09 2.08
C GLU F 123 -22.84 -60.18 3.15
N VAL F 124 -21.78 -59.38 2.97
CA VAL F 124 -20.61 -59.48 3.82
C VAL F 124 -20.95 -58.86 5.18
N SER F 125 -20.72 -59.64 6.23
CA SER F 125 -21.03 -59.23 7.60
C SER F 125 -19.77 -58.89 8.37
N GLU F 126 -18.64 -59.48 7.93
CA GLU F 126 -17.33 -59.20 8.51
C GLU F 126 -16.28 -59.48 7.44
N LYS F 127 -15.16 -58.73 7.52
CA LYS F 127 -14.05 -58.92 6.61
C LYS F 127 -12.73 -58.66 7.33
N ILE F 128 -11.77 -59.56 7.12
CA ILE F 128 -10.42 -59.43 7.64
C ILE F 128 -9.45 -59.39 6.47
N ILE F 129 -8.76 -58.26 6.30
CA ILE F 129 -7.66 -58.17 5.36
C ILE F 129 -6.35 -58.29 6.14
N THR F 130 -5.64 -59.39 5.92
CA THR F 130 -4.32 -59.56 6.52
C THR F 130 -3.29 -59.18 5.46
N ARG F 131 -2.42 -58.24 5.81
CA ARG F 131 -1.38 -57.81 4.90
C ARG F 131 -0.28 -58.86 4.98
N ALA F 132 0.66 -58.78 4.04
CA ALA F 132 1.79 -59.71 4.00
C ALA F 132 2.55 -59.69 5.32
N ASP F 133 2.64 -58.51 5.95
CA ASP F 133 3.52 -58.32 7.09
C ASP F 133 2.84 -58.73 8.39
N GLY F 134 1.59 -59.21 8.35
CA GLY F 134 0.90 -59.64 9.55
C GLY F 134 -0.03 -58.58 10.15
N THR F 135 0.07 -57.33 9.68
CA THR F 135 -0.85 -56.28 10.11
C THR F 135 -2.21 -56.56 9.47
N ARG F 136 -3.30 -56.14 10.11
CA ARG F 136 -4.63 -56.47 9.61
C ARG F 136 -5.62 -55.32 9.70
N LEU F 137 -6.62 -55.37 8.82
CA LEU F 137 -7.80 -54.52 8.91
C LEU F 137 -9.04 -55.40 9.13
N GLU F 138 -9.72 -55.17 10.25
CA GLU F 138 -10.96 -55.85 10.59
C GLU F 138 -12.14 -54.90 10.42
N TYR F 139 -13.05 -55.27 9.51
CA TYR F 139 -14.28 -54.52 9.28
C TYR F 139 -15.44 -55.31 9.87
N THR F 140 -16.22 -54.66 10.75
CA THR F 140 -17.39 -55.27 11.35
C THR F 140 -18.49 -54.21 11.44
N GLY F 141 -19.64 -54.56 12.02
CA GLY F 141 -20.73 -53.60 12.23
C GLY F 141 -21.07 -52.86 10.94
N ILE F 142 -21.22 -53.62 9.86
CA ILE F 142 -21.34 -53.08 8.52
C ILE F 142 -22.81 -52.71 8.30
N LYS F 143 -23.07 -51.42 8.10
CA LYS F 143 -24.38 -50.99 7.62
C LYS F 143 -24.45 -51.31 6.13
N SER F 144 -25.66 -51.17 5.56
CA SER F 144 -25.95 -51.60 4.20
C SER F 144 -25.68 -50.48 3.19
N ASP F 145 -24.95 -49.44 3.60
CA ASP F 145 -24.43 -48.43 2.69
C ASP F 145 -22.92 -48.56 2.58
N GLY F 146 -22.35 -49.58 3.25
CA GLY F 146 -20.91 -49.80 3.22
C GLY F 146 -20.18 -48.89 4.19
N SER F 147 -20.87 -48.39 5.22
CA SER F 147 -20.20 -47.85 6.39
C SER F 147 -20.20 -48.90 7.49
N GLY F 148 -19.44 -48.67 8.57
CA GLY F 148 -19.36 -49.61 9.66
C GLY F 148 -18.10 -49.42 10.50
N LYS F 149 -17.80 -50.40 11.35
CA LYS F 149 -16.72 -50.32 12.32
C LYS F 149 -15.45 -50.91 11.72
N ALA F 150 -14.32 -50.23 11.99
CA ALA F 150 -13.03 -50.65 11.49
C ALA F 150 -12.02 -50.69 12.64
N LYS F 151 -11.03 -51.57 12.50
CA LYS F 151 -9.95 -51.72 13.45
C LYS F 151 -8.69 -52.03 12.66
N GLU F 152 -7.56 -51.41 13.01
CA GLU F 152 -6.29 -51.72 12.39
C GLU F 152 -5.35 -52.35 13.41
N VAL F 153 -4.99 -53.62 13.18
CA VAL F 153 -4.05 -54.35 14.01
C VAL F 153 -2.65 -54.13 13.46
N LEU F 154 -1.83 -53.37 14.21
CA LEU F 154 -0.43 -53.14 13.88
C LEU F 154 0.43 -53.98 14.80
N LYS F 155 1.74 -53.94 14.54
CA LYS F 155 2.75 -54.58 15.37
C LYS F 155 2.90 -53.80 16.68
N GLY F 156 2.26 -54.27 17.75
CA GLY F 156 2.42 -53.71 19.08
C GLY F 156 1.11 -53.18 19.67
N PHE F 157 0.18 -52.75 18.80
CA PHE F 157 -1.01 -52.06 19.25
C PHE F 157 -2.12 -52.13 18.19
N ILE F 158 -3.33 -51.71 18.59
CA ILE F 158 -4.49 -51.72 17.73
C ILE F 158 -5.03 -50.29 17.62
N LEU F 159 -5.49 -49.93 16.41
CA LEU F 159 -6.16 -48.65 16.19
C LEU F 159 -7.63 -48.92 15.93
N GLU F 160 -8.49 -48.02 16.39
CA GLU F 160 -9.93 -48.19 16.32
C GLU F 160 -10.53 -46.99 15.60
N GLY F 161 -11.54 -47.24 14.76
CA GLY F 161 -12.22 -46.17 14.05
C GLY F 161 -13.43 -46.68 13.26
N ARG F 162 -13.62 -46.15 12.05
CA ARG F 162 -14.79 -46.43 11.25
C ARG F 162 -14.40 -46.56 9.78
N PHE F 163 -15.37 -46.84 8.90
CA PHE F 163 -15.08 -46.88 7.48
C PHE F 163 -16.32 -46.46 6.68
N THR F 164 -16.06 -46.03 5.44
CA THR F 164 -17.10 -45.78 4.45
C THR F 164 -16.70 -46.56 3.19
N ALA F 165 -17.55 -46.50 2.16
CA ALA F 165 -17.22 -47.06 0.86
C ALA F 165 -15.96 -46.42 0.30
N GLU F 166 -15.63 -45.19 0.72
CA GLU F 166 -14.54 -44.44 0.10
C GLU F 166 -13.23 -44.57 0.88
N LYS F 167 -13.29 -44.71 2.21
CA LYS F 167 -12.07 -44.74 2.99
C LYS F 167 -12.31 -45.30 4.39
N THR F 168 -11.24 -45.86 4.94
CA THR F 168 -11.19 -46.33 6.32
C THR F 168 -10.50 -45.24 7.14
N THR F 169 -11.10 -44.87 8.28
CA THR F 169 -10.57 -43.83 9.15
C THR F 169 -10.40 -44.40 10.55
N LEU F 170 -9.15 -44.43 11.00
CA LEU F 170 -8.84 -44.74 12.38
C LEU F 170 -8.48 -43.48 13.14
N VAL F 171 -8.87 -43.45 14.42
CA VAL F 171 -8.85 -42.22 15.22
C VAL F 171 -8.16 -42.51 16.56
N VAL F 172 -7.26 -41.61 16.94
CA VAL F 172 -6.62 -41.62 18.25
C VAL F 172 -6.83 -40.24 18.87
N LYS F 173 -7.37 -40.20 20.09
CA LYS F 173 -7.69 -38.93 20.74
C LYS F 173 -6.90 -38.75 22.03
N GLU F 174 -6.59 -37.48 22.35
CA GLU F 174 -5.87 -37.13 23.56
C GLU F 174 -6.16 -35.68 23.90
N GLY F 175 -6.82 -35.44 25.06
CA GLY F 175 -7.32 -34.11 25.37
C GLY F 175 -8.30 -33.65 24.29
N THR F 176 -8.11 -32.41 23.79
CA THR F 176 -8.98 -31.85 22.76
C THR F 176 -8.49 -32.20 21.35
N VAL F 177 -7.43 -33.03 21.26
CA VAL F 177 -6.74 -33.35 20.01
C VAL F 177 -7.26 -34.66 19.43
N THR F 178 -7.47 -34.68 18.10
CA THR F 178 -7.89 -35.85 17.35
C THR F 178 -6.94 -36.06 16.18
N LEU F 179 -6.36 -37.26 16.12
CA LEU F 179 -5.57 -37.72 14.99
C LEU F 179 -6.44 -38.69 14.18
N SER F 180 -6.62 -38.38 12.89
CA SER F 180 -7.41 -39.26 12.03
C SER F 180 -6.49 -39.81 10.94
N LYS F 181 -6.45 -41.15 10.84
CA LYS F 181 -5.61 -41.81 9.86
C LYS F 181 -6.51 -42.41 8.80
N ASP F 182 -6.35 -41.93 7.57
CA ASP F 182 -7.22 -42.35 6.48
C ASP F 182 -6.49 -43.37 5.64
N ILE F 183 -7.21 -44.45 5.30
CA ILE F 183 -6.74 -45.38 4.27
C ILE F 183 -7.79 -45.44 3.18
N SER F 184 -7.39 -44.98 1.99
CA SER F 184 -8.26 -44.91 0.83
C SER F 184 -8.53 -46.33 0.34
N LYS F 185 -9.52 -46.45 -0.56
CA LYS F 185 -9.83 -47.70 -1.24
C LYS F 185 -8.57 -48.27 -1.90
N SER F 186 -7.78 -47.39 -2.55
CA SER F 186 -6.56 -47.78 -3.25
C SER F 186 -5.44 -48.18 -2.30
N GLY F 187 -5.61 -47.85 -1.00
CA GLY F 187 -4.66 -48.24 0.03
C GLY F 187 -3.79 -47.05 0.46
N GLU F 188 -4.09 -45.86 -0.06
CA GLU F 188 -3.28 -44.69 0.20
C GLU F 188 -3.54 -44.19 1.61
N VAL F 189 -2.46 -43.93 2.35
CA VAL F 189 -2.54 -43.39 3.70
C VAL F 189 -2.44 -41.88 3.64
N SER F 190 -3.34 -41.20 4.37
CA SER F 190 -3.15 -39.81 4.73
C SER F 190 -3.57 -39.62 6.19
N VAL F 191 -3.00 -38.60 6.84
CA VAL F 191 -3.29 -38.35 8.25
C VAL F 191 -3.62 -36.86 8.43
N GLU F 192 -4.58 -36.59 9.32
CA GLU F 192 -4.98 -35.24 9.69
C GLU F 192 -4.94 -35.08 11.21
N LEU F 193 -4.73 -33.85 11.68
CA LEU F 193 -4.88 -33.53 13.08
C LEU F 193 -5.91 -32.42 13.25
N GLN F 194 -6.75 -32.56 14.29
CA GLN F 194 -7.66 -31.51 14.71
C GLN F 194 -7.43 -31.25 16.20
N ASP F 195 -7.71 -30.01 16.61
CA ASP F 195 -7.69 -29.62 18.00
C ASP F 195 -8.69 -28.46 18.15
N THR F 196 -9.67 -28.63 19.06
CA THR F 196 -10.71 -27.63 19.29
C THR F 196 -10.21 -26.50 20.21
N ASP F 197 -9.00 -26.65 20.75
CA ASP F 197 -8.37 -25.64 21.61
C ASP F 197 -8.23 -24.32 20.84
N SER F 198 -8.68 -23.19 21.44
CA SER F 198 -8.65 -21.89 20.78
C SER F 198 -7.34 -21.13 21.07
N SER F 199 -6.53 -21.56 22.04
CA SER F 199 -5.37 -20.78 22.43
C SER F 199 -4.16 -21.15 21.58
N ALA F 200 -3.49 -20.12 21.03
CA ALA F 200 -2.31 -20.31 20.21
C ALA F 200 -1.20 -20.93 21.04
N ALA F 201 -1.14 -20.57 22.32
CA ALA F 201 -0.16 -21.13 23.24
C ALA F 201 -0.18 -22.66 23.21
N THR F 202 -1.36 -23.29 23.10
CA THR F 202 -1.45 -24.73 23.39
C THR F 202 -2.05 -25.54 22.24
N LYS F 203 -2.64 -24.89 21.23
CA LYS F 203 -3.31 -25.61 20.16
C LYS F 203 -2.31 -26.46 19.39
N LYS F 204 -2.64 -27.75 19.25
CA LYS F 204 -1.91 -28.63 18.36
C LYS F 204 -2.45 -28.47 16.93
N THR F 205 -1.52 -28.26 15.99
CA THR F 205 -1.85 -28.23 14.56
C THR F 205 -0.78 -29.05 13.83
N ALA F 206 -1.09 -29.51 12.62
CA ALA F 206 -0.14 -30.33 11.89
C ALA F 206 -0.38 -30.23 10.39
N ALA F 207 0.67 -30.51 9.62
CA ALA F 207 0.60 -30.60 8.18
C ALA F 207 1.03 -32.00 7.75
N TRP F 208 0.40 -32.48 6.68
CA TRP F 208 0.64 -33.80 6.17
C TRP F 208 1.43 -33.66 4.86
N ASN F 209 2.59 -34.31 4.82
CA ASN F 209 3.43 -34.34 3.64
C ASN F 209 3.19 -35.69 2.96
N SER F 210 2.46 -35.67 1.83
CA SER F 210 2.13 -36.90 1.13
C SER F 210 3.37 -37.58 0.54
N GLY F 211 4.42 -36.82 0.24
CA GLY F 211 5.61 -37.36 -0.40
C GLY F 211 6.44 -38.25 0.53
N THR F 212 6.55 -37.86 1.81
CA THR F 212 7.33 -38.59 2.80
C THR F 212 6.41 -39.21 3.86
N SER F 213 5.09 -39.13 3.66
CA SER F 213 4.15 -39.80 4.55
C SER F 213 4.43 -39.38 6.00
N THR F 214 4.60 -38.07 6.22
CA THR F 214 4.96 -37.52 7.52
C THR F 214 3.94 -36.47 7.94
N LEU F 215 3.46 -36.56 9.18
CA LEU F 215 2.66 -35.52 9.80
C LEU F 215 3.58 -34.72 10.73
N THR F 216 3.75 -33.42 10.46
CA THR F 216 4.55 -32.56 11.32
C THR F 216 3.60 -31.78 12.24
N ILE F 217 3.78 -31.94 13.56
CA ILE F 217 2.96 -31.24 14.54
C ILE F 217 3.69 -29.95 14.91
N THR F 218 2.93 -28.85 14.97
CA THR F 218 3.43 -27.54 15.38
C THR F 218 2.50 -26.95 16.44
N VAL F 219 3.08 -26.20 17.38
CA VAL F 219 2.34 -25.53 18.42
C VAL F 219 2.87 -24.11 18.52
N ASN F 220 1.99 -23.11 18.38
CA ASN F 220 2.36 -21.71 18.53
C ASN F 220 3.49 -21.36 17.56
N SER F 221 3.35 -21.81 16.29
CA SER F 221 4.27 -21.55 15.20
C SER F 221 5.46 -22.52 15.18
N LYS F 222 5.61 -23.36 16.22
CA LYS F 222 6.85 -24.10 16.42
C LYS F 222 6.61 -25.57 16.15
N LYS F 223 7.47 -26.16 15.31
CA LYS F 223 7.47 -27.59 15.06
C LYS F 223 7.94 -28.32 16.31
N THR F 224 7.22 -29.40 16.66
CA THR F 224 7.53 -30.12 17.89
C THR F 224 7.98 -31.54 17.56
N LYS F 225 7.31 -32.20 16.60
CA LYS F 225 7.63 -33.59 16.28
C LYS F 225 7.18 -33.98 14.86
N ASP F 226 7.84 -35.02 14.32
CA ASP F 226 7.45 -35.64 13.06
C ASP F 226 7.01 -37.07 13.33
N LEU F 227 5.77 -37.40 12.93
CA LEU F 227 5.29 -38.77 12.92
C LEU F 227 5.36 -39.29 11.50
N VAL F 228 6.12 -40.37 11.27
CA VAL F 228 6.26 -40.96 9.95
C VAL F 228 5.47 -42.26 9.92
N PHE F 229 4.58 -42.40 8.93
CA PHE F 229 3.75 -43.58 8.76
C PHE F 229 4.38 -44.42 7.66
N THR F 230 5.07 -45.51 8.03
CA THR F 230 6.01 -46.17 7.14
C THR F 230 5.28 -47.16 6.23
N LYS F 231 5.99 -47.60 5.19
CA LYS F 231 5.50 -48.63 4.28
C LYS F 231 5.44 -49.98 5.00
N GLU F 232 6.12 -50.10 6.15
CA GLU F 232 6.05 -51.29 6.97
C GLU F 232 4.84 -51.22 7.89
N ASN F 233 3.94 -50.24 7.65
CA ASN F 233 2.76 -50.05 8.46
C ASN F 233 3.17 -49.81 9.92
N THR F 234 4.26 -49.06 10.11
CA THR F 234 4.70 -48.68 11.46
C THR F 234 4.60 -47.15 11.54
N ILE F 235 4.65 -46.63 12.77
CA ILE F 235 4.68 -45.21 13.04
C ILE F 235 5.96 -44.90 13.81
N THR F 236 6.74 -43.91 13.34
CA THR F 236 7.92 -43.43 14.06
C THR F 236 7.63 -42.03 14.58
N VAL F 237 8.28 -41.68 15.70
CA VAL F 237 8.23 -40.32 16.24
C VAL F 237 9.67 -39.81 16.32
N GLN F 238 9.84 -38.51 16.02
CA GLN F 238 11.12 -37.85 16.20
C GLN F 238 10.84 -36.41 16.62
N GLN F 239 11.57 -35.96 17.65
CA GLN F 239 11.37 -34.66 18.26
C GLN F 239 12.19 -33.65 17.48
N TYR F 240 11.76 -32.38 17.54
CA TYR F 240 12.56 -31.27 17.05
C TYR F 240 13.36 -30.72 18.22
N ASP F 241 14.40 -29.93 17.91
CA ASP F 241 15.15 -29.19 18.92
C ASP F 241 14.22 -28.20 19.61
N SER F 242 14.76 -27.56 20.67
CA SER F 242 14.07 -26.61 21.52
C SER F 242 13.33 -25.54 20.72
N ASN F 243 13.91 -25.09 19.60
CA ASN F 243 13.40 -23.98 18.83
C ASN F 243 12.56 -24.44 17.65
N GLY F 244 12.42 -25.76 17.45
CA GLY F 244 11.65 -26.28 16.34
C GLY F 244 12.27 -25.98 14.98
N VAL F 245 13.61 -26.02 14.90
CA VAL F 245 14.33 -25.76 13.67
C VAL F 245 14.62 -27.05 12.92
N LYS F 246 14.88 -28.13 13.66
CA LYS F 246 15.53 -29.31 13.13
C LYS F 246 15.28 -30.48 14.08
N LEU F 247 15.07 -31.66 13.49
CA LEU F 247 14.92 -32.89 14.23
C LEU F 247 16.19 -33.16 15.04
N GLU F 248 16.03 -33.72 16.24
CA GLU F 248 17.15 -34.14 17.05
C GLU F 248 17.08 -35.66 17.21
N GLY F 249 18.16 -36.23 17.73
CA GLY F 249 18.28 -37.67 17.96
C GLY F 249 17.91 -38.49 16.72
N SER F 250 17.29 -39.65 16.97
CA SER F 250 16.83 -40.54 15.92
C SER F 250 15.34 -40.83 16.13
N ALA F 251 14.63 -41.10 15.04
CA ALA F 251 13.24 -41.53 15.12
C ALA F 251 13.15 -42.82 15.92
N VAL F 252 12.03 -43.01 16.62
CA VAL F 252 11.76 -44.27 17.31
C VAL F 252 10.40 -44.80 16.88
N GLU F 253 10.33 -46.10 16.63
CA GLU F 253 9.07 -46.74 16.26
C GLU F 253 8.16 -46.84 17.48
N ILE F 254 6.88 -46.57 17.26
CA ILE F 254 5.89 -46.62 18.32
C ILE F 254 5.49 -48.07 18.53
N THR F 255 5.68 -48.56 19.76
CA THR F 255 5.37 -49.93 20.11
C THR F 255 4.02 -50.00 20.82
N LYS F 256 3.49 -48.86 21.29
CA LYS F 256 2.29 -48.85 22.10
C LYS F 256 1.38 -47.68 21.76
N LEU F 257 0.06 -47.89 21.86
CA LEU F 257 -0.92 -46.84 21.56
C LEU F 257 -0.68 -45.62 22.43
N ASP F 258 -0.49 -45.83 23.73
CA ASP F 258 -0.44 -44.71 24.66
C ASP F 258 0.74 -43.80 24.32
N GLU F 259 1.72 -44.30 23.54
CA GLU F 259 2.83 -43.48 23.07
C GLU F 259 2.38 -42.50 22.00
N ILE F 260 1.38 -42.86 21.18
CA ILE F 260 0.83 -41.95 20.20
C ILE F 260 0.14 -40.81 20.93
N LYS F 261 -0.69 -41.18 21.92
CA LYS F 261 -1.40 -40.21 22.74
C LYS F 261 -0.42 -39.26 23.42
N ASN F 262 0.66 -39.83 23.98
CA ASN F 262 1.74 -39.05 24.57
C ASN F 262 2.16 -37.91 23.63
N ALA F 263 2.27 -38.22 22.34
CA ALA F 263 2.78 -37.29 21.35
C ALA F 263 1.76 -36.18 21.03
N LEU F 264 0.51 -36.35 21.46
CA LEU F 264 -0.54 -35.35 21.26
C LEU F 264 -0.73 -34.48 22.50
N LYS F 265 0.21 -34.50 23.44
CA LYS F 265 0.20 -33.61 24.60
C LYS F 265 1.38 -32.62 24.47
#